data_4I3P
# 
_entry.id   4I3P 
# 
_audit_conform.dict_name       mmcif_pdbx.dic 
_audit_conform.dict_version    5.379 
_audit_conform.dict_location   http://mmcif.pdb.org/dictionaries/ascii/mmcif_pdbx.dic 
# 
loop_
_database_2.database_id 
_database_2.database_code 
_database_2.pdbx_database_accession 
_database_2.pdbx_DOI 
PDB   4I3P         pdb_00004i3p 10.2210/pdb4i3p/pdb 
RCSB  RCSB076264   ?            ?                   
WWPDB D_1000076264 ?            ?                   
# 
_pdbx_database_status.entry_id                        4I3P 
_pdbx_database_status.deposit_site                    RCSB 
_pdbx_database_status.process_site                    RCSB 
_pdbx_database_status.recvd_initial_deposition_date   2012-11-26 
_pdbx_database_status.status_code                     REL 
_pdbx_database_status.status_code_sf                  REL 
_pdbx_database_status.status_code_mr                  ? 
_pdbx_database_status.SG_entry                        ? 
_pdbx_database_status.status_code_cs                  ? 
_pdbx_database_status.methods_development_category    ? 
_pdbx_database_status.pdb_format_compatible           Y 
_pdbx_database_status.status_code_nmr_data            ? 
# 
loop_
_audit_author.name 
_audit_author.pdbx_ordinal 
_audit_author.identifier_ORCID 
'Liu, F.' 1 ? 
'Liu, A.' 2 ? 
# 
_citation.id                        primary 
_citation.title                     
;1.96 angstrom x-ray crystal structure of 3-hydroxyanthranilate-3,4-dioxygenase bound with 3-aminosalicylic acid
from cupraavidus metallidurans
;
_citation.journal_abbrev            'TO BE PUBLISHED' 
_citation.journal_volume            ? 
_citation.page_first                ? 
_citation.page_last                 ? 
_citation.year                      ? 
_citation.journal_id_ASTM           ? 
_citation.country                   ? 
_citation.journal_id_ISSN           ? 
_citation.journal_id_CSD            0353 
_citation.book_publisher            ? 
_citation.pdbx_database_id_PubMed   ? 
_citation.pdbx_database_id_DOI      ? 
# 
loop_
_citation_author.citation_id 
_citation_author.name 
_citation_author.ordinal 
_citation_author.identifier_ORCID 
primary 'Liu, F.' 1 ? 
primary 'Liu, A.' 2 ? 
# 
_cell.length_a           58.823 
_cell.length_b           58.823 
_cell.length_c           231.257 
_cell.angle_alpha        90.000 
_cell.angle_beta         90.000 
_cell.angle_gamma        120.000 
_cell.entry_id           4I3P 
_cell.pdbx_unique_axis   ? 
_cell.Z_PDB              12 
_cell.length_a_esd       ? 
_cell.length_b_esd       ? 
_cell.length_c_esd       ? 
_cell.angle_alpha_esd    ? 
_cell.angle_beta_esd     ? 
_cell.angle_gamma_esd    ? 
# 
_symmetry.space_group_name_H-M             'P 65 2 2' 
_symmetry.entry_id                         4I3P 
_symmetry.pdbx_full_space_group_name_H-M   ? 
_symmetry.Int_Tables_number                179 
_symmetry.cell_setting                     ? 
_symmetry.space_group_name_Hall            ? 
# 
loop_
_entity.id 
_entity.type 
_entity.src_method 
_entity.pdbx_description 
_entity.formula_weight 
_entity.pdbx_number_of_molecules 
_entity.pdbx_ec 
_entity.pdbx_mutation 
_entity.pdbx_fragment 
_entity.details 
1 polymer     man '3-hydroxyanthranilate 3,4-dioxygenase' 20056.635 1  1.13.11.6 ? ? ? 
2 non-polymer syn 'FE (II) ION'                           55.845    2  ?         ? ? ? 
3 non-polymer syn '3-amino-2-hydroxybenzoic acid'         153.135   1  ?         ? ? ? 
4 water       nat water                                   18.015    79 ?         ? ? ? 
# 
_entity_name_com.entity_id   1 
_entity_name_com.name        '3-hydroxyanthranilate oxygenase, 3-HAO, 3-hydroxyanthranilic acid dioxygenase, HAD' 
# 
_entity_poly.entity_id                      1 
_entity_poly.type                           'polypeptide(L)' 
_entity_poly.nstd_linkage                   no 
_entity_poly.nstd_monomer                   no 
_entity_poly.pdbx_seq_one_letter_code       
;MLTYGAPFNFPRWIDEHAHLLKPPVGNRQVWQDSDFIVTVVGGPNHRTDYHDDPLEEFFYQLRGNAYLNLWVDGRRERAD
LKEGDIFLLPPHVRHSPQRPEAGSACLVIERQRPAGMLDGFEWYCDACGHLVHRVEVQLKSIVTDLPPLFESFYASEDKR
RCPHCGQVHPGRAA
;
_entity_poly.pdbx_seq_one_letter_code_can   
;MLTYGAPFNFPRWIDEHAHLLKPPVGNRQVWQDSDFIVTVVGGPNHRTDYHDDPLEEFFYQLRGNAYLNLWVDGRRERAD
LKEGDIFLLPPHVRHSPQRPEAGSACLVIERQRPAGMLDGFEWYCDACGHLVHRVEVQLKSIVTDLPPLFESFYASEDKR
RCPHCGQVHPGRAA
;
_entity_poly.pdbx_strand_id                 A 
_entity_poly.pdbx_target_identifier         ? 
# 
loop_
_entity_poly_seq.entity_id 
_entity_poly_seq.num 
_entity_poly_seq.mon_id 
_entity_poly_seq.hetero 
1 1   MET n 
1 2   LEU n 
1 3   THR n 
1 4   TYR n 
1 5   GLY n 
1 6   ALA n 
1 7   PRO n 
1 8   PHE n 
1 9   ASN n 
1 10  PHE n 
1 11  PRO n 
1 12  ARG n 
1 13  TRP n 
1 14  ILE n 
1 15  ASP n 
1 16  GLU n 
1 17  HIS n 
1 18  ALA n 
1 19  HIS n 
1 20  LEU n 
1 21  LEU n 
1 22  LYS n 
1 23  PRO n 
1 24  PRO n 
1 25  VAL n 
1 26  GLY n 
1 27  ASN n 
1 28  ARG n 
1 29  GLN n 
1 30  VAL n 
1 31  TRP n 
1 32  GLN n 
1 33  ASP n 
1 34  SER n 
1 35  ASP n 
1 36  PHE n 
1 37  ILE n 
1 38  VAL n 
1 39  THR n 
1 40  VAL n 
1 41  VAL n 
1 42  GLY n 
1 43  GLY n 
1 44  PRO n 
1 45  ASN n 
1 46  HIS n 
1 47  ARG n 
1 48  THR n 
1 49  ASP n 
1 50  TYR n 
1 51  HIS n 
1 52  ASP n 
1 53  ASP n 
1 54  PRO n 
1 55  LEU n 
1 56  GLU n 
1 57  GLU n 
1 58  PHE n 
1 59  PHE n 
1 60  TYR n 
1 61  GLN n 
1 62  LEU n 
1 63  ARG n 
1 64  GLY n 
1 65  ASN n 
1 66  ALA n 
1 67  TYR n 
1 68  LEU n 
1 69  ASN n 
1 70  LEU n 
1 71  TRP n 
1 72  VAL n 
1 73  ASP n 
1 74  GLY n 
1 75  ARG n 
1 76  ARG n 
1 77  GLU n 
1 78  ARG n 
1 79  ALA n 
1 80  ASP n 
1 81  LEU n 
1 82  LYS n 
1 83  GLU n 
1 84  GLY n 
1 85  ASP n 
1 86  ILE n 
1 87  PHE n 
1 88  LEU n 
1 89  LEU n 
1 90  PRO n 
1 91  PRO n 
1 92  HIS n 
1 93  VAL n 
1 94  ARG n 
1 95  HIS n 
1 96  SER n 
1 97  PRO n 
1 98  GLN n 
1 99  ARG n 
1 100 PRO n 
1 101 GLU n 
1 102 ALA n 
1 103 GLY n 
1 104 SER n 
1 105 ALA n 
1 106 CYS n 
1 107 LEU n 
1 108 VAL n 
1 109 ILE n 
1 110 GLU n 
1 111 ARG n 
1 112 GLN n 
1 113 ARG n 
1 114 PRO n 
1 115 ALA n 
1 116 GLY n 
1 117 MET n 
1 118 LEU n 
1 119 ASP n 
1 120 GLY n 
1 121 PHE n 
1 122 GLU n 
1 123 TRP n 
1 124 TYR n 
1 125 CYS n 
1 126 ASP n 
1 127 ALA n 
1 128 CYS n 
1 129 GLY n 
1 130 HIS n 
1 131 LEU n 
1 132 VAL n 
1 133 HIS n 
1 134 ARG n 
1 135 VAL n 
1 136 GLU n 
1 137 VAL n 
1 138 GLN n 
1 139 LEU n 
1 140 LYS n 
1 141 SER n 
1 142 ILE n 
1 143 VAL n 
1 144 THR n 
1 145 ASP n 
1 146 LEU n 
1 147 PRO n 
1 148 PRO n 
1 149 LEU n 
1 150 PHE n 
1 151 GLU n 
1 152 SER n 
1 153 PHE n 
1 154 TYR n 
1 155 ALA n 
1 156 SER n 
1 157 GLU n 
1 158 ASP n 
1 159 LYS n 
1 160 ARG n 
1 161 ARG n 
1 162 CYS n 
1 163 PRO n 
1 164 HIS n 
1 165 CYS n 
1 166 GLY n 
1 167 GLN n 
1 168 VAL n 
1 169 HIS n 
1 170 PRO n 
1 171 GLY n 
1 172 ARG n 
1 173 ALA n 
1 174 ALA n 
# 
_entity_src_gen.entity_id                          1 
_entity_src_gen.pdbx_src_id                        1 
_entity_src_gen.pdbx_alt_source_flag               sample 
_entity_src_gen.pdbx_seq_type                      ? 
_entity_src_gen.pdbx_beg_seq_num                   ? 
_entity_src_gen.pdbx_end_seq_num                   ? 
_entity_src_gen.gene_src_common_name               ? 
_entity_src_gen.gene_src_genus                     ? 
_entity_src_gen.pdbx_gene_src_gene                 'Cupriavidus metallidurans, nbaC, Rmet_5193' 
_entity_src_gen.gene_src_species                   ? 
_entity_src_gen.gene_src_strain                    'CH34 / ATCC 43123 / DSM 2839' 
_entity_src_gen.gene_src_tissue                    ? 
_entity_src_gen.gene_src_tissue_fraction           ? 
_entity_src_gen.gene_src_details                   ? 
_entity_src_gen.pdbx_gene_src_fragment             ? 
_entity_src_gen.pdbx_gene_src_scientific_name      'Cupriavidus metallidurans' 
_entity_src_gen.pdbx_gene_src_ncbi_taxonomy_id     266264 
_entity_src_gen.pdbx_gene_src_variant              ? 
_entity_src_gen.pdbx_gene_src_cell_line            ? 
_entity_src_gen.pdbx_gene_src_atcc                 ? 
_entity_src_gen.pdbx_gene_src_organ                ? 
_entity_src_gen.pdbx_gene_src_organelle            ? 
_entity_src_gen.pdbx_gene_src_cell                 ? 
_entity_src_gen.pdbx_gene_src_cellular_location    ? 
_entity_src_gen.host_org_common_name               ? 
_entity_src_gen.pdbx_host_org_scientific_name      'Escherichia coli' 
_entity_src_gen.pdbx_host_org_ncbi_taxonomy_id     511693 
_entity_src_gen.host_org_genus                     ? 
_entity_src_gen.pdbx_host_org_gene                 ? 
_entity_src_gen.pdbx_host_org_organ                ? 
_entity_src_gen.host_org_species                   ? 
_entity_src_gen.pdbx_host_org_tissue               ? 
_entity_src_gen.pdbx_host_org_tissue_fraction      ? 
_entity_src_gen.pdbx_host_org_strain               'BL21 (DH5 alpha)' 
_entity_src_gen.pdbx_host_org_variant              ? 
_entity_src_gen.pdbx_host_org_cell_line            ? 
_entity_src_gen.pdbx_host_org_atcc                 ? 
_entity_src_gen.pdbx_host_org_culture_collection   ? 
_entity_src_gen.pdbx_host_org_cell                 ? 
_entity_src_gen.pdbx_host_org_organelle            ? 
_entity_src_gen.pdbx_host_org_cellular_location    ? 
_entity_src_gen.pdbx_host_org_vector_type          plasmid 
_entity_src_gen.pdbx_host_org_vector               ? 
_entity_src_gen.host_org_details                   ? 
_entity_src_gen.expression_system_id               ? 
_entity_src_gen.plasmid_name                       ? 
_entity_src_gen.plasmid_details                    ? 
_entity_src_gen.pdbx_description                   ? 
# 
_struct_ref.id                         1 
_struct_ref.db_name                    UNP 
_struct_ref.db_code                    3HAO_RALME 
_struct_ref.pdbx_db_accession          Q1LCS4 
_struct_ref.entity_id                  1 
_struct_ref.pdbx_seq_one_letter_code   
;MLTYGAPFNFPRWIDEHAHLLKPPVGNRQVWQDSDFIVTVVGGPNHRTDYHDDPLEEFFYQLRGNAYLNLWVDGRRERAD
LKEGDIFLLPPHVRHSPQRPEAGSACLVIERQRPAGMLDGFEWYCDACGHLVHRVEVQLKSIVTDLPPLFESFYASEDKR
RCPHCGQVHPGRAA
;
_struct_ref.pdbx_align_begin           1 
_struct_ref.pdbx_db_isoform            ? 
# 
_struct_ref_seq.align_id                      1 
_struct_ref_seq.ref_id                        1 
_struct_ref_seq.pdbx_PDB_id_code              4I3P 
_struct_ref_seq.pdbx_strand_id                A 
_struct_ref_seq.seq_align_beg                 1 
_struct_ref_seq.pdbx_seq_align_beg_ins_code   ? 
_struct_ref_seq.seq_align_end                 174 
_struct_ref_seq.pdbx_seq_align_end_ins_code   ? 
_struct_ref_seq.pdbx_db_accession             Q1LCS4 
_struct_ref_seq.db_align_beg                  1 
_struct_ref_seq.pdbx_db_align_beg_ins_code    ? 
_struct_ref_seq.db_align_end                  174 
_struct_ref_seq.pdbx_db_align_end_ins_code    ? 
_struct_ref_seq.pdbx_auth_seq_align_beg       1 
_struct_ref_seq.pdbx_auth_seq_align_end       174 
# 
loop_
_chem_comp.id 
_chem_comp.type 
_chem_comp.mon_nstd_flag 
_chem_comp.name 
_chem_comp.pdbx_synonyms 
_chem_comp.formula 
_chem_comp.formula_weight 
1CW non-polymer         . '3-amino-2-hydroxybenzoic acid' ? 'C7 H7 N O3'     153.135 
ALA 'L-peptide linking' y ALANINE                         ? 'C3 H7 N O2'     89.093  
ARG 'L-peptide linking' y ARGININE                        ? 'C6 H15 N4 O2 1' 175.209 
ASN 'L-peptide linking' y ASPARAGINE                      ? 'C4 H8 N2 O3'    132.118 
ASP 'L-peptide linking' y 'ASPARTIC ACID'                 ? 'C4 H7 N O4'     133.103 
CYS 'L-peptide linking' y CYSTEINE                        ? 'C3 H7 N O2 S'   121.158 
FE2 non-polymer         . 'FE (II) ION'                   ? 'Fe 2'           55.845  
GLN 'L-peptide linking' y GLUTAMINE                       ? 'C5 H10 N2 O3'   146.144 
GLU 'L-peptide linking' y 'GLUTAMIC ACID'                 ? 'C5 H9 N O4'     147.129 
GLY 'peptide linking'   y GLYCINE                         ? 'C2 H5 N O2'     75.067  
HIS 'L-peptide linking' y HISTIDINE                       ? 'C6 H10 N3 O2 1' 156.162 
HOH non-polymer         . WATER                           ? 'H2 O'           18.015  
ILE 'L-peptide linking' y ISOLEUCINE                      ? 'C6 H13 N O2'    131.173 
LEU 'L-peptide linking' y LEUCINE                         ? 'C6 H13 N O2'    131.173 
LYS 'L-peptide linking' y LYSINE                          ? 'C6 H15 N2 O2 1' 147.195 
MET 'L-peptide linking' y METHIONINE                      ? 'C5 H11 N O2 S'  149.211 
PHE 'L-peptide linking' y PHENYLALANINE                   ? 'C9 H11 N O2'    165.189 
PRO 'L-peptide linking' y PROLINE                         ? 'C5 H9 N O2'     115.130 
SER 'L-peptide linking' y SERINE                          ? 'C3 H7 N O3'     105.093 
THR 'L-peptide linking' y THREONINE                       ? 'C4 H9 N O3'     119.119 
TRP 'L-peptide linking' y TRYPTOPHAN                      ? 'C11 H12 N2 O2'  204.225 
TYR 'L-peptide linking' y TYROSINE                        ? 'C9 H11 N O3'    181.189 
VAL 'L-peptide linking' y VALINE                          ? 'C5 H11 N O2'    117.146 
# 
_exptl.crystals_number   1 
_exptl.entry_id          4I3P 
_exptl.method            'X-RAY DIFFRACTION' 
# 
_exptl_crystal.id                    1 
_exptl_crystal.density_Matthews      2.88 
_exptl_crystal.density_meas          ? 
_exptl_crystal.density_percent_sol   57.28 
_exptl_crystal.description           ? 
_exptl_crystal.F_000                 ? 
_exptl_crystal.preparation           ? 
# 
_exptl_crystal_grow.crystal_id      1 
_exptl_crystal_grow.method          'VAPOR DIFFUSION, HANGING DROP' 
_exptl_crystal_grow.pH              9.0 
_exptl_crystal_grow.temp            291 
_exptl_crystal_grow.temp_details    ? 
_exptl_crystal_grow.pdbx_details    'PEG 8000, 0.1M Tris-HCL, pH 9.0, VAPOR DIFFUSION, HANGING DROP, temperature 291K' 
_exptl_crystal_grow.pdbx_pH_range   ? 
# 
_diffrn.id                     1 
_diffrn.ambient_temp           100 
_diffrn.ambient_temp_details   ? 
_diffrn.crystal_id             1 
# 
_diffrn_detector.diffrn_id              1 
_diffrn_detector.detector               'IMAGE PLATE' 
_diffrn_detector.type                   'MAR scanner 300 mm plate' 
_diffrn_detector.pdbx_collection_date   2012-11-11 
_diffrn_detector.details                ? 
# 
_diffrn_radiation.diffrn_id                        1 
_diffrn_radiation.wavelength_id                    1 
_diffrn_radiation.pdbx_diffrn_protocol             'SINGLE WAVELENGTH' 
_diffrn_radiation.monochromator                    ? 
_diffrn_radiation.pdbx_monochromatic_or_laue_m_l   M 
_diffrn_radiation.pdbx_scattering_type             x-ray 
# 
_diffrn_radiation_wavelength.id           1 
_diffrn_radiation_wavelength.wavelength   1.0 
_diffrn_radiation_wavelength.wt           1.0 
# 
_diffrn_source.diffrn_id                   1 
_diffrn_source.source                      SYNCHROTRON 
_diffrn_source.type                        'APS BEAMLINE 22-ID' 
_diffrn_source.pdbx_wavelength             ? 
_diffrn_source.pdbx_wavelength_list        1.0 
_diffrn_source.pdbx_synchrotron_site       APS 
_diffrn_source.pdbx_synchrotron_beamline   22-ID 
# 
_reflns.entry_id                     4I3P 
_reflns.observed_criterion_sigma_F   0.0 
_reflns.observed_criterion_sigma_I   0.0 
_reflns.d_resolution_high            1.95 
_reflns.d_resolution_low             45 
_reflns.number_all                   17980 
_reflns.number_obs                   16434 
_reflns.percent_possible_obs         91.4 
_reflns.pdbx_Rmerge_I_obs            ? 
_reflns.pdbx_Rsym_value              ? 
_reflns.pdbx_netI_over_sigmaI        ? 
_reflns.B_iso_Wilson_estimate        ? 
_reflns.pdbx_redundancy              ? 
_reflns.R_free_details               ? 
_reflns.limit_h_max                  ? 
_reflns.limit_h_min                  ? 
_reflns.limit_k_max                  ? 
_reflns.limit_k_min                  ? 
_reflns.limit_l_max                  ? 
_reflns.limit_l_min                  ? 
_reflns.observed_criterion_F_max     ? 
_reflns.observed_criterion_F_min     ? 
_reflns.pdbx_chi_squared             ? 
_reflns.pdbx_scaling_rejects         ? 
_reflns.pdbx_ordinal                 1 
_reflns.pdbx_diffrn_id               1 
# 
_reflns_shell.d_res_high             1.95 
_reflns_shell.d_res_low              1.98 
_reflns_shell.percent_possible_obs   ? 
_reflns_shell.percent_possible_all   71.3 
_reflns_shell.Rmerge_I_obs           ? 
_reflns_shell.meanI_over_sigI_obs    ? 
_reflns_shell.pdbx_Rsym_value        ? 
_reflns_shell.pdbx_redundancy        ? 
_reflns_shell.number_unique_all      ? 
_reflns_shell.number_measured_all    ? 
_reflns_shell.number_measured_obs    ? 
_reflns_shell.number_unique_obs      ? 
_reflns_shell.pdbx_chi_squared       ? 
_reflns_shell.pdbx_ordinal           1 
_reflns_shell.pdbx_diffrn_id         1 
# 
_refine.entry_id                                 4I3P 
_refine.ls_d_res_high                            1.9610 
_refine.ls_d_res_low                             34.2430 
_refine.pdbx_ls_sigma_F                          1.330 
_refine.pdbx_data_cutoff_high_absF               ? 
_refine.pdbx_data_cutoff_low_absF                ? 
_refine.ls_percent_reflns_obs                    90.6700 
_refine.ls_number_reflns_obs                     16299 
_refine.ls_number_reflns_all                     17980 
_refine.pdbx_ls_cross_valid_method               ? 
_refine.pdbx_R_Free_selection_details            Random 
_refine.details                                  ? 
_refine.ls_R_factor_all                          ? 
_refine.ls_R_factor_obs                          0.2360 
_refine.ls_R_factor_R_work                       0.2340 
_refine.ls_wR_factor_R_work                      ? 
_refine.ls_R_factor_R_free                       0.2750 
_refine.ls_wR_factor_R_free                      ? 
_refine.ls_percent_reflns_R_free                 5.0500 
_refine.ls_number_reflns_R_free                  823 
_refine.ls_R_factor_R_free_error                 ? 
_refine.B_iso_mean                               40.0385 
_refine.solvent_model_param_bsol                 38.2340 
_refine.solvent_model_param_ksol                 0.3430 
_refine.pdbx_isotropic_thermal_model             ? 
_refine.aniso_B[1][1]                            4.1887 
_refine.aniso_B[2][2]                            4.1887 
_refine.aniso_B[3][3]                            -8.3775 
_refine.aniso_B[1][2]                            0.0000 
_refine.aniso_B[1][3]                            -0.0000 
_refine.aniso_B[2][3]                            -0.0000 
_refine.correlation_coeff_Fo_to_Fc               ? 
_refine.correlation_coeff_Fo_to_Fc_free          ? 
_refine.overall_SU_R_Cruickshank_DPI             ? 
_refine.overall_SU_R_free                        ? 
_refine.pdbx_overall_ESU_R                       ? 
_refine.pdbx_overall_ESU_R_Free                  ? 
_refine.overall_SU_ML                            0.2000 
_refine.overall_SU_B                             ? 
_refine.solvent_model_details                    'FLAT BULK SOLVENT MODEL' 
_refine.pdbx_solvent_vdw_probe_radii             1.0000 
_refine.pdbx_solvent_ion_probe_radii             ? 
_refine.pdbx_solvent_shrinkage_radii             0.7300 
_refine.ls_number_parameters                     ? 
_refine.ls_number_restraints                     ? 
_refine.pdbx_starting_model                      'pdb entry 1yfu' 
_refine.pdbx_method_to_determine_struct          'MOLECULAR REPLACEMENT' 
_refine.pdbx_stereochemistry_target_values       ML 
_refine.pdbx_stereochem_target_val_spec_case     ? 
_refine.overall_FOM_work_R_set                   ? 
_refine.B_iso_max                                100.630 
_refine.B_iso_min                                22.910 
_refine.pdbx_overall_phase_error                 29.1000 
_refine.occupancy_max                            1.000 
_refine.occupancy_min                            0.440 
_refine.pdbx_ls_sigma_I                          ? 
_refine.ls_redundancy_reflns_obs                 ? 
_refine.ls_R_factor_R_free_error_details         ? 
_refine.pdbx_data_cutoff_high_rms_absF           ? 
_refine.overall_FOM_free_R_set                   ? 
_refine.pdbx_diffrn_id                           1 
_refine.pdbx_refine_id                           'X-RAY DIFFRACTION' 
_refine.pdbx_TLS_residual_ADP_flag               ? 
_refine.pdbx_overall_SU_R_free_Cruickshank_DPI   ? 
_refine.pdbx_overall_SU_R_Blow_DPI               ? 
_refine.pdbx_overall_SU_R_free_Blow_DPI          ? 
# 
_refine_hist.pdbx_refine_id                   'X-RAY DIFFRACTION' 
_refine_hist.cycle_id                         LAST 
_refine_hist.pdbx_number_atoms_protein        1409 
_refine_hist.pdbx_number_atoms_nucleic_acid   0 
_refine_hist.pdbx_number_atoms_ligand         13 
_refine_hist.number_atoms_solvent             79 
_refine_hist.number_atoms_total               1501 
_refine_hist.d_res_high                       1.9610 
_refine_hist.d_res_low                        34.2430 
# 
_refine_ls_restr.type                      f_bond_refined_d 
_refine_ls_restr.dev_ideal                 0.008 
_refine_ls_restr.dev_ideal_target          ? 
_refine_ls_restr.number                    ? 
_refine_ls_restr.weight                    ? 
_refine_ls_restr.pdbx_restraint_function   ? 
_refine_ls_restr.pdbx_refine_id            'X-RAY DIFFRACTION' 
# 
_struct.entry_id                  4I3P 
_struct.title                     
;1.96 angstrom x-ray crystal structure of 3-hydroxyanthranilate-3,4-dioxygenase bound with 3-aminosalicylic acid from cupriavidus metallidurans
;
_struct.pdbx_model_details        ? 
_struct.pdbx_CASP_flag            ? 
_struct.pdbx_model_type_details   ? 
# 
_struct_keywords.entry_id        4I3P 
_struct_keywords.pdbx_keywords   Oxioreductase/substrate 
_struct_keywords.text            'bi-cupin iron-binding, dioxygenase, Oxioreductase-substrate complex' 
# 
loop_
_struct_asym.id 
_struct_asym.pdbx_blank_PDB_chainid_flag 
_struct_asym.pdbx_modified 
_struct_asym.entity_id 
_struct_asym.details 
A N N 1 ? 
B N N 2 ? 
C N N 2 ? 
D N N 3 ? 
E N N 4 ? 
# 
loop_
_struct_conf.conf_type_id 
_struct_conf.id 
_struct_conf.pdbx_PDB_helix_id 
_struct_conf.beg_label_comp_id 
_struct_conf.beg_label_asym_id 
_struct_conf.beg_label_seq_id 
_struct_conf.pdbx_beg_PDB_ins_code 
_struct_conf.end_label_comp_id 
_struct_conf.end_label_asym_id 
_struct_conf.end_label_seq_id 
_struct_conf.pdbx_end_PDB_ins_code 
_struct_conf.beg_auth_comp_id 
_struct_conf.beg_auth_asym_id 
_struct_conf.beg_auth_seq_id 
_struct_conf.end_auth_comp_id 
_struct_conf.end_auth_asym_id 
_struct_conf.end_auth_seq_id 
_struct_conf.pdbx_PDB_helix_class 
_struct_conf.details 
_struct_conf.pdbx_PDB_helix_length 
HELX_P HELX_P1 1 ASN A 9   ? HIS A 17  ? ASN A 9   HIS A 17  1 ? 9  
HELX_P HELX_P2 2 SER A 141 ? LEU A 146 ? SER A 141 LEU A 146 1 ? 6  
HELX_P HELX_P3 3 LEU A 146 ? SER A 156 ? LEU A 146 SER A 156 1 ? 11 
# 
_struct_conf_type.id          HELX_P 
_struct_conf_type.criteria    ? 
_struct_conf_type.reference   ? 
# 
loop_
_struct_conn.id 
_struct_conn.conn_type_id 
_struct_conn.pdbx_leaving_atom_flag 
_struct_conn.pdbx_PDB_id 
_struct_conn.ptnr1_label_asym_id 
_struct_conn.ptnr1_label_comp_id 
_struct_conn.ptnr1_label_seq_id 
_struct_conn.ptnr1_label_atom_id 
_struct_conn.pdbx_ptnr1_label_alt_id 
_struct_conn.pdbx_ptnr1_PDB_ins_code 
_struct_conn.pdbx_ptnr1_standard_comp_id 
_struct_conn.ptnr1_symmetry 
_struct_conn.ptnr2_label_asym_id 
_struct_conn.ptnr2_label_comp_id 
_struct_conn.ptnr2_label_seq_id 
_struct_conn.ptnr2_label_atom_id 
_struct_conn.pdbx_ptnr2_label_alt_id 
_struct_conn.pdbx_ptnr2_PDB_ins_code 
_struct_conn.ptnr1_auth_asym_id 
_struct_conn.ptnr1_auth_comp_id 
_struct_conn.ptnr1_auth_seq_id 
_struct_conn.ptnr2_auth_asym_id 
_struct_conn.ptnr2_auth_comp_id 
_struct_conn.ptnr2_auth_seq_id 
_struct_conn.ptnr2_symmetry 
_struct_conn.pdbx_ptnr3_label_atom_id 
_struct_conn.pdbx_ptnr3_label_seq_id 
_struct_conn.pdbx_ptnr3_label_comp_id 
_struct_conn.pdbx_ptnr3_label_asym_id 
_struct_conn.pdbx_ptnr3_label_alt_id 
_struct_conn.pdbx_ptnr3_PDB_ins_code 
_struct_conn.details 
_struct_conn.pdbx_dist_value 
_struct_conn.pdbx_value_order 
_struct_conn.pdbx_role 
metalc1 metalc ? ? A HIS 51  ND1 ? ? ? 1_555 B FE2 . FE ? ? A HIS 51  A FE2 201 1_555 ? ? ? ? ? ? ? 2.320 ? ? 
metalc2 metalc ? ? A GLU 57  OE2 ? ? ? 1_555 B FE2 . FE ? ? A GLU 57  A FE2 201 1_555 ? ? ? ? ? ? ? 2.296 ? ? 
metalc3 metalc ? ? A GLU 57  OE1 ? ? ? 1_555 B FE2 . FE ? ? A GLU 57  A FE2 201 1_555 ? ? ? ? ? ? ? 2.608 ? ? 
metalc4 metalc ? ? A HIS 95  NE2 ? ? ? 1_555 B FE2 . FE ? ? A HIS 95  A FE2 201 1_555 ? ? ? ? ? ? ? 2.180 ? ? 
metalc5 metalc ? ? A CYS 125 SG  ? ? ? 1_555 C FE2 . FE ? ? A CYS 125 A FE2 202 1_555 ? ? ? ? ? ? ? 2.602 ? ? 
metalc6 metalc ? ? A CYS 128 SG  ? ? ? 1_555 C FE2 . FE ? ? A CYS 128 A FE2 202 1_555 ? ? ? ? ? ? ? 2.576 ? ? 
metalc7 metalc ? ? A CYS 162 SG  ? ? ? 1_555 C FE2 . FE ? ? A CYS 162 A FE2 202 1_555 ? ? ? ? ? ? ? 2.516 ? ? 
metalc8 metalc ? ? A CYS 165 SG  ? ? ? 1_555 C FE2 . FE ? ? A CYS 165 A FE2 202 1_555 ? ? ? ? ? ? ? 2.533 ? ? 
# 
_struct_conn_type.id          metalc 
_struct_conn_type.criteria    ? 
_struct_conn_type.reference   ? 
# 
loop_
_struct_mon_prot_cis.pdbx_id 
_struct_mon_prot_cis.label_comp_id 
_struct_mon_prot_cis.label_seq_id 
_struct_mon_prot_cis.label_asym_id 
_struct_mon_prot_cis.label_alt_id 
_struct_mon_prot_cis.pdbx_PDB_ins_code 
_struct_mon_prot_cis.auth_comp_id 
_struct_mon_prot_cis.auth_seq_id 
_struct_mon_prot_cis.auth_asym_id 
_struct_mon_prot_cis.pdbx_label_comp_id_2 
_struct_mon_prot_cis.pdbx_label_seq_id_2 
_struct_mon_prot_cis.pdbx_label_asym_id_2 
_struct_mon_prot_cis.pdbx_PDB_ins_code_2 
_struct_mon_prot_cis.pdbx_auth_comp_id_2 
_struct_mon_prot_cis.pdbx_auth_seq_id_2 
_struct_mon_prot_cis.pdbx_auth_asym_id_2 
_struct_mon_prot_cis.pdbx_PDB_model_num 
_struct_mon_prot_cis.pdbx_omega_angle 
1 PRO 23 A . ? PRO 23 A PRO 24 A ? PRO 24 A 1 4.47  
2 GLY 43 A . ? GLY 43 A PRO 44 A ? PRO 44 A 1 -3.63 
# 
loop_
_struct_sheet.id 
_struct_sheet.type 
_struct_sheet.number_strands 
_struct_sheet.details 
A ? 5 ? 
B ? 3 ? 
C ? 3 ? 
# 
loop_
_struct_sheet_order.sheet_id 
_struct_sheet_order.range_id_1 
_struct_sheet_order.range_id_2 
_struct_sheet_order.offset 
_struct_sheet_order.sense 
A 1 2 ? anti-parallel 
A 2 3 ? anti-parallel 
A 3 4 ? anti-parallel 
A 4 5 ? anti-parallel 
B 1 2 ? anti-parallel 
B 2 3 ? anti-parallel 
C 1 2 ? anti-parallel 
C 2 3 ? anti-parallel 
# 
loop_
_struct_sheet_range.sheet_id 
_struct_sheet_range.id 
_struct_sheet_range.beg_label_comp_id 
_struct_sheet_range.beg_label_asym_id 
_struct_sheet_range.beg_label_seq_id 
_struct_sheet_range.pdbx_beg_PDB_ins_code 
_struct_sheet_range.end_label_comp_id 
_struct_sheet_range.end_label_asym_id 
_struct_sheet_range.end_label_seq_id 
_struct_sheet_range.pdbx_end_PDB_ins_code 
_struct_sheet_range.beg_auth_comp_id 
_struct_sheet_range.beg_auth_asym_id 
_struct_sheet_range.beg_auth_seq_id 
_struct_sheet_range.end_auth_comp_id 
_struct_sheet_range.end_auth_asym_id 
_struct_sheet_range.end_auth_seq_id 
A 1 ASN A 27  ? GLN A 29  ? ASN A 27  GLN A 29  
A 2 PHE A 36  ? VAL A 41  ? PHE A 36  VAL A 41  
A 3 ALA A 105 ? ARG A 111 ? ALA A 105 ARG A 111 
A 4 GLU A 57  ? ARG A 63  ? GLU A 57  ARG A 63  
A 5 ILE A 86  ? LEU A 89  ? ILE A 86  LEU A 89  
B 1 TYR A 50  ? ASP A 52  ? TYR A 50  ASP A 52  
B 2 ASP A 119 ? TYR A 124 ? ASP A 119 TYR A 124 
B 3 LEU A 131 ? VAL A 137 ? LEU A 131 VAL A 137 
C 1 ARG A 75  ? LEU A 81  ? ARG A 75  LEU A 81  
C 2 ALA A 66  ? VAL A 72  ? ALA A 66  VAL A 72  
C 3 HIS A 95  ? GLN A 98  ? HIS A 95  GLN A 98  
# 
loop_
_pdbx_struct_sheet_hbond.sheet_id 
_pdbx_struct_sheet_hbond.range_id_1 
_pdbx_struct_sheet_hbond.range_id_2 
_pdbx_struct_sheet_hbond.range_1_label_atom_id 
_pdbx_struct_sheet_hbond.range_1_label_comp_id 
_pdbx_struct_sheet_hbond.range_1_label_asym_id 
_pdbx_struct_sheet_hbond.range_1_label_seq_id 
_pdbx_struct_sheet_hbond.range_1_PDB_ins_code 
_pdbx_struct_sheet_hbond.range_1_auth_atom_id 
_pdbx_struct_sheet_hbond.range_1_auth_comp_id 
_pdbx_struct_sheet_hbond.range_1_auth_asym_id 
_pdbx_struct_sheet_hbond.range_1_auth_seq_id 
_pdbx_struct_sheet_hbond.range_2_label_atom_id 
_pdbx_struct_sheet_hbond.range_2_label_comp_id 
_pdbx_struct_sheet_hbond.range_2_label_asym_id 
_pdbx_struct_sheet_hbond.range_2_label_seq_id 
_pdbx_struct_sheet_hbond.range_2_PDB_ins_code 
_pdbx_struct_sheet_hbond.range_2_auth_atom_id 
_pdbx_struct_sheet_hbond.range_2_auth_comp_id 
_pdbx_struct_sheet_hbond.range_2_auth_asym_id 
_pdbx_struct_sheet_hbond.range_2_auth_seq_id 
A 1 2 N ARG A 28  ? N ARG A 28  O VAL A 40  ? O VAL A 40  
A 2 3 N THR A 39  ? N THR A 39  O VAL A 108 ? O VAL A 108 
A 3 4 O LEU A 107 ? O LEU A 107 N TYR A 60  ? N TYR A 60  
A 4 5 N PHE A 59  ? N PHE A 59  O PHE A 87  ? O PHE A 87  
B 1 2 N TYR A 50  ? N TYR A 50  O GLU A 122 ? O GLU A 122 
B 2 3 N TRP A 123 ? N TRP A 123 O VAL A 132 ? O VAL A 132 
C 1 2 O GLU A 77  ? O GLU A 77  N LEU A 70  ? N LEU A 70  
C 2 3 N TYR A 67  ? N TYR A 67  O GLN A 98  ? O GLN A 98  
# 
loop_
_struct_site.id 
_struct_site.pdbx_evidence_code 
_struct_site.pdbx_auth_asym_id 
_struct_site.pdbx_auth_comp_id 
_struct_site.pdbx_auth_seq_id 
_struct_site.pdbx_auth_ins_code 
_struct_site.pdbx_num_residues 
_struct_site.details 
AC1 Software ? ?   ?   ? 4  'BINDING SITE FOR RESIDUE FE A 201'  
AC2 Software ? ?   ?   ? 4  'BINDING SITE FOR RESIDUE FE A 202'  
AC3 Software A 1CW 203 ? 10 'BINDING SITE FOR RESIDUE 1CW A 203' 
# 
loop_
_struct_site_gen.id 
_struct_site_gen.site_id 
_struct_site_gen.pdbx_num_res 
_struct_site_gen.label_comp_id 
_struct_site_gen.label_asym_id 
_struct_site_gen.label_seq_id 
_struct_site_gen.pdbx_auth_ins_code 
_struct_site_gen.auth_comp_id 
_struct_site_gen.auth_asym_id 
_struct_site_gen.auth_seq_id 
_struct_site_gen.label_atom_id 
_struct_site_gen.label_alt_id 
_struct_site_gen.symmetry 
_struct_site_gen.details 
1  AC1 4  HIS A 51  ? HIS A 51  . ? 1_555 ? 
2  AC1 4  GLU A 57  ? GLU A 57  . ? 1_555 ? 
3  AC1 4  HIS A 95  ? HIS A 95  . ? 1_555 ? 
4  AC1 4  1CW D .   ? 1CW A 203 . ? 1_555 ? 
5  AC2 4  CYS A 125 ? CYS A 125 . ? 1_555 ? 
6  AC2 4  CYS A 128 ? CYS A 128 . ? 1_555 ? 
7  AC2 4  CYS A 162 ? CYS A 162 . ? 1_555 ? 
8  AC2 4  CYS A 165 ? CYS A 165 . ? 1_555 ? 
9  AC3 10 VAL A 41  ? VAL A 41  . ? 1_555 ? 
10 AC3 10 ARG A 47  ? ARG A 47  . ? 1_555 ? 
11 AC3 10 HIS A 51  ? HIS A 51  . ? 1_555 ? 
12 AC3 10 GLU A 57  ? GLU A 57  . ? 1_555 ? 
13 AC3 10 PHE A 59  ? PHE A 59  . ? 1_555 ? 
14 AC3 10 PRO A 97  ? PRO A 97  . ? 1_555 ? 
15 AC3 10 ARG A 99  ? ARG A 99  . ? 1_555 ? 
16 AC3 10 VAL A 108 ? VAL A 108 . ? 1_555 ? 
17 AC3 10 GLU A 110 ? GLU A 110 . ? 1_555 ? 
18 AC3 10 FE2 B .   ? FE2 A 201 . ? 1_555 ? 
# 
_atom_sites.entry_id                    4I3P 
_atom_sites.fract_transf_matrix[1][1]   0.01685090 
_atom_sites.fract_transf_matrix[1][2]   -0.00550384 
_atom_sites.fract_transf_matrix[1][3]   0.00843145 
_atom_sites.fract_transf_matrix[2][1]   0.00411193 
_atom_sites.fract_transf_matrix[2][2]   0.00567368 
_atom_sites.fract_transf_matrix[2][3]   0.01833680 
_atom_sites.fract_transf_matrix[3][1]   -0.00192754 
_atom_sites.fract_transf_matrix[3][2]   -0.00355449 
_atom_sites.fract_transf_matrix[3][3]   0.00153205 
_atom_sites.fract_transf_vector[1]      -0.394753 
_atom_sites.fract_transf_vector[2]      -0.470149 
_atom_sites.fract_transf_vector[3]      0.017489 
# 
loop_
_atom_type.symbol 
C  
FE 
N  
O  
S  
# 
loop_
_atom_site.group_PDB 
_atom_site.id 
_atom_site.type_symbol 
_atom_site.label_atom_id 
_atom_site.label_alt_id 
_atom_site.label_comp_id 
_atom_site.label_asym_id 
_atom_site.label_entity_id 
_atom_site.label_seq_id 
_atom_site.pdbx_PDB_ins_code 
_atom_site.Cartn_x 
_atom_site.Cartn_y 
_atom_site.Cartn_z 
_atom_site.occupancy 
_atom_site.B_iso_or_equiv 
_atom_site.pdbx_formal_charge 
_atom_site.auth_seq_id 
_atom_site.auth_comp_id 
_atom_site.auth_asym_id 
_atom_site.auth_atom_id 
_atom_site.pdbx_PDB_model_num 
ATOM   1    N  N   . MET A 1 1   ? -27.902 -14.984 -7.420  1.00 56.09  ? 1   MET A N   1 
ATOM   2    C  CA  . MET A 1 1   ? -27.063 -15.075 -8.617  1.00 58.27  ? 1   MET A CA  1 
ATOM   3    C  C   . MET A 1 1   ? -25.580 -14.848 -8.315  1.00 48.38  ? 1   MET A C   1 
ATOM   4    O  O   . MET A 1 1   ? -25.239 -14.195 -7.317  1.00 41.10  ? 1   MET A O   1 
ATOM   5    C  CB  . MET A 1 1   ? -27.544 -14.101 -9.702  1.00 61.02  ? 1   MET A CB  1 
ATOM   6    C  CG  . MET A 1 1   ? -28.824 -14.557 -10.419 1.00 72.42  ? 1   MET A CG  1 
ATOM   7    S  SD  . MET A 1 1   ? -29.399 -13.454 -11.736 1.00 100.63 ? 1   MET A SD  1 
ATOM   8    C  CE  . MET A 1 1   ? -30.972 -14.224 -12.151 1.00 85.38  ? 1   MET A CE  1 
ATOM   9    N  N   . LEU A 1 2   ? -24.716 -15.397 -9.179  1.00 50.90  ? 2   LEU A N   1 
ATOM   10   C  CA  . LEU A 1 2   ? -23.258 -15.273 -9.046  1.00 38.65  ? 2   LEU A CA  1 
ATOM   11   C  C   . LEU A 1 2   ? -22.781 -13.915 -9.528  1.00 40.70  ? 2   LEU A C   1 
ATOM   12   O  O   . LEU A 1 2   ? -22.247 -13.771 -10.635 1.00 36.86  ? 2   LEU A O   1 
ATOM   13   C  CB  . LEU A 1 2   ? -22.529 -16.385 -9.797  1.00 40.08  ? 2   LEU A CB  1 
ATOM   14   C  CG  . LEU A 1 2   ? -22.737 -17.788 -9.243  1.00 39.51  ? 2   LEU A CG  1 
ATOM   15   C  CD1 . LEU A 1 2   ? -21.642 -18.743 -9.704  1.00 39.78  ? 2   LEU A CD1 1 
ATOM   16   C  CD2 . LEU A 1 2   ? -22.797 -17.744 -7.738  1.00 41.78  ? 2   LEU A CD2 1 
ATOM   17   N  N   . THR A 1 3   ? -22.973 -12.925 -8.666  1.00 39.68  ? 3   THR A N   1 
ATOM   18   C  CA  . THR A 1 3   ? -22.639 -11.531 -8.951  1.00 41.68  ? 3   THR A CA  1 
ATOM   19   C  C   . THR A 1 3   ? -21.196 -11.303 -9.409  1.00 42.07  ? 3   THR A C   1 
ATOM   20   O  O   . THR A 1 3   ? -20.932 -10.407 -10.223 1.00 42.60  ? 3   THR A O   1 
ATOM   21   C  CB  . THR A 1 3   ? -22.941 -10.664 -7.715  1.00 40.21  ? 3   THR A CB  1 
ATOM   22   O  OG1 . THR A 1 3   ? -24.234 -11.009 -7.200  1.00 43.14  ? 3   THR A OG1 1 
ATOM   23   C  CG2 . THR A 1 3   ? -22.919 -9.187  -8.062  1.00 46.35  ? 3   THR A CG2 1 
ATOM   24   N  N   . TYR A 1 4   ? -20.268 -12.112 -8.895  1.00 39.10  ? 4   TYR A N   1 
ATOM   25   C  CA  . TYR A 1 4   ? -18.851 -11.918 -9.179  1.00 41.28  ? 4   TYR A CA  1 
ATOM   26   C  C   . TYR A 1 4   ? -18.329 -12.920 -10.202 1.00 40.25  ? 4   TYR A C   1 
ATOM   27   O  O   . TYR A 1 4   ? -17.120 -13.014 -10.432 1.00 41.15  ? 4   TYR A O   1 
ATOM   28   C  CB  . TYR A 1 4   ? -18.034 -11.977 -7.884  1.00 37.66  ? 4   TYR A CB  1 
ATOM   29   C  CG  . TYR A 1 4   ? -18.563 -11.048 -6.822  1.00 39.69  ? 4   TYR A CG  1 
ATOM   30   C  CD1 . TYR A 1 4   ? -18.511 -9.668  -6.979  1.00 39.26  ? 4   TYR A CD1 1 
ATOM   31   C  CD2 . TYR A 1 4   ? -19.106 -11.548 -5.660  1.00 35.56  ? 4   TYR A CD2 1 
ATOM   32   C  CE1 . TYR A 1 4   ? -19.007 -8.826  -6.007  1.00 40.53  ? 4   TYR A CE1 1 
ATOM   33   C  CE2 . TYR A 1 4   ? -19.594 -10.719 -4.689  1.00 36.42  ? 4   TYR A CE2 1 
ATOM   34   C  CZ  . TYR A 1 4   ? -19.545 -9.370  -4.861  1.00 41.51  ? 4   TYR A CZ  1 
ATOM   35   O  OH  . TYR A 1 4   ? -20.045 -8.570  -3.864  1.00 44.90  ? 4   TYR A OH  1 
ATOM   36   N  N   . GLY A 1 5   ? -19.253 -13.646 -10.827 1.00 38.44  ? 5   GLY A N   1 
ATOM   37   C  CA  . GLY A 1 5   ? -18.907 -14.602 -11.860 1.00 37.20  ? 5   GLY A CA  1 
ATOM   38   C  C   . GLY A 1 5   ? -18.466 -15.955 -11.329 1.00 38.21  ? 5   GLY A C   1 
ATOM   39   O  O   . GLY A 1 5   ? -18.406 -16.196 -10.114 1.00 34.99  ? 5   GLY A O   1 
ATOM   40   N  N   . ALA A 1 6   ? -18.135 -16.839 -12.263 1.00 37.99  ? 6   ALA A N   1 
ATOM   41   C  CA  . ALA A 1 6   ? -17.742 -18.199 -11.942 1.00 39.75  ? 6   ALA A CA  1 
ATOM   42   C  C   . ALA A 1 6   ? -16.292 -18.221 -11.468 1.00 37.49  ? 6   ALA A C   1 
ATOM   43   O  O   . ALA A 1 6   ? -15.568 -17.222 -11.629 1.00 37.37  ? 6   ALA A O   1 
ATOM   44   C  CB  . ALA A 1 6   ? -17.941 -19.101 -13.172 1.00 39.49  ? 6   ALA A CB  1 
ATOM   45   N  N   . PRO A 1 7   ? -15.858 -19.351 -10.877 1.00 35.16  ? 7   PRO A N   1 
ATOM   46   C  CA  . PRO A 1 7   ? -14.432 -19.476 -10.572 1.00 31.40  ? 7   PRO A CA  1 
ATOM   47   C  C   . PRO A 1 7   ? -13.596 -19.360 -11.851 1.00 39.21  ? 7   PRO A C   1 
ATOM   48   O  O   . PRO A 1 7   ? -14.114 -19.604 -12.943 1.00 37.70  ? 7   PRO A O   1 
ATOM   49   C  CB  . PRO A 1 7   ? -14.315 -20.887 -10.024 1.00 33.81  ? 7   PRO A CB  1 
ATOM   50   C  CG  . PRO A 1 7   ? -15.701 -21.185 -9.461  1.00 32.12  ? 7   PRO A CG  1 
ATOM   51   C  CD  . PRO A 1 7   ? -16.628 -20.528 -10.426 1.00 35.18  ? 7   PRO A CD  1 
ATOM   52   N  N   . PHE A 1 8   ? -12.326 -18.995 -11.717 1.00 31.68  ? 8   PHE A N   1 
ATOM   53   C  CA  . PHE A 1 8   ? -11.431 -18.920 -12.874 1.00 35.83  ? 8   PHE A CA  1 
ATOM   54   C  C   . PHE A 1 8   ? -9.988  -19.169 -12.443 1.00 34.16  ? 8   PHE A C   1 
ATOM   55   O  O   . PHE A 1 8   ? -9.651  -19.012 -11.263 1.00 32.65  ? 8   PHE A O   1 
ATOM   56   C  CB  . PHE A 1 8   ? -11.565 -17.567 -13.589 1.00 34.42  ? 8   PHE A CB  1 
ATOM   57   C  CG  . PHE A 1 8   ? -11.271 -16.380 -12.703 1.00 36.30  ? 8   PHE A CG  1 
ATOM   58   C  CD1 . PHE A 1 8   ? -9.979  -15.871 -12.603 1.00 37.17  ? 8   PHE A CD1 1 
ATOM   59   C  CD2 . PHE A 1 8   ? -12.283 -15.782 -11.960 1.00 34.69  ? 8   PHE A CD2 1 
ATOM   60   C  CE1 . PHE A 1 8   ? -9.700  -14.785 -11.790 1.00 35.58  ? 8   PHE A CE1 1 
ATOM   61   C  CE2 . PHE A 1 8   ? -12.011 -14.693 -11.135 1.00 36.81  ? 8   PHE A CE2 1 
ATOM   62   C  CZ  . PHE A 1 8   ? -10.724 -14.193 -11.058 1.00 34.40  ? 8   PHE A CZ  1 
ATOM   63   N  N   . ASN A 1 9   ? -9.141  -19.559 -13.391 1.00 36.42  ? 9   ASN A N   1 
ATOM   64   C  CA  . ASN A 1 9   ? -7.766  -19.916 -13.066 1.00 34.81  ? 9   ASN A CA  1 
ATOM   65   C  C   . ASN A 1 9   ? -6.909  -18.691 -12.707 1.00 33.45  ? 9   ASN A C   1 
ATOM   66   O  O   . ASN A 1 9   ? -6.746  -17.779 -13.517 1.00 32.98  ? 9   ASN A O   1 
ATOM   67   C  CB  . ASN A 1 9   ? -7.142  -20.704 -14.214 1.00 34.93  ? 9   ASN A CB  1 
ATOM   68   C  CG  . ASN A 1 9   ? -5.780  -21.258 -13.855 1.00 40.39  ? 9   ASN A CG  1 
ATOM   69   O  OD1 . ASN A 1 9   ? -4.761  -20.599 -14.070 1.00 41.29  ? 9   ASN A OD1 1 
ATOM   70   N  ND2 . ASN A 1 9   ? -5.752  -22.465 -13.295 1.00 37.69  ? 9   ASN A ND2 1 
ATOM   71   N  N   . PHE A 1 10  ? -6.363  -18.671 -11.497 1.00 32.28  ? 10  PHE A N   1 
ATOM   72   C  CA  . PHE A 1 10  ? -5.662  -17.483 -10.999 1.00 34.80  ? 10  PHE A CA  1 
ATOM   73   C  C   . PHE A 1 10  ? -4.334  -17.191 -11.728 1.00 35.27  ? 10  PHE A C   1 
ATOM   74   O  O   . PHE A 1 10  ? -4.112  -16.049 -12.152 1.00 37.95  ? 10  PHE A O   1 
ATOM   75   C  CB  . PHE A 1 10  ? -5.474  -17.580 -9.476  1.00 32.89  ? 10  PHE A CB  1 
ATOM   76   C  CG  . PHE A 1 10  ? -5.185  -16.265 -8.798  1.00 36.33  ? 10  PHE A CG  1 
ATOM   77   C  CD1 . PHE A 1 10  ? -5.468  -15.054 -9.423  1.00 33.00  ? 10  PHE A CD1 1 
ATOM   78   C  CD2 . PHE A 1 10  ? -4.627  -16.246 -7.524  1.00 37.66  ? 10  PHE A CD2 1 
ATOM   79   C  CE1 . PHE A 1 10  ? -5.201  -13.852 -8.796  1.00 34.75  ? 10  PHE A CE1 1 
ATOM   80   C  CE2 . PHE A 1 10  ? -4.357  -15.046 -6.881  1.00 34.90  ? 10  PHE A CE2 1 
ATOM   81   C  CZ  . PHE A 1 10  ? -4.646  -13.842 -7.525  1.00 34.80  ? 10  PHE A CZ  1 
ATOM   82   N  N   . PRO A 1 11  ? -3.442  -18.204 -11.860 1.00 39.03  ? 11  PRO A N   1 
ATOM   83   C  CA  . PRO A 1 11  ? -2.177  -17.980 -12.578 1.00 37.30  ? 11  PRO A CA  1 
ATOM   84   C  C   . PRO A 1 11  ? -2.381  -17.419 -13.979 1.00 40.56  ? 11  PRO A C   1 
ATOM   85   O  O   . PRO A 1 11  ? -1.626  -16.547 -14.401 1.00 37.26  ? 11  PRO A O   1 
ATOM   86   C  CB  . PRO A 1 11  ? -1.584  -19.386 -12.682 1.00 41.39  ? 11  PRO A CB  1 
ATOM   87   C  CG  . PRO A 1 11  ? -2.118  -20.102 -11.472 1.00 40.06  ? 11  PRO A CG  1 
ATOM   88   C  CD  . PRO A 1 11  ? -3.499  -19.560 -11.272 1.00 35.62  ? 11  PRO A CD  1 
ATOM   89   N  N   . ARG A 1 12  ? -3.393  -17.918 -14.684 1.00 41.14  ? 12  ARG A N   1 
ATOM   90   C  CA  . ARG A 1 12  ? -3.723  -17.404 -16.010 1.00 45.36  ? 12  ARG A CA  1 
ATOM   91   C  C   . ARG A 1 12  ? -4.195  -15.950 -15.958 1.00 42.45  ? 12  ARG A C   1 
ATOM   92   O  O   . ARG A 1 12  ? -3.742  -15.130 -16.749 1.00 39.64  ? 12  ARG A O   1 
ATOM   93   C  CB  . ARG A 1 12  ? -4.763  -18.294 -16.693 1.00 44.14  ? 12  ARG A CB  1 
ATOM   94   C  CG  . ARG A 1 12  ? -4.313  -18.887 -18.027 1.00 52.60  ? 12  ARG A CG  1 
ATOM   95   C  CD  . ARG A 1 12  ? -5.377  -19.819 -18.624 1.00 55.71  ? 12  ARG A CD  1 
ATOM   96   N  NE  . ARG A 1 12  ? -5.756  -20.910 -17.719 1.00 57.21  ? 12  ARG A NE  1 
ATOM   97   C  CZ  . ARG A 1 12  ? -5.209  -22.126 -17.722 1.00 58.98  ? 12  ARG A CZ  1 
ATOM   98   N  NH1 . ARG A 1 12  ? -4.247  -22.422 -18.591 1.00 61.62  ? 12  ARG A NH1 1 
ATOM   99   N  NH2 . ARG A 1 12  ? -5.627  -23.052 -16.859 1.00 51.46  ? 12  ARG A NH2 1 
ATOM   100  N  N   . TRP A 1 13  ? -5.087  -15.626 -15.023 1.00 37.23  ? 13  TRP A N   1 
ATOM   101  C  CA  . TRP A 1 13  ? -5.522  -14.236 -14.847 1.00 38.64  ? 13  TRP A CA  1 
ATOM   102  C  C   . TRP A 1 13  ? -4.324  -13.300 -14.650 1.00 40.39  ? 13  TRP A C   1 
ATOM   103  O  O   . TRP A 1 13  ? -4.248  -12.219 -15.262 1.00 38.38  ? 13  TRP A O   1 
ATOM   104  C  CB  . TRP A 1 13  ? -6.474  -14.131 -13.654 1.00 35.85  ? 13  TRP A CB  1 
ATOM   105  C  CG  . TRP A 1 13  ? -7.100  -12.756 -13.462 1.00 37.95  ? 13  TRP A CG  1 
ATOM   106  C  CD1 . TRP A 1 13  ? -8.304  -12.322 -13.963 1.00 35.12  ? 13  TRP A CD1 1 
ATOM   107  C  CD2 . TRP A 1 13  ? -6.569  -11.657 -12.698 1.00 36.62  ? 13  TRP A CD2 1 
ATOM   108  N  NE1 . TRP A 1 13  ? -8.544  -11.028 -13.561 1.00 36.15  ? 13  TRP A NE1 1 
ATOM   109  C  CE2 . TRP A 1 13  ? -7.500  -10.597 -12.781 1.00 37.73  ? 13  TRP A CE2 1 
ATOM   110  C  CE3 . TRP A 1 13  ? -5.400  -11.469 -11.954 1.00 36.65  ? 13  TRP A CE3 1 
ATOM   111  C  CZ2 . TRP A 1 13  ? -7.290  -9.361  -12.155 1.00 36.65  ? 13  TRP A CZ2 1 
ATOM   112  C  CZ3 . TRP A 1 13  ? -5.195  -10.240 -11.328 1.00 37.62  ? 13  TRP A CZ3 1 
ATOM   113  C  CH2 . TRP A 1 13  ? -6.135  -9.206  -11.434 1.00 36.10  ? 13  TRP A CH2 1 
ATOM   114  N  N   . ILE A 1 14  ? -3.385  -13.723 -13.805 1.00 34.75  ? 14  ILE A N   1 
ATOM   115  C  CA  . ILE A 1 14  ? -2.201  -12.914 -13.495 1.00 37.35  ? 14  ILE A CA  1 
ATOM   116  C  C   . ILE A 1 14  ? -1.340  -12.672 -14.746 1.00 39.89  ? 14  ILE A C   1 
ATOM   117  O  O   . ILE A 1 14  ? -0.909  -11.537 -15.015 1.00 39.07  ? 14  ILE A O   1 
ATOM   118  C  CB  . ILE A 1 14  ? -1.365  -13.569 -12.375 1.00 35.59  ? 14  ILE A CB  1 
ATOM   119  C  CG1 . ILE A 1 14  ? -2.170  -13.605 -11.069 1.00 31.24  ? 14  ILE A CG1 1 
ATOM   120  C  CG2 . ILE A 1 14  ? -0.068  -12.802 -12.136 1.00 39.32  ? 14  ILE A CG2 1 
ATOM   121  C  CD1 . ILE A 1 14  ? -1.401  -14.163 -9.870  1.00 33.37  ? 14  ILE A CD1 1 
ATOM   122  N  N   . ASP A 1 15  ? -1.094  -13.737 -15.503 1.00 40.37  ? 15  ASP A N   1 
ATOM   123  C  CA  . ASP A 1 15  ? -0.303  -13.651 -16.725 1.00 46.90  ? 15  ASP A CA  1 
ATOM   124  C  C   . ASP A 1 15  ? -0.983  -12.752 -17.756 1.00 47.35  ? 15  ASP A C   1 
ATOM   125  O  O   . ASP A 1 15  ? -0.328  -11.931 -18.405 1.00 49.11  ? 15  ASP A O   1 
ATOM   126  C  CB  . ASP A 1 15  ? -0.049  -15.053 -17.295 1.00 44.57  ? 15  ASP A CB  1 
ATOM   127  C  CG  . ASP A 1 15  ? 0.798   -15.912 -16.368 1.00 48.41  ? 15  ASP A CG  1 
ATOM   128  O  OD1 . ASP A 1 15  ? 1.588   -15.339 -15.598 1.00 49.97  ? 15  ASP A OD1 1 
ATOM   129  O  OD2 . ASP A 1 15  ? 0.676   -17.157 -16.407 1.00 52.11  ? 15  ASP A OD2 1 
ATOM   130  N  N   . GLU A 1 16  ? -2.298  -12.885 -17.887 1.00 42.28  ? 16  GLU A N   1 
ATOM   131  C  CA  . GLU A 1 16  ? -3.053  -12.042 -18.813 1.00 44.64  ? 16  GLU A CA  1 
ATOM   132  C  C   . GLU A 1 16  ? -3.065  -10.571 -18.404 1.00 47.25  ? 16  GLU A C   1 
ATOM   133  O  O   . GLU A 1 16  ? -3.246  -9.691  -19.251 1.00 43.43  ? 16  GLU A O   1 
ATOM   134  C  CB  . GLU A 1 16  ? -4.476  -12.576 -18.997 1.00 46.01  ? 16  GLU A CB  1 
ATOM   135  C  CG  . GLU A 1 16  ? -4.499  -13.962 -19.638 1.00 52.42  ? 16  GLU A CG  1 
ATOM   136  C  CD  . GLU A 1 16  ? -5.898  -14.516 -19.836 1.00 64.10  ? 16  GLU A CD  1 
ATOM   137  O  OE1 . GLU A 1 16  ? -6.814  -14.134 -19.068 1.00 63.12  ? 16  GLU A OE1 1 
ATOM   138  O  OE2 . GLU A 1 16  ? -6.078  -15.340 -20.765 1.00 62.89  ? 16  GLU A OE2 1 
ATOM   139  N  N   . HIS A 1 17  ? -2.865  -10.302 -17.113 1.00 41.83  ? 17  HIS A N   1 
ATOM   140  C  CA  . HIS A 1 17  ? -2.869  -8.922  -16.617 1.00 43.39  ? 17  HIS A CA  1 
ATOM   141  C  C   . HIS A 1 17  ? -1.462  -8.427  -16.255 1.00 40.43  ? 17  HIS A C   1 
ATOM   142  O  O   . HIS A 1 17  ? -1.320  -7.410  -15.596 1.00 39.57  ? 17  HIS A O   1 
ATOM   143  C  CB  . HIS A 1 17  ? -3.807  -8.777  -15.408 1.00 40.86  ? 17  HIS A CB  1 
ATOM   144  C  CG  . HIS A 1 17  ? -5.252  -9.039  -15.723 1.00 43.92  ? 17  HIS A CG  1 
ATOM   145  N  ND1 . HIS A 1 17  ? -5.765  -10.312 -15.874 1.00 41.56  ? 17  HIS A ND1 1 
ATOM   146  C  CD2 . HIS A 1 17  ? -6.292  -8.190  -15.909 1.00 45.03  ? 17  HIS A CD2 1 
ATOM   147  C  CE1 . HIS A 1 17  ? -7.056  -10.234 -16.152 1.00 44.55  ? 17  HIS A CE1 1 
ATOM   148  N  NE2 . HIS A 1 17  ? -7.402  -8.959  -16.175 1.00 45.54  ? 17  HIS A NE2 1 
ATOM   149  N  N   . ALA A 1 18  ? -0.433  -9.145  -16.703 1.00 38.09  ? 18  ALA A N   1 
ATOM   150  C  CA  . ALA A 1 18  ? 0.959   -8.846  -16.352 1.00 42.19  ? 18  ALA A CA  1 
ATOM   151  C  C   . ALA A 1 18  ? 1.432   -7.435  -16.761 1.00 36.73  ? 18  ALA A C   1 
ATOM   152  O  O   . ALA A 1 18  ? 2.259   -6.833  -16.078 1.00 37.25  ? 18  ALA A O   1 
ATOM   153  C  CB  . ALA A 1 18  ? 1.889   -9.917  -16.928 1.00 37.15  ? 18  ALA A CB  1 
ATOM   154  N  N   . HIS A 1 19  ? 0.918   -6.921  -17.871 1.00 40.66  ? 19  HIS A N   1 
ATOM   155  C  CA  . HIS A 1 19  ? 1.289   -5.576  -18.334 1.00 43.85  ? 19  HIS A CA  1 
ATOM   156  C  C   . HIS A 1 19  ? 0.713   -4.500  -17.414 1.00 45.26  ? 19  HIS A C   1 
ATOM   157  O  O   . HIS A 1 19  ? 1.139   -3.346  -17.453 1.00 45.19  ? 19  HIS A O   1 
ATOM   158  C  CB  . HIS A 1 19  ? 0.792   -5.352  -19.767 1.00 47.93  ? 19  HIS A CB  1 
ATOM   159  C  CG  . HIS A 1 19  ? -0.697  -5.419  -19.907 1.00 46.59  ? 19  HIS A CG  1 
ATOM   160  N  ND1 . HIS A 1 19  ? -1.389  -6.611  -20.043 1.00 52.53  ? 19  HIS A ND1 1 
ATOM   161  C  CD2 . HIS A 1 19  ? -1.640  -4.442  -19.918 1.00 50.57  ? 19  HIS A CD2 1 
ATOM   162  C  CE1 . HIS A 1 19  ? -2.682  -6.363  -20.134 1.00 51.08  ? 19  HIS A CE1 1 
ATOM   163  N  NE2 . HIS A 1 19  ? -2.862  -5.051  -20.058 1.00 52.88  ? 19  HIS A NE2 1 
ATOM   164  N  N   . LEU A 1 20  ? -0.254  -4.884  -16.579 1.00 43.96  ? 20  LEU A N   1 
ATOM   165  C  CA  . LEU A 1 20  ? -0.855  -3.943  -15.630 1.00 41.78  ? 20  LEU A CA  1 
ATOM   166  C  C   . LEU A 1 20  ? -0.206  -4.044  -14.254 1.00 40.49  ? 20  LEU A C   1 
ATOM   167  O  O   . LEU A 1 20  ? -0.352  -3.144  -13.423 1.00 46.05  ? 20  LEU A O   1 
ATOM   168  C  CB  . LEU A 1 20  ? -2.365  -4.187  -15.525 1.00 46.13  ? 20  LEU A CB  1 
ATOM   169  C  CG  . LEU A 1 20  ? -3.220  -3.735  -16.704 1.00 47.90  ? 20  LEU A CG  1 
ATOM   170  C  CD1 . LEU A 1 20  ? -4.638  -4.242  -16.571 1.00 51.47  ? 20  LEU A CD1 1 
ATOM   171  C  CD2 . LEU A 1 20  ? -3.204  -2.219  -16.771 1.00 51.20  ? 20  LEU A CD2 1 
ATOM   172  N  N   . LEU A 1 21  ? 0.506   -5.147  -14.023 1.00 39.43  ? 21  LEU A N   1 
ATOM   173  C  CA  . LEU A 1 21  ? 1.193   -5.409  -12.752 1.00 37.29  ? 21  LEU A CA  1 
ATOM   174  C  C   . LEU A 1 21  ? 2.637   -4.917  -12.828 1.00 38.75  ? 21  LEU A C   1 
ATOM   175  O  O   . LEU A 1 21  ? 3.582   -5.637  -12.476 1.00 40.22  ? 21  LEU A O   1 
ATOM   176  C  CB  . LEU A 1 21  ? 1.169   -6.911  -12.436 1.00 34.28  ? 21  LEU A CB  1 
ATOM   177  C  CG  . LEU A 1 21  ? -0.247  -7.467  -12.320 1.00 37.16  ? 21  LEU A CG  1 
ATOM   178  C  CD1 . LEU A 1 21  ? -0.243  -8.977  -12.029 1.00 34.65  ? 21  LEU A CD1 1 
ATOM   179  C  CD2 . LEU A 1 21  ? -0.960  -6.714  -11.236 1.00 32.79  ? 21  LEU A CD2 1 
ATOM   180  N  N   . LYS A 1 22  ? 2.803   -3.685  -13.289 1.00 37.13  ? 22  LYS A N   1 
ATOM   181  C  CA  . LYS A 1 22  ? 4.122   -3.095  -13.430 1.00 38.88  ? 22  LYS A CA  1 
ATOM   182  C  C   . LYS A 1 22  ? 3.894   -1.615  -13.678 1.00 39.15  ? 22  LYS A C   1 
ATOM   183  O  O   . LYS A 1 22  ? 2.799   -1.235  -14.103 1.00 38.57  ? 22  LYS A O   1 
ATOM   184  C  CB  . LYS A 1 22  ? 4.858   -3.732  -14.608 1.00 43.32  ? 22  LYS A CB  1 
ATOM   185  C  CG  . LYS A 1 22  ? 4.328   -3.271  -15.946 1.00 46.58  ? 22  LYS A CG  1 
ATOM   186  C  CD  . LYS A 1 22  ? 5.036   -3.935  -17.108 1.00 49.48  ? 22  LYS A CD  1 
ATOM   187  C  CE  . LYS A 1 22  ? 4.819   -3.107  -18.370 1.00 54.78  ? 22  LYS A CE  1 
ATOM   188  N  NZ  . LYS A 1 22  ? 3.548   -2.310  -18.308 1.00 55.40  ? 22  LYS A NZ  1 
ATOM   189  N  N   . PRO A 1 23  ? 4.901   -0.772  -13.375 1.00 40.84  ? 23  PRO A N   1 
ATOM   190  C  CA  . PRO A 1 23  ? 4.748   0.676   -13.596 1.00 42.30  ? 23  PRO A CA  1 
ATOM   191  C  C   . PRO A 1 23  ? 4.204   0.976   -14.994 1.00 41.81  ? 23  PRO A C   1 
ATOM   192  O  O   . PRO A 1 23  ? 4.557   0.278   -15.949 1.00 40.73  ? 23  PRO A O   1 
ATOM   193  C  CB  . PRO A 1 23  ? 6.179   1.209   -13.433 1.00 40.61  ? 23  PRO A CB  1 
ATOM   194  C  CG  . PRO A 1 23  ? 6.788   0.263   -12.411 1.00 43.29  ? 23  PRO A CG  1 
ATOM   195  C  CD  . PRO A 1 23  ? 6.188   -1.101  -12.729 1.00 36.41  ? 23  PRO A CD  1 
ATOM   196  N  N   . PRO A 1 24  ? 3.338   1.997   -15.111 1.00 43.62  ? 24  PRO A N   1 
ATOM   197  C  CA  . PRO A 1 24  ? 2.966   2.887   -14.002 1.00 44.27  ? 24  PRO A CA  1 
ATOM   198  C  C   . PRO A 1 24  ? 1.809   2.389   -13.122 1.00 46.31  ? 24  PRO A C   1 
ATOM   199  O  O   . PRO A 1 24  ? 1.606   2.941   -12.043 1.00 51.41  ? 24  PRO A O   1 
ATOM   200  C  CB  . PRO A 1 24  ? 2.579   4.181   -14.722 1.00 45.97  ? 24  PRO A CB  1 
ATOM   201  C  CG  . PRO A 1 24  ? 2.016   3.706   -16.045 1.00 46.52  ? 24  PRO A CG  1 
ATOM   202  C  CD  . PRO A 1 24  ? 2.735   2.415   -16.391 1.00 46.26  ? 24  PRO A CD  1 
ATOM   203  N  N   . VAL A 1 25  ? 1.078   1.364   -13.552 1.00 44.64  ? 25  VAL A N   1 
ATOM   204  C  CA  . VAL A 1 25  ? -0.091  0.902   -12.801 1.00 45.73  ? 25  VAL A CA  1 
ATOM   205  C  C   . VAL A 1 25  ? 0.310   0.133   -11.535 1.00 45.17  ? 25  VAL A C   1 
ATOM   206  O  O   . VAL A 1 25  ? 0.067   0.590   -10.414 1.00 50.15  ? 25  VAL A O   1 
ATOM   207  C  CB  . VAL A 1 25  ? -1.010  0.042   -13.674 1.00 49.51  ? 25  VAL A CB  1 
ATOM   208  C  CG1 . VAL A 1 25  ? -2.483  0.420   -13.454 1.00 51.98  ? 25  VAL A CG1 1 
ATOM   209  C  CG2 . VAL A 1 25  ? -0.621  0.192   -15.147 1.00 49.45  ? 25  VAL A CG2 1 
ATOM   210  N  N   . GLY A 1 26  ? 0.917   -1.035  -11.718 1.00 39.68  ? 26  GLY A N   1 
ATOM   211  C  CA  . GLY A 1 26  ? 1.532   -1.756  -10.618 1.00 36.28  ? 26  GLY A CA  1 
ATOM   212  C  C   . GLY A 1 26  ? 0.610   -2.765  -9.957  1.00 38.76  ? 26  GLY A C   1 
ATOM   213  O  O   . GLY A 1 26  ? 1.078   -3.826  -9.524  1.00 35.98  ? 26  GLY A O   1 
ATOM   214  N  N   . ASN A 1 27  ? -0.681  -2.434  -9.862  1.00 36.05  ? 27  ASN A N   1 
ATOM   215  C  CA  . ASN A 1 27  ? -1.657  -3.332  -9.216  1.00 41.31  ? 27  ASN A CA  1 
ATOM   216  C  C   . ASN A 1 27  ? -2.940  -3.512  -10.025 1.00 41.06  ? 27  ASN A C   1 
ATOM   217  O  O   . ASN A 1 27  ? -3.199  -2.759  -10.963 1.00 38.49  ? 27  ASN A O   1 
ATOM   218  C  CB  . ASN A 1 27  ? -2.024  -2.792  -7.836  1.00 34.93  ? 27  ASN A CB  1 
ATOM   219  C  CG  . ASN A 1 27  ? -2.845  -1.524  -7.919  1.00 46.75  ? 27  ASN A CG  1 
ATOM   220  O  OD1 . ASN A 1 27  ? -4.048  -1.568  -8.193  1.00 52.17  ? 27  ASN A OD1 1 
ATOM   221  N  ND2 . ASN A 1 27  ? -2.205  -0.384  -7.681  1.00 45.59  ? 27  ASN A ND2 1 
ATOM   222  N  N   . ARG A 1 28  ? -3.764  -4.487  -9.635  1.00 37.84  ? 28  ARG A N   1 
ATOM   223  C  CA  . ARG A 1 28  ? -5.062  -4.678  -10.262 1.00 34.44  ? 28  ARG A CA  1 
ATOM   224  C  C   . ARG A 1 28  ? -6.039  -5.318  -9.282  1.00 35.77  ? 28  ARG A C   1 
ATOM   225  O  O   . ARG A 1 28  ? -5.741  -6.376  -8.743  1.00 32.14  ? 28  ARG A O   1 
ATOM   226  C  CB  . ARG A 1 28  ? -4.932  -5.592  -11.479 1.00 40.97  ? 28  ARG A CB  1 
ATOM   227  C  CG  . ARG A 1 28  ? -6.084  -5.434  -12.441 1.00 43.55  ? 28  ARG A CG  1 
ATOM   228  C  CD  . ARG A 1 28  ? -6.107  -3.978  -12.794 1.00 52.46  ? 28  ARG A CD  1 
ATOM   229  N  NE  . ARG A 1 28  ? -7.208  -3.557  -13.646 1.00 59.58  ? 28  ARG A NE  1 
ATOM   230  C  CZ  . ARG A 1 28  ? -7.320  -2.312  -14.096 1.00 65.03  ? 28  ARG A CZ  1 
ATOM   231  N  NH1 . ARG A 1 28  ? -6.399  -1.411  -13.763 1.00 54.51  ? 28  ARG A NH1 1 
ATOM   232  N  NH2 . ARG A 1 28  ? -8.341  -1.967  -14.872 1.00 69.27  ? 28  ARG A NH2 1 
ATOM   233  N  N   . GLN A 1 29  ? -7.176  -4.663  -9.041  1.00 30.44  ? 29  GLN A N   1 
ATOM   234  C  CA  . GLN A 1 29  ? -8.279  -5.259  -8.278  1.00 35.07  ? 29  GLN A CA  1 
ATOM   235  C  C   . GLN A 1 29  ? -8.937  -6.367  -9.100  1.00 34.94  ? 29  GLN A C   1 
ATOM   236  O  O   . GLN A 1 29  ? -9.172  -6.212  -10.297 1.00 35.67  ? 29  GLN A O   1 
ATOM   237  C  CB  . GLN A 1 29  ? -9.305  -4.175  -7.927  1.00 39.12  ? 29  GLN A CB  1 
ATOM   238  C  CG  . GLN A 1 29  ? -10.265 -4.508  -6.786  1.00 42.03  ? 29  GLN A CG  1 
ATOM   239  C  CD  . GLN A 1 29  ? -10.883 -3.257  -6.154  1.00 48.16  ? 29  GLN A CD  1 
ATOM   240  O  OE1 . GLN A 1 29  ? -10.264 -2.188  -6.139  1.00 46.30  ? 29  GLN A OE1 1 
ATOM   241  N  NE2 . GLN A 1 29  ? -12.110 -3.393  -5.613  1.00 46.49  ? 29  GLN A NE2 1 
ATOM   242  N  N   . VAL A 1 30  ? -9.228  -7.496  -8.459  1.00 31.55  ? 30  VAL A N   1 
ATOM   243  C  CA  . VAL A 1 30  ? -9.789  -8.634  -9.161  1.00 30.21  ? 30  VAL A CA  1 
ATOM   244  C  C   . VAL A 1 30  ? -11.295 -8.441  -9.416  1.00 34.98  ? 30  VAL A C   1 
ATOM   245  O  O   . VAL A 1 30  ? -11.764 -8.582  -10.548 1.00 32.43  ? 30  VAL A O   1 
ATOM   246  C  CB  . VAL A 1 30  ? -9.553  -9.936  -8.363  1.00 31.28  ? 30  VAL A CB  1 
ATOM   247  C  CG1 . VAL A 1 30  ? -10.122 -11.107 -9.109  1.00 30.45  ? 30  VAL A CG1 1 
ATOM   248  C  CG2 . VAL A 1 30  ? -8.056  -10.138 -8.127  1.00 31.74  ? 30  VAL A CG2 1 
ATOM   249  N  N   . TRP A 1 31  ? -12.053 -8.130  -8.366  1.00 34.58  ? 31  TRP A N   1 
ATOM   250  C  CA  . TRP A 1 31  ? -13.499 -7.964  -8.502  1.00 34.95  ? 31  TRP A CA  1 
ATOM   251  C  C   . TRP A 1 31  ? -13.929 -6.549  -8.153  1.00 35.79  ? 31  TRP A C   1 
ATOM   252  O  O   . TRP A 1 31  ? -13.387 -5.938  -7.227  1.00 38.90  ? 31  TRP A O   1 
ATOM   253  C  CB  . TRP A 1 31  ? -14.259 -8.949  -7.596  1.00 32.70  ? 31  TRP A CB  1 
ATOM   254  C  CG  . TRP A 1 31  ? -14.124 -10.409 -7.979  1.00 31.95  ? 31  TRP A CG  1 
ATOM   255  C  CD1 . TRP A 1 31  ? -14.770 -11.058 -8.994  1.00 33.89  ? 31  TRP A CD1 1 
ATOM   256  C  CD2 . TRP A 1 31  ? -13.319 -11.400 -7.319  1.00 29.77  ? 31  TRP A CD2 1 
ATOM   257  N  NE1 . TRP A 1 31  ? -14.403 -12.390 -9.011  1.00 32.83  ? 31  TRP A NE1 1 
ATOM   258  C  CE2 . TRP A 1 31  ? -13.513 -12.619 -7.995  1.00 29.68  ? 31  TRP A CE2 1 
ATOM   259  C  CE3 . TRP A 1 31  ? -12.447 -11.366 -6.227  1.00 31.15  ? 31  TRP A CE3 1 
ATOM   260  C  CZ2 . TRP A 1 31  ? -12.863 -13.799 -7.612  1.00 33.09  ? 31  TRP A CZ2 1 
ATOM   261  C  CZ3 . TRP A 1 31  ? -11.812 -12.527 -5.841  1.00 30.83  ? 31  TRP A CZ3 1 
ATOM   262  C  CH2 . TRP A 1 31  ? -12.017 -13.734 -6.534  1.00 32.78  ? 31  TRP A CH2 1 
ATOM   263  N  N   . GLN A 1 32  ? -14.925 -6.035  -8.870  1.00 39.07  ? 32  GLN A N   1 
ATOM   264  C  CA  . GLN A 1 32  ? -15.429 -4.689  -8.604  1.00 44.53  ? 32  GLN A CA  1 
ATOM   265  C  C   . GLN A 1 32  ? -16.633 -4.738  -7.672  1.00 43.53  ? 32  GLN A C   1 
ATOM   266  O  O   . GLN A 1 32  ? -17.376 -5.718  -7.695  1.00 45.45  ? 32  GLN A O   1 
ATOM   267  C  CB  . GLN A 1 32  ? -15.803 -3.987  -9.915  1.00 46.82  ? 32  GLN A CB  1 
ATOM   268  C  CG  . GLN A 1 32  ? -14.604 -3.423  -10.671 1.00 49.49  ? 32  GLN A CG  1 
ATOM   269  C  CD  . GLN A 1 32  ? -13.938 -2.299  -9.915  1.00 54.65  ? 32  GLN A CD  1 
ATOM   270  O  OE1 . GLN A 1 32  ? -14.458 -1.185  -9.863  1.00 62.18  ? 32  GLN A OE1 1 
ATOM   271  N  NE2 . GLN A 1 32  ? -12.788 -2.585  -9.306  1.00 50.47  ? 32  GLN A NE2 1 
ATOM   272  N  N   . ASP A 1 33  ? -16.805 -3.703  -6.847  1.00 43.76  ? 33  ASP A N   1 
ATOM   273  C  CA  . ASP A 1 33  ? -18.021 -3.532  -6.044  1.00 43.05  ? 33  ASP A CA  1 
ATOM   274  C  C   . ASP A 1 33  ? -18.294 -4.684  -5.061  1.00 46.12  ? 33  ASP A C   1 
ATOM   275  O  O   . ASP A 1 33  ? -19.451 -5.036  -4.813  1.00 45.39  ? 33  ASP A O   1 
ATOM   276  C  CB  . ASP A 1 33  ? -19.242 -3.329  -6.958  1.00 48.13  ? 33  ASP A CB  1 
ATOM   277  C  CG  . ASP A 1 33  ? -19.163 -2.038  -7.783  1.00 57.96  ? 33  ASP A CG  1 
ATOM   278  O  OD1 . ASP A 1 33  ? -18.097 -1.375  -7.769  1.00 57.48  ? 33  ASP A OD1 1 
ATOM   279  O  OD2 . ASP A 1 33  ? -20.173 -1.693  -8.450  1.00 59.33  ? 33  ASP A OD2 1 
ATOM   280  N  N   . SER A 1 34  ? -17.233 -5.265  -4.508  1.00 43.33  ? 34  SER A N   1 
ATOM   281  C  CA  . SER A 1 34  ? -17.361 -6.365  -3.549  1.00 41.91  ? 34  SER A CA  1 
ATOM   282  C  C   . SER A 1 34  ? -17.010 -5.852  -2.161  1.00 41.40  ? 34  SER A C   1 
ATOM   283  O  O   . SER A 1 34  ? -16.396 -4.786  -2.045  1.00 33.09  ? 34  SER A O   1 
ATOM   284  C  CB  . SER A 1 34  ? -16.424 -7.504  -3.934  1.00 38.26  ? 34  SER A CB  1 
ATOM   285  O  OG  . SER A 1 34  ? -15.095 -7.031  -4.090  1.00 38.73  ? 34  SER A OG  1 
ATOM   286  N  N   . ASP A 1 35  ? -17.386 -6.591  -1.113  1.00 29.94  ? 35  ASP A N   1 
ATOM   287  C  CA  . ASP A 1 35  ? -17.023 -6.189  0.247   1.00 32.04  ? 35  ASP A CA  1 
ATOM   288  C  C   . ASP A 1 35  ? -15.552 -6.478  0.526   1.00 35.29  ? 35  ASP A C   1 
ATOM   289  O  O   . ASP A 1 35  ? -14.871 -5.679  1.179   1.00 36.20  ? 35  ASP A O   1 
ATOM   290  C  CB  . ASP A 1 35  ? -17.891 -6.884  1.297   1.00 38.31  ? 35  ASP A CB  1 
ATOM   291  C  CG  . ASP A 1 35  ? -17.504 -6.502  2.725   1.00 39.98  ? 35  ASP A CG  1 
ATOM   292  O  OD1 . ASP A 1 35  ? -17.492 -5.289  3.042   1.00 39.97  ? 35  ASP A OD1 1 
ATOM   293  O  OD2 . ASP A 1 35  ? -17.204 -7.409  3.539   1.00 38.21  ? 35  ASP A OD2 1 
ATOM   294  N  N   . PHE A 1 36  ? -15.063 -7.623  0.051   1.00 31.07  ? 36  PHE A N   1 
ATOM   295  C  CA  . PHE A 1 36  ? -13.651 -7.921  0.161   1.00 32.50  ? 36  PHE A CA  1 
ATOM   296  C  C   . PHE A 1 36  ? -13.005 -7.189  -1.001  1.00 32.35  ? 36  PHE A C   1 
ATOM   297  O  O   . PHE A 1 36  ? -13.461 -7.338  -2.153  1.00 32.17  ? 36  PHE A O   1 
ATOM   298  C  CB  . PHE A 1 36  ? -13.383 -9.411  -0.002  1.00 30.29  ? 36  PHE A CB  1 
ATOM   299  C  CG  . PHE A 1 36  ? -13.921 -10.254 1.107   1.00 34.15  ? 36  PHE A CG  1 
ATOM   300  C  CD1 . PHE A 1 36  ? -14.486 -9.675  2.234   1.00 39.17  ? 36  PHE A CD1 1 
ATOM   301  C  CD2 . PHE A 1 36  ? -13.875 -11.628 1.020   1.00 35.70  ? 36  PHE A CD2 1 
ATOM   302  C  CE1 . PHE A 1 36  ? -14.987 -10.461 3.255   1.00 39.86  ? 36  PHE A CE1 1 
ATOM   303  C  CE2 . PHE A 1 36  ? -14.360 -12.417 2.040   1.00 31.19  ? 36  PHE A CE2 1 
ATOM   304  C  CZ  . PHE A 1 36  ? -14.918 -11.836 3.155   1.00 34.05  ? 36  PHE A CZ  1 
ATOM   305  N  N   . ILE A 1 37  ? -11.966 -6.408  -0.716  1.00 30.74  ? 37  ILE A N   1 
ATOM   306  C  CA  . ILE A 1 37  ? -11.160 -5.814  -1.790  1.00 31.22  ? 37  ILE A CA  1 
ATOM   307  C  C   . ILE A 1 37  ? -10.016 -6.771  -2.070  1.00 28.14  ? 37  ILE A C   1 
ATOM   308  O  O   . ILE A 1 37  ? -9.123  -6.932  -1.231  1.00 33.19  ? 37  ILE A O   1 
ATOM   309  C  CB  . ILE A 1 37  ? -10.530 -4.459  -1.408  1.00 35.60  ? 37  ILE A CB  1 
ATOM   310  C  CG1 . ILE A 1 37  ? -11.511 -3.572  -0.651  1.00 37.76  ? 37  ILE A CG1 1 
ATOM   311  C  CG2 . ILE A 1 37  ? -10.011 -3.743  -2.649  1.00 32.68  ? 37  ILE A CG2 1 
ATOM   312  C  CD1 . ILE A 1 37  ? -12.752 -3.293  -1.407  1.00 38.94  ? 37  ILE A CD1 1 
ATOM   313  N  N   . VAL A 1 38  ? -10.035 -7.427  -3.226  1.00 27.21  ? 38  VAL A N   1 
ATOM   314  C  CA  . VAL A 1 38  ? -9.000  -8.396  -3.552  1.00 29.48  ? 38  VAL A CA  1 
ATOM   315  C  C   . VAL A 1 38  ? -8.111  -7.826  -4.663  1.00 28.42  ? 38  VAL A C   1 
ATOM   316  O  O   . VAL A 1 38  ? -8.574  -7.591  -5.788  1.00 28.16  ? 38  VAL A O   1 
ATOM   317  C  CB  . VAL A 1 38  ? -9.595  -9.732  -3.983  1.00 30.51  ? 38  VAL A CB  1 
ATOM   318  C  CG1 . VAL A 1 38  ? -8.489  -10.694 -4.345  1.00 27.65  ? 38  VAL A CG1 1 
ATOM   319  C  CG2 . VAL A 1 38  ? -10.440 -10.331 -2.847  1.00 30.64  ? 38  VAL A CG2 1 
ATOM   320  N  N   . THR A 1 39  ? -6.840  -7.595  -4.341  1.00 29.05  ? 39  THR A N   1 
ATOM   321  C  CA  . THR A 1 39  ? -5.924  -6.927  -5.280  1.00 30.97  ? 39  THR A CA  1 
ATOM   322  C  C   . THR A 1 39  ? -4.700  -7.803  -5.551  1.00 31.18  ? 39  THR A C   1 
ATOM   323  O  O   . THR A 1 39  ? -4.257  -8.541  -4.670  1.00 33.66  ? 39  THR A O   1 
ATOM   324  C  CB  . THR A 1 39  ? -5.457  -5.591  -4.708  1.00 29.27  ? 39  THR A CB  1 
ATOM   325  O  OG1 . THR A 1 39  ? -6.598  -4.813  -4.328  1.00 33.53  ? 39  THR A OG1 1 
ATOM   326  C  CG2 . THR A 1 39  ? -4.616  -4.791  -5.726  1.00 35.81  ? 39  THR A CG2 1 
ATOM   327  N  N   . VAL A 1 40  ? -4.168  -7.759  -6.769  1.00 29.30  ? 40  VAL A N   1 
ATOM   328  C  CA  . VAL A 1 40  ? -2.846  -8.339  -7.031  1.00 27.10  ? 40  VAL A CA  1 
ATOM   329  C  C   . VAL A 1 40  ? -1.876  -7.182  -7.282  1.00 32.16  ? 40  VAL A C   1 
ATOM   330  O  O   . VAL A 1 40  ? -2.121  -6.366  -8.176  1.00 28.22  ? 40  VAL A O   1 
ATOM   331  C  CB  . VAL A 1 40  ? -2.854  -9.283  -8.235  1.00 29.09  ? 40  VAL A CB  1 
ATOM   332  C  CG1 . VAL A 1 40  ? -1.443  -9.793  -8.502  1.00 29.74  ? 40  VAL A CG1 1 
ATOM   333  C  CG2 . VAL A 1 40  ? -3.794  -10.495 -7.970  1.00 29.78  ? 40  VAL A CG2 1 
ATOM   334  N  N   . VAL A 1 41  ? -0.813  -7.093  -6.475  1.00 27.26  ? 41  VAL A N   1 
ATOM   335  C  CA  . VAL A 1 41  ? 0.186   -6.028  -6.628  1.00 30.70  ? 41  VAL A CA  1 
ATOM   336  C  C   . VAL A 1 41  ? 1.495   -6.607  -7.173  1.00 30.53  ? 41  VAL A C   1 
ATOM   337  O  O   . VAL A 1 41  ? 1.981   -7.641  -6.694  1.00 32.57  ? 41  VAL A O   1 
ATOM   338  C  CB  . VAL A 1 41  ? 0.458   -5.297  -5.298  1.00 32.17  ? 41  VAL A CB  1 
ATOM   339  C  CG1 . VAL A 1 41  ? 1.293   -4.030  -5.532  1.00 35.78  ? 41  VAL A CG1 1 
ATOM   340  C  CG2 . VAL A 1 41  ? -0.840  -4.930  -4.615  1.00 35.09  ? 41  VAL A CG2 1 
ATOM   341  N  N   . GLY A 1 42  ? 2.061   -5.945  -8.181  1.00 35.68  ? 42  GLY A N   1 
ATOM   342  C  CA  . GLY A 1 42  ? 3.297   -6.404  -8.778  1.00 32.13  ? 42  GLY A CA  1 
ATOM   343  C  C   . GLY A 1 42  ? 4.431   -5.463  -8.430  1.00 34.87  ? 42  GLY A C   1 
ATOM   344  O  O   . GLY A 1 42  ? 4.400   -4.805  -7.390  1.00 37.59  ? 42  GLY A O   1 
ATOM   345  N  N   . GLY A 1 43  ? 5.439   -5.403  -9.291  1.00 35.26  ? 43  GLY A N   1 
ATOM   346  C  CA  . GLY A 1 43  ? 6.571   -4.519  -9.058  1.00 32.89  ? 43  GLY A CA  1 
ATOM   347  C  C   . GLY A 1 43  ? 7.222   -4.153  -10.375 1.00 34.72  ? 43  GLY A C   1 
ATOM   348  O  O   . GLY A 1 43  ? 6.733   -4.540  -11.438 1.00 33.07  ? 43  GLY A O   1 
ATOM   349  N  N   . PRO A 1 44  ? 8.322   -3.385  -10.326 1.00 33.57  ? 44  PRO A N   1 
ATOM   350  C  CA  . PRO A 1 44  ? 8.909   -2.805  -9.113  1.00 34.66  ? 44  PRO A CA  1 
ATOM   351  C  C   . PRO A 1 44  ? 8.143   -1.574  -8.601  1.00 34.27  ? 44  PRO A C   1 
ATOM   352  O  O   . PRO A 1 44  ? 7.593   -0.819  -9.404  1.00 37.41  ? 44  PRO A O   1 
ATOM   353  C  CB  . PRO A 1 44  ? 10.303  -2.353  -9.582  1.00 32.78  ? 44  PRO A CB  1 
ATOM   354  C  CG  . PRO A 1 44  ? 10.541  -3.065  -10.899 1.00 34.29  ? 44  PRO A CG  1 
ATOM   355  C  CD  . PRO A 1 44  ? 9.180   -3.183  -11.507 1.00 36.87  ? 44  PRO A CD  1 
ATOM   356  N  N   . ASN A 1 45  ? 8.108   -1.384  -7.286  1.00 35.59  ? 45  ASN A N   1 
ATOM   357  C  CA  . ASN A 1 45  ? 7.665   -0.114  -6.702  1.00 37.64  ? 45  ASN A CA  1 
ATOM   358  C  C   . ASN A 1 45  ? 8.289   0.100   -5.332  1.00 39.28  ? 45  ASN A C   1 
ATOM   359  O  O   . ASN A 1 45  ? 8.232   -0.779  -4.466  1.00 37.97  ? 45  ASN A O   1 
ATOM   360  C  CB  . ASN A 1 45  ? 6.131   -0.022  -6.608  1.00 39.48  ? 45  ASN A CB  1 
ATOM   361  C  CG  . ASN A 1 45  ? 5.630   1.425   -6.424  1.00 46.75  ? 45  ASN A CG  1 
ATOM   362  O  OD1 . ASN A 1 45  ? 5.725   2.250   -7.343  1.00 48.28  ? 45  ASN A OD1 1 
ATOM   363  N  ND2 . ASN A 1 45  ? 5.084   1.727   -5.244  1.00 46.40  ? 45  ASN A ND2 1 
ATOM   364  N  N   . HIS A 1 46  ? 8.915   1.257   -5.143  1.00 33.26  ? 46  HIS A N   1 
ATOM   365  C  CA  . HIS A 1 46  ? 9.344   1.666   -3.817  1.00 33.72  ? 46  HIS A CA  1 
ATOM   366  C  C   . HIS A 1 46  ? 8.534   2.900   -3.457  1.00 38.40  ? 46  HIS A C   1 
ATOM   367  O  O   . HIS A 1 46  ? 8.074   3.630   -4.345  1.00 41.73  ? 46  HIS A O   1 
ATOM   368  C  CB  . HIS A 1 46  ? 10.846  1.990   -3.790  1.00 43.03  ? 46  HIS A CB  1 
ATOM   369  C  CG  . HIS A 1 46  ? 11.730  0.804   -4.034  1.00 36.16  ? 46  HIS A CG  1 
ATOM   370  N  ND1 . HIS A 1 46  ? 12.221  0.483   -5.281  1.00 36.71  ? 46  HIS A ND1 1 
ATOM   371  C  CD2 . HIS A 1 46  ? 12.216  -0.137  -3.188  1.00 38.55  ? 46  HIS A CD2 1 
ATOM   372  C  CE1 . HIS A 1 46  ? 12.968  -0.604  -5.194  1.00 35.27  ? 46  HIS A CE1 1 
ATOM   373  N  NE2 . HIS A 1 46  ? 12.980  -1.001  -3.936  1.00 37.40  ? 46  HIS A NE2 1 
ATOM   374  N  N   . ARG A 1 47  ? 8.341   3.137   -2.165  1.00 37.28  ? 47  ARG A N   1 
ATOM   375  C  CA  . ARG A 1 47  ? 7.555   4.288   -1.743  1.00 37.60  ? 47  ARG A CA  1 
ATOM   376  C  C   . ARG A 1 47  ? 7.948   4.703   -0.340  1.00 37.33  ? 47  ARG A C   1 
ATOM   377  O  O   . ARG A 1 47  ? 8.558   3.915   0.394   1.00 32.91  ? 47  ARG A O   1 
ATOM   378  C  CB  . ARG A 1 47  ? 6.065   3.963   -1.813  1.00 38.41  ? 47  ARG A CB  1 
ATOM   379  C  CG  . ARG A 1 47  ? 5.693   2.755   -0.987  1.00 34.83  ? 47  ARG A CG  1 
ATOM   380  C  CD  . ARG A 1 47  ? 4.380   2.164   -1.456  1.00 43.14  ? 47  ARG A CD  1 
ATOM   381  N  NE  . ARG A 1 47  ? 3.221   3.017   -1.194  1.00 44.55  ? 47  ARG A NE  1 
ATOM   382  C  CZ  . ARG A 1 47  ? 1.967   2.675   -1.482  1.00 47.13  ? 47  ARG A CZ  1 
ATOM   383  N  NH1 . ARG A 1 47  ? 1.722   1.498   -2.037  1.00 46.87  ? 47  ARG A NH1 1 
ATOM   384  N  NH2 . ARG A 1 47  ? 0.961   3.500   -1.215  1.00 42.64  ? 47  ARG A NH2 1 
ATOM   385  N  N   . THR A 1 48  ? 7.577   5.932   0.022   1.00 34.43  ? 48  THR A N   1 
ATOM   386  C  CA  . THR A 1 48  ? 7.947   6.538   1.303   1.00 35.47  ? 48  THR A CA  1 
ATOM   387  C  C   . THR A 1 48  ? 6.786   6.678   2.294   1.00 34.65  ? 48  THR A C   1 
ATOM   388  O  O   . THR A 1 48  ? 7.004   6.895   3.485   1.00 36.45  ? 48  THR A O   1 
ATOM   389  C  CB  . THR A 1 48  ? 8.622   7.920   1.079   1.00 36.59  ? 48  THR A CB  1 
ATOM   390  O  OG1 . THR A 1 48  ? 7.827   8.680   0.167   1.00 37.92  ? 48  THR A OG1 1 
ATOM   391  C  CG2 . THR A 1 48  ? 9.991   7.732   0.480   1.00 43.39  ? 48  THR A CG2 1 
ATOM   392  N  N   . ASP A 1 49  ? 5.557   6.538   1.807   1.00 31.05  ? 49  ASP A N   1 
ATOM   393  C  CA  . ASP A 1 49  ? 4.377   6.755   2.623   1.00 35.07  ? 49  ASP A CA  1 
ATOM   394  C  C   . ASP A 1 49  ? 4.075   5.546   3.517   1.00 33.26  ? 49  ASP A C   1 
ATOM   395  O  O   . ASP A 1 49  ? 4.253   4.396   3.088   1.00 33.45  ? 49  ASP A O   1 
ATOM   396  C  CB  . ASP A 1 49  ? 3.182   6.987   1.700   1.00 38.21  ? 49  ASP A CB  1 
ATOM   397  C  CG  . ASP A 1 49  ? 2.841   5.761   0.881   1.00 39.20  ? 49  ASP A CG  1 
ATOM   398  O  OD1 . ASP A 1 49  ? 2.033   4.927   1.366   1.00 38.11  ? 49  ASP A OD1 1 
ATOM   399  O  OD2 . ASP A 1 49  ? 3.395   5.617   -0.230  1.00 36.85  ? 49  ASP A OD2 1 
ATOM   400  N  N   . TYR A 1 50  ? 3.618   5.796   4.743   1.00 30.42  ? 50  TYR A N   1 
ATOM   401  C  CA  . TYR A 1 50  ? 3.121   4.707   5.598   1.00 31.23  ? 50  TYR A CA  1 
ATOM   402  C  C   . TYR A 1 50  ? 1.611   4.745   5.647   1.00 33.91  ? 50  TYR A C   1 
ATOM   403  O  O   . TYR A 1 50  ? 1.022   5.832   5.712   1.00 35.01  ? 50  TYR A O   1 
ATOM   404  C  CB  . TYR A 1 50  ? 3.660   4.843   7.017   1.00 31.40  ? 50  TYR A CB  1 
ATOM   405  C  CG  . TYR A 1 50  ? 5.121   4.504   7.156   1.00 34.95  ? 50  TYR A CG  1 
ATOM   406  C  CD1 . TYR A 1 50  ? 5.518   3.312   7.733   1.00 31.96  ? 50  TYR A CD1 1 
ATOM   407  C  CD2 . TYR A 1 50  ? 6.109   5.379   6.716   1.00 35.86  ? 50  TYR A CD2 1 
ATOM   408  C  CE1 . TYR A 1 50  ? 6.846   3.002   7.877   1.00 32.34  ? 50  TYR A CE1 1 
ATOM   409  C  CE2 . TYR A 1 50  ? 7.449   5.067   6.855   1.00 35.21  ? 50  TYR A CE2 1 
ATOM   410  C  CZ  . TYR A 1 50  ? 7.806   3.879   7.437   1.00 37.62  ? 50  TYR A CZ  1 
ATOM   411  O  OH  . TYR A 1 50  ? 9.137   3.549   7.577   1.00 38.23  ? 50  TYR A OH  1 
ATOM   412  N  N   . HIS A 1 51  ? 0.981   3.564   5.603   1.00 29.33  ? 51  HIS A N   1 
ATOM   413  C  CA  . HIS A 1 51  ? -0.485  3.446   5.631   1.00 29.95  ? 51  HIS A CA  1 
ATOM   414  C  C   . HIS A 1 51  ? -0.930  3.066   7.034   1.00 29.67  ? 51  HIS A C   1 
ATOM   415  O  O   . HIS A 1 51  ? -0.330  2.189   7.657   1.00 31.60  ? 51  HIS A O   1 
ATOM   416  C  CB  . HIS A 1 51  ? -0.982  2.374   4.638   1.00 31.62  ? 51  HIS A CB  1 
ATOM   417  C  CG  . HIS A 1 51  ? -2.472  2.267   4.544   1.00 33.60  ? 51  HIS A CG  1 
ATOM   418  N  ND1 . HIS A 1 51  ? -3.109  1.202   3.943   1.00 35.48  ? 51  HIS A ND1 1 
ATOM   419  C  CD2 . HIS A 1 51  ? -3.458  3.095   4.967   1.00 32.54  ? 51  HIS A CD2 1 
ATOM   420  C  CE1 . HIS A 1 51  ? -4.413  1.374   3.998   1.00 34.58  ? 51  HIS A CE1 1 
ATOM   421  N  NE2 . HIS A 1 51  ? -4.655  2.520   4.608   1.00 33.40  ? 51  HIS A NE2 1 
ATOM   422  N  N   . ASP A 1 52  ? -1.959  3.751   7.529   1.00 31.73  ? 52  ASP A N   1 
ATOM   423  C  CA  . ASP A 1 52  ? -2.644  3.411   8.779   1.00 33.86  ? 52  ASP A CA  1 
ATOM   424  C  C   . ASP A 1 52  ? -4.030  2.917   8.376   1.00 34.91  ? 52  ASP A C   1 
ATOM   425  O  O   . ASP A 1 52  ? -4.923  3.713   8.094   1.00 32.01  ? 52  ASP A O   1 
ATOM   426  C  CB  . ASP A 1 52  ? -2.709  4.664   9.668   1.00 32.49  ? 52  ASP A CB  1 
ATOM   427  C  CG  . ASP A 1 52  ? -3.658  4.538   10.855  1.00 38.87  ? 52  ASP A CG  1 
ATOM   428  O  OD1 . ASP A 1 52  ? -4.171  3.434   11.193  1.00 37.83  ? 52  ASP A OD1 1 
ATOM   429  O  OD2 . ASP A 1 52  ? -3.889  5.598   11.477  1.00 36.38  ? 52  ASP A OD2 1 
ATOM   430  N  N   . ASP A 1 53  ? -4.195  1.599   8.314   1.00 32.64  ? 53  ASP A N   1 
ATOM   431  C  CA  . ASP A 1 53  ? -5.465  0.994   7.912   1.00 31.53  ? 53  ASP A CA  1 
ATOM   432  C  C   . ASP A 1 53  ? -6.248  0.687   9.169   1.00 32.70  ? 53  ASP A C   1 
ATOM   433  O  O   . ASP A 1 53  ? -5.723  0.037   10.075  1.00 33.99  ? 53  ASP A O   1 
ATOM   434  C  CB  . ASP A 1 53  ? -5.209  -0.328  7.165   1.00 35.22  ? 53  ASP A CB  1 
ATOM   435  C  CG  . ASP A 1 53  ? -6.431  -0.826  6.377   1.00 34.25  ? 53  ASP A CG  1 
ATOM   436  O  OD1 . ASP A 1 53  ? -7.593  -0.535  6.749   1.00 30.82  ? 53  ASP A OD1 1 
ATOM   437  O  OD2 . ASP A 1 53  ? -6.234  -1.524  5.360   1.00 32.51  ? 53  ASP A OD2 1 
ATOM   438  N  N   . PRO A 1 54  ? -7.513  1.137   9.234   1.00 29.20  ? 54  PRO A N   1 
ATOM   439  C  CA  . PRO A 1 54  ? -8.318  0.872   10.433  1.00 32.22  ? 54  PRO A CA  1 
ATOM   440  C  C   . PRO A 1 54  ? -8.786  -0.583  10.514  1.00 31.23  ? 54  PRO A C   1 
ATOM   441  O  O   . PRO A 1 54  ? -9.361  -0.964  11.523  1.00 28.53  ? 54  PRO A O   1 
ATOM   442  C  CB  . PRO A 1 54  ? -9.522  1.797   10.248  1.00 32.20  ? 54  PRO A CB  1 
ATOM   443  C  CG  . PRO A 1 54  ? -9.677  1.884   8.719   1.00 30.52  ? 54  PRO A CG  1 
ATOM   444  C  CD  . PRO A 1 54  ? -8.236  1.978   8.255   1.00 31.41  ? 54  PRO A CD  1 
ATOM   445  N  N   . LEU A 1 55  ? -8.529  -1.373  9.477   1.00 30.01  ? 55  LEU A N   1 
ATOM   446  C  CA  . LEU A 1 55  ? -8.881  -2.795  9.466   1.00 34.06  ? 55  LEU A CA  1 
ATOM   447  C  C   . LEU A 1 55  ? -7.666  -3.616  9.062   1.00 34.22  ? 55  LEU A C   1 
ATOM   448  O  O   . LEU A 1 55  ? -6.657  -3.053  8.640   1.00 29.71  ? 55  LEU A O   1 
ATOM   449  C  CB  . LEU A 1 55  ? -10.026 -3.038  8.490   1.00 33.99  ? 55  LEU A CB  1 
ATOM   450  C  CG  . LEU A 1 55  ? -11.284 -2.231  8.794   1.00 30.48  ? 55  LEU A CG  1 
ATOM   451  C  CD1 . LEU A 1 55  ? -12.101 -2.033  7.524   1.00 36.10  ? 55  LEU A CD1 1 
ATOM   452  C  CD2 . LEU A 1 55  ? -12.092 -2.934  9.870   1.00 38.02  ? 55  LEU A CD2 1 
ATOM   453  N  N   . GLU A 1 56  ? -7.766  -4.939  9.172   1.00 28.47  ? 56  GLU A N   1 
ATOM   454  C  CA  . GLU A 1 56  ? -6.652  -5.836  8.861   1.00 30.00  ? 56  GLU A CA  1 
ATOM   455  C  C   . GLU A 1 56  ? -6.347  -5.924  7.373   1.00 27.38  ? 56  GLU A C   1 
ATOM   456  O  O   . GLU A 1 56  ? -7.198  -5.629  6.520   1.00 32.53  ? 56  GLU A O   1 
ATOM   457  C  CB  . GLU A 1 56  ? -6.974  -7.257  9.373   1.00 28.86  ? 56  GLU A CB  1 
ATOM   458  C  CG  . GLU A 1 56  ? -7.329  -7.266  10.833  1.00 30.47  ? 56  GLU A CG  1 
ATOM   459  C  CD  . GLU A 1 56  ? -7.905  -8.599  11.282  1.00 37.58  ? 56  GLU A CD  1 
ATOM   460  O  OE1 . GLU A 1 56  ? -8.082  -9.483  10.419  1.00 33.08  ? 56  GLU A OE1 1 
ATOM   461  O  OE2 . GLU A 1 56  ? -8.191  -8.756  12.493  1.00 33.18  ? 56  GLU A OE2 1 
ATOM   462  N  N   . GLU A 1 57  ? -5.133  -6.355  7.055   1.00 22.91  ? 57  GLU A N   1 
ATOM   463  C  CA  . GLU A 1 57  ? -4.758  -6.624  5.678   1.00 23.95  ? 57  GLU A CA  1 
ATOM   464  C  C   . GLU A 1 57  ? -4.097  -7.998  5.593   1.00 29.25  ? 57  GLU A C   1 
ATOM   465  O  O   . GLU A 1 57  ? -3.147  -8.276  6.319   1.00 29.52  ? 57  GLU A O   1 
ATOM   466  C  CB  . GLU A 1 57  ? -3.802  -5.540  5.152   1.00 28.01  ? 57  GLU A CB  1 
ATOM   467  C  CG  . GLU A 1 57  ? -4.429  -4.171  5.109   1.00 26.76  ? 57  GLU A CG  1 
ATOM   468  C  CD  . GLU A 1 57  ? -3.541  -3.105  4.430   1.00 28.50  ? 57  GLU A CD  1 
ATOM   469  O  OE1 . GLU A 1 57  ? -2.522  -3.416  3.802   1.00 27.84  ? 57  GLU A OE1 1 
ATOM   470  O  OE2 . GLU A 1 57  ? -3.879  -1.931  4.537   1.00 28.03  ? 57  GLU A OE2 1 
ATOM   471  N  N   . PHE A 1 58  ? -4.587  -8.841  4.688   1.00 30.38  ? 58  PHE A N   1 
ATOM   472  C  CA  . PHE A 1 58  ? -3.990  -10.150 4.448   1.00 30.13  ? 58  PHE A CA  1 
ATOM   473  C  C   . PHE A 1 58  ? -3.097  -10.157 3.201   1.00 27.62  ? 58  PHE A C   1 
ATOM   474  O  O   . PHE A 1 58  ? -3.501  -9.686  2.120   1.00 29.84  ? 58  PHE A O   1 
ATOM   475  C  CB  . PHE A 1 58  ? -5.103  -11.200 4.322   1.00 28.98  ? 58  PHE A CB  1 
ATOM   476  C  CG  . PHE A 1 58  ? -4.643  -12.524 3.771   1.00 29.88  ? 58  PHE A CG  1 
ATOM   477  C  CD1 . PHE A 1 58  ? -4.135  -13.505 4.611   1.00 31.16  ? 58  PHE A CD1 1 
ATOM   478  C  CD2 . PHE A 1 58  ? -4.751  -12.798 2.414   1.00 31.74  ? 58  PHE A CD2 1 
ATOM   479  C  CE1 . PHE A 1 58  ? -3.725  -14.739 4.103   1.00 26.88  ? 58  PHE A CE1 1 
ATOM   480  C  CE2 . PHE A 1 58  ? -4.334  -14.020 1.894   1.00 31.91  ? 58  PHE A CE2 1 
ATOM   481  C  CZ  . PHE A 1 58  ? -3.829  -14.996 2.744   1.00 29.01  ? 58  PHE A CZ  1 
ATOM   482  N  N   . PHE A 1 59  ? -1.889  -10.702 3.348   1.00 27.14  ? 59  PHE A N   1 
ATOM   483  C  CA  . PHE A 1 59  ? -0.943  -10.783 2.249   1.00 28.84  ? 59  PHE A CA  1 
ATOM   484  C  C   . PHE A 1 59  ? -0.578  -12.213 1.938   1.00 29.24  ? 59  PHE A C   1 
ATOM   485  O  O   . PHE A 1 59  ? -0.339  -13.004 2.847   1.00 29.36  ? 59  PHE A O   1 
ATOM   486  C  CB  . PHE A 1 59  ? 0.364   -10.084 2.628   1.00 28.78  ? 59  PHE A CB  1 
ATOM   487  C  CG  . PHE A 1 59  ? 0.237   -8.591  2.834   1.00 30.69  ? 59  PHE A CG  1 
ATOM   488  C  CD1 . PHE A 1 59  ? 0.720   -7.715  1.880   1.00 29.27  ? 59  PHE A CD1 1 
ATOM   489  C  CD2 . PHE A 1 59  ? -0.323  -8.072  3.995   1.00 27.76  ? 59  PHE A CD2 1 
ATOM   490  C  CE1 . PHE A 1 59  ? 0.625   -6.340  2.064   1.00 31.29  ? 59  PHE A CE1 1 
ATOM   491  C  CE2 . PHE A 1 59  ? -0.412  -6.700  4.195   1.00 30.26  ? 59  PHE A CE2 1 
ATOM   492  C  CZ  . PHE A 1 59  ? 0.057   -5.831  3.227   1.00 28.34  ? 59  PHE A CZ  1 
ATOM   493  N  N   . TYR A 1 60  ? -0.479  -12.537 0.657   1.00 26.65  ? 60  TYR A N   1 
ATOM   494  C  CA  . TYR A 1 60  ? 0.068   -13.826 0.250   1.00 29.21  ? 60  TYR A CA  1 
ATOM   495  C  C   . TYR A 1 60  ? 0.999   -13.570 -0.924  1.00 31.36  ? 60  TYR A C   1 
ATOM   496  O  O   . TYR A 1 60  ? 0.537   -13.285 -2.026  1.00 28.61  ? 60  TYR A O   1 
ATOM   497  C  CB  . TYR A 1 60  ? -1.070  -14.771 -0.153  1.00 30.67  ? 60  TYR A CB  1 
ATOM   498  C  CG  . TYR A 1 60  ? -0.655  -16.181 -0.508  1.00 33.13  ? 60  TYR A CG  1 
ATOM   499  C  CD1 . TYR A 1 60  ? 0.653   -16.613 -0.356  1.00 31.79  ? 60  TYR A CD1 1 
ATOM   500  C  CD2 . TYR A 1 60  ? -1.581  -17.080 -1.010  1.00 39.06  ? 60  TYR A CD2 1 
ATOM   501  C  CE1 . TYR A 1 60  ? 1.029   -17.913 -0.694  1.00 39.27  ? 60  TYR A CE1 1 
ATOM   502  C  CE2 . TYR A 1 60  ? -1.221  -18.368 -1.349  1.00 40.47  ? 60  TYR A CE2 1 
ATOM   503  C  CZ  . TYR A 1 60  ? 0.083   -18.784 -1.189  1.00 42.18  ? 60  TYR A CZ  1 
ATOM   504  O  OH  . TYR A 1 60  ? 0.437   -20.077 -1.531  1.00 43.05  ? 60  TYR A OH  1 
ATOM   505  N  N   . GLN A 1 61  ? 2.306   -13.676 -0.693  1.00 30.59  ? 61  GLN A N   1 
ATOM   506  C  CA  . GLN A 1 61  ? 3.282   -13.369 -1.746  1.00 32.65  ? 61  GLN A CA  1 
ATOM   507  C  C   . GLN A 1 61  ? 3.446   -14.561 -2.702  1.00 31.09  ? 61  GLN A C   1 
ATOM   508  O  O   . GLN A 1 61  ? 4.144   -15.539 -2.404  1.00 32.84  ? 61  GLN A O   1 
ATOM   509  C  CB  . GLN A 1 61  ? 4.632   -12.931 -1.162  1.00 29.03  ? 61  GLN A CB  1 
ATOM   510  C  CG  . GLN A 1 61  ? 5.631   -12.431 -2.222  1.00 32.04  ? 61  GLN A CG  1 
ATOM   511  C  CD  . GLN A 1 61  ? 5.353   -11.000 -2.652  1.00 30.61  ? 61  GLN A CD  1 
ATOM   512  O  OE1 . GLN A 1 61  ? 4.857   -10.190 -1.863  1.00 27.60  ? 61  GLN A OE1 1 
ATOM   513  N  NE2 . GLN A 1 61  ? 5.669   -10.679 -3.911  1.00 35.27  ? 61  GLN A NE2 1 
ATOM   514  N  N   . LEU A 1 62  ? 2.793   -14.455 -3.856  1.00 28.33  ? 62  LEU A N   1 
ATOM   515  C  CA  . LEU A 1 62  ? 2.665   -15.562 -4.796  1.00 33.29  ? 62  LEU A CA  1 
ATOM   516  C  C   . LEU A 1 62  ? 3.928   -15.781 -5.599  1.00 33.24  ? 62  LEU A C   1 
ATOM   517  O  O   . LEU A 1 62  ? 4.337   -16.919 -5.815  1.00 28.18  ? 62  LEU A O   1 
ATOM   518  C  CB  . LEU A 1 62  ? 1.515   -15.277 -5.748  1.00 32.30  ? 62  LEU A CB  1 
ATOM   519  C  CG  . LEU A 1 62  ? 0.206   -15.019 -5.028  1.00 34.64  ? 62  LEU A CG  1 
ATOM   520  C  CD1 . LEU A 1 62  ? -0.841  -14.487 -5.995  1.00 33.53  ? 62  LEU A CD1 1 
ATOM   521  C  CD2 . LEU A 1 62  ? -0.265  -16.308 -4.367  1.00 33.56  ? 62  LEU A CD2 1 
ATOM   522  N  N   . ARG A 1 63  ? 4.531   -14.681 -6.058  1.00 31.40  ? 63  ARG A N   1 
ATOM   523  C  CA  . ARG A 1 63  ? 5.704   -14.738 -6.912  1.00 34.52  ? 63  ARG A CA  1 
ATOM   524  C  C   . ARG A 1 63  ? 6.631   -13.638 -6.462  1.00 33.40  ? 63  ARG A C   1 
ATOM   525  O  O   . ARG A 1 63  ? 6.172   -12.523 -6.166  1.00 31.94  ? 63  ARG A O   1 
ATOM   526  C  CB  . ARG A 1 63  ? 5.340   -14.445 -8.369  1.00 34.91  ? 63  ARG A CB  1 
ATOM   527  C  CG  . ARG A 1 63  ? 4.213   -15.295 -8.951  1.00 38.38  ? 63  ARG A CG  1 
ATOM   528  C  CD  . ARG A 1 63  ? 3.926   -14.932 -10.417 1.00 41.27  ? 63  ARG A CD  1 
ATOM   529  N  NE  . ARG A 1 63  ? 2.929   -15.841 -10.984 1.00 44.73  ? 63  ARG A NE  1 
ATOM   530  C  CZ  . ARG A 1 63  ? 2.512   -15.843 -12.246 1.00 48.76  ? 63  ARG A CZ  1 
ATOM   531  N  NH1 . ARG A 1 63  ? 2.996   -14.975 -13.124 1.00 42.84  ? 63  ARG A NH1 1 
ATOM   532  N  NH2 . ARG A 1 63  ? 1.599   -16.735 -12.625 1.00 47.16  ? 63  ARG A NH2 1 
ATOM   533  N  N   . GLY A 1 64  ? 7.923   -13.942 -6.415  1.00 33.48  ? 64  GLY A N   1 
ATOM   534  C  CA  . GLY A 1 64  ? 8.917   -12.915 -6.140  1.00 36.11  ? 64  GLY A CA  1 
ATOM   535  C  C   . GLY A 1 64  ? 8.977   -12.634 -4.657  1.00 35.62  ? 64  GLY A C   1 
ATOM   536  O  O   . GLY A 1 64  ? 8.403   -13.387 -3.875  1.00 29.84  ? 64  GLY A O   1 
ATOM   537  N  N   . ASN A 1 65  ? 9.666   -11.564 -4.270  1.00 29.75  ? 65  ASN A N   1 
ATOM   538  C  CA  . ASN A 1 65  ? 9.825   -11.208 -2.860  1.00 33.43  ? 65  ASN A CA  1 
ATOM   539  C  C   . ASN A 1 65  ? 9.515   -9.739  -2.662  1.00 32.85  ? 65  ASN A C   1 
ATOM   540  O  O   . ASN A 1 65  ? 9.663   -8.960  -3.589  1.00 30.56  ? 65  ASN A O   1 
ATOM   541  C  CB  . ASN A 1 65  ? 11.259  -11.476 -2.405  1.00 36.82  ? 65  ASN A CB  1 
ATOM   542  C  CG  . ASN A 1 65  ? 11.724  -12.869 -2.750  1.00 37.47  ? 65  ASN A CG  1 
ATOM   543  O  OD1 . ASN A 1 65  ? 11.430  -13.826 -2.029  1.00 34.10  ? 65  ASN A OD1 1 
ATOM   544  N  ND2 . ASN A 1 65  ? 12.449  -12.996 -3.859  1.00 35.66  ? 65  ASN A ND2 1 
ATOM   545  N  N   . ALA A 1 66  ? 9.097   -9.367  -1.454  1.00 33.03  ? 66  ALA A N   1 
ATOM   546  C  CA  . ALA A 1 66  ? 8.828   -7.973  -1.127  1.00 34.57  ? 66  ALA A CA  1 
ATOM   547  C  C   . ALA A 1 66  ? 9.046   -7.810  0.362   1.00 35.39  ? 66  ALA A C   1 
ATOM   548  O  O   . ALA A 1 66  ? 9.268   -8.799  1.058   1.00 32.45  ? 66  ALA A O   1 
ATOM   549  C  CB  . ALA A 1 66  ? 7.416   -7.607  -1.502  1.00 32.66  ? 66  ALA A CB  1 
ATOM   550  N  N   . TYR A 1 67  ? 8.973   -6.578  0.855   1.00 31.55  ? 67  TYR A N   1 
ATOM   551  C  CA  . TYR A 1 67  ? 9.018   -6.340  2.305   1.00 32.29  ? 67  TYR A CA  1 
ATOM   552  C  C   . TYR A 1 67  ? 8.166   -5.142  2.718   1.00 31.29  ? 67  TYR A C   1 
ATOM   553  O  O   . TYR A 1 67  ? 7.869   -4.264  1.908   1.00 34.41  ? 67  TYR A O   1 
ATOM   554  C  CB  . TYR A 1 67  ? 10.456  -6.180  2.826   1.00 35.73  ? 67  TYR A CB  1 
ATOM   555  C  CG  . TYR A 1 67  ? 11.287  -5.109  2.125   1.00 35.38  ? 67  TYR A CG  1 
ATOM   556  C  CD1 . TYR A 1 67  ? 11.915  -5.375  0.915   1.00 34.79  ? 67  TYR A CD1 1 
ATOM   557  C  CD2 . TYR A 1 67  ? 11.452  -3.851  2.683   1.00 37.21  ? 67  TYR A CD2 1 
ATOM   558  C  CE1 . TYR A 1 67  ? 12.677  -4.418  0.279   1.00 38.02  ? 67  TYR A CE1 1 
ATOM   559  C  CE2 . TYR A 1 67  ? 12.224  -2.866  2.046   1.00 37.18  ? 67  TYR A CE2 1 
ATOM   560  C  CZ  . TYR A 1 67  ? 12.821  -3.163  0.846   1.00 36.61  ? 67  TYR A CZ  1 
ATOM   561  O  OH  . TYR A 1 67  ? 13.574  -2.219  0.204   1.00 41.08  ? 67  TYR A OH  1 
ATOM   562  N  N   . LEU A 1 68  ? 7.784   -5.113  3.988   1.00 28.66  ? 68  LEU A N   1 
ATOM   563  C  CA  . LEU A 1 68  ? 6.998   -4.022  4.516   1.00 32.02  ? 68  LEU A CA  1 
ATOM   564  C  C   . LEU A 1 68  ? 7.853   -3.321  5.549   1.00 35.96  ? 68  LEU A C   1 
ATOM   565  O  O   . LEU A 1 68  ? 8.223   -3.929  6.558   1.00 36.58  ? 68  LEU A O   1 
ATOM   566  C  CB  . LEU A 1 68  ? 5.730   -4.543  5.199   1.00 34.51  ? 68  LEU A CB  1 
ATOM   567  C  CG  . LEU A 1 68  ? 4.753   -5.408  4.397   1.00 34.42  ? 68  LEU A CG  1 
ATOM   568  C  CD1 . LEU A 1 68  ? 3.702   -6.060  5.283   1.00 35.91  ? 68  LEU A CD1 1 
ATOM   569  C  CD2 . LEU A 1 68  ? 4.064   -4.577  3.372   1.00 35.00  ? 68  LEU A CD2 1 
ATOM   570  N  N   . ASN A 1 69  ? 8.175   -2.052  5.305   1.00 32.44  ? 69  ASN A N   1 
ATOM   571  C  CA  . ASN A 1 69  ? 8.701   -1.226  6.375   1.00 32.59  ? 69  ASN A CA  1 
ATOM   572  C  C   . ASN A 1 69  ? 7.557   -0.907  7.328   1.00 32.71  ? 69  ASN A C   1 
ATOM   573  O  O   . ASN A 1 69  ? 6.470   -0.529  6.889   1.00 32.74  ? 69  ASN A O   1 
ATOM   574  C  CB  . ASN A 1 69  ? 9.353   0.041   5.795   1.00 35.76  ? 69  ASN A CB  1 
ATOM   575  C  CG  . ASN A 1 69  ? 10.618  -0.275  5.021   1.00 35.90  ? 69  ASN A CG  1 
ATOM   576  O  OD1 . ASN A 1 69  ? 11.424  -1.103  5.453   1.00 39.81  ? 69  ASN A OD1 1 
ATOM   577  N  ND2 . ASN A 1 69  ? 10.792  0.358   3.867   1.00 34.64  ? 69  ASN A ND2 1 
ATOM   578  N  N   . LEU A 1 70  ? 7.792   -1.089  8.625   1.00 30.02  ? 70  LEU A N   1 
ATOM   579  C  CA  . LEU A 1 70  ? 6.757   -0.932  9.638   1.00 34.79  ? 70  LEU A CA  1 
ATOM   580  C  C   . LEU A 1 70  ? 7.244   -0.031  10.763  1.00 36.23  ? 70  LEU A C   1 
ATOM   581  O  O   . LEU A 1 70  ? 8.451   0.179   10.916  1.00 35.99  ? 70  LEU A O   1 
ATOM   582  C  CB  . LEU A 1 70  ? 6.444   -2.290  10.268  1.00 36.89  ? 70  LEU A CB  1 
ATOM   583  C  CG  . LEU A 1 70  ? 6.059   -3.465  9.381   1.00 35.08  ? 70  LEU A CG  1 
ATOM   584  C  CD1 . LEU A 1 70  ? 6.218   -4.778  10.143  1.00 40.91  ? 70  LEU A CD1 1 
ATOM   585  C  CD2 . LEU A 1 70  ? 4.627   -3.304  8.921   1.00 33.96  ? 70  LEU A CD2 1 
ATOM   586  N  N   . TRP A 1 71  ? 6.296   0.485   11.542  1.00 36.31  ? 71  TRP A N   1 
ATOM   587  C  CA  . TRP A 1 71  ? 6.568   0.968   12.893  1.00 41.07  ? 71  TRP A CA  1 
ATOM   588  C  C   . TRP A 1 71  ? 5.947   -0.023  13.880  1.00 42.26  ? 71  TRP A C   1 
ATOM   589  O  O   . TRP A 1 71  ? 4.728   -0.193  13.907  1.00 40.71  ? 71  TRP A O   1 
ATOM   590  C  CB  . TRP A 1 71  ? 5.927   2.328   13.128  1.00 39.50  ? 71  TRP A CB  1 
ATOM   591  C  CG  . TRP A 1 71  ? 6.613   3.440   12.413  1.00 41.55  ? 71  TRP A CG  1 
ATOM   592  C  CD1 . TRP A 1 71  ? 6.263   3.979   11.214  1.00 39.26  ? 71  TRP A CD1 1 
ATOM   593  C  CD2 . TRP A 1 71  ? 7.773   4.155   12.854  1.00 42.00  ? 71  TRP A CD2 1 
ATOM   594  N  NE1 . TRP A 1 71  ? 7.140   4.985   10.877  1.00 40.33  ? 71  TRP A NE1 1 
ATOM   595  C  CE2 . TRP A 1 71  ? 8.076   5.111   11.867  1.00 40.80  ? 71  TRP A CE2 1 
ATOM   596  C  CE3 . TRP A 1 71  ? 8.593   4.070   13.981  1.00 44.72  ? 71  TRP A CE3 1 
ATOM   597  C  CZ2 . TRP A 1 71  ? 9.157   5.984   11.977  1.00 44.30  ? 71  TRP A CZ2 1 
ATOM   598  C  CZ3 . TRP A 1 71  ? 9.669   4.939   14.088  1.00 48.38  ? 71  TRP A CZ3 1 
ATOM   599  C  CH2 . TRP A 1 71  ? 9.936   5.886   13.096  1.00 44.74  ? 71  TRP A CH2 1 
ATOM   600  N  N   . VAL A 1 72  ? 6.780   -0.671  14.685  1.00 45.22  ? 72  VAL A N   1 
ATOM   601  C  CA  . VAL A 1 72  ? 6.294   -1.559  15.739  1.00 48.42  ? 72  VAL A CA  1 
ATOM   602  C  C   . VAL A 1 72  ? 6.831   -1.089  17.081  1.00 52.08  ? 72  VAL A C   1 
ATOM   603  O  O   . VAL A 1 72  ? 8.055   -1.053  17.282  1.00 52.09  ? 72  VAL A O   1 
ATOM   604  C  CB  . VAL A 1 72  ? 6.772   -3.003  15.536  1.00 50.32  ? 72  VAL A CB  1 
ATOM   605  C  CG1 . VAL A 1 72  ? 6.059   -3.937  16.515  1.00 53.05  ? 72  VAL A CG1 1 
ATOM   606  C  CG2 . VAL A 1 72  ? 6.526   -3.447  14.115  1.00 51.38  ? 72  VAL A CG2 1 
ATOM   607  N  N   . ASP A 1 73  ? 5.928   -0.712  17.985  1.00 51.27  ? 73  ASP A N   1 
ATOM   608  C  CA  . ASP A 1 73  ? 6.317   -0.410  19.358  1.00 57.32  ? 73  ASP A CA  1 
ATOM   609  C  C   . ASP A 1 73  ? 7.330   0.748   19.415  1.00 57.39  ? 73  ASP A C   1 
ATOM   610  O  O   . ASP A 1 73  ? 8.282   0.714   20.195  1.00 60.82  ? 73  ASP A O   1 
ATOM   611  C  CB  . ASP A 1 73  ? 6.882   -1.683  20.005  1.00 60.72  ? 73  ASP A CB  1 
ATOM   612  C  CG  . ASP A 1 73  ? 6.990   -1.590  21.505  1.00 66.84  ? 73  ASP A CG  1 
ATOM   613  O  OD1 . ASP A 1 73  ? 6.290   -0.749  22.112  1.00 66.67  ? 73  ASP A OD1 1 
ATOM   614  O  OD2 . ASP A 1 73  ? 7.774   -2.382  22.076  1.00 69.40  ? 73  ASP A OD2 1 
ATOM   615  N  N   . GLY A 1 74  ? 7.125   1.759   18.572  1.00 55.32  ? 74  GLY A N   1 
ATOM   616  C  CA  . GLY A 1 74  ? 7.961   2.952   18.568  1.00 52.69  ? 74  GLY A CA  1 
ATOM   617  C  C   . GLY A 1 74  ? 9.272   2.811   17.818  1.00 50.79  ? 74  GLY A C   1 
ATOM   618  O  O   . GLY A 1 74  ? 10.090  3.742   17.791  1.00 48.72  ? 74  GLY A O   1 
ATOM   619  N  N   . ARG A 1 75  ? 9.484   1.647   17.206  1.00 48.17  ? 75  ARG A N   1 
ATOM   620  C  CA  . ARG A 1 75  ? 10.720  1.388   16.474  1.00 50.14  ? 75  ARG A CA  1 
ATOM   621  C  C   . ARG A 1 75  ? 10.436  1.081   15.012  1.00 47.62  ? 75  ARG A C   1 
ATOM   622  O  O   . ARG A 1 75  ? 9.380   0.540   14.690  1.00 46.30  ? 75  ARG A O   1 
ATOM   623  C  CB  . ARG A 1 75  ? 11.459  0.198   17.102  1.00 53.33  ? 75  ARG A CB  1 
ATOM   624  N  N   . ARG A 1 76  ? 11.371  1.411   14.126  1.00 44.31  ? 76  ARG A N   1 
ATOM   625  C  CA  . ARG A 1 76  ? 11.246  0.984   12.739  1.00 44.61  ? 76  ARG A CA  1 
ATOM   626  C  C   . ARG A 1 76  ? 11.625  -0.493  12.633  1.00 48.77  ? 76  ARG A C   1 
ATOM   627  O  O   . ARG A 1 76  ? 12.662  -0.914  13.152  1.00 48.34  ? 76  ARG A O   1 
ATOM   628  C  CB  . ARG A 1 76  ? 12.131  1.826   11.826  1.00 46.90  ? 76  ARG A CB  1 
ATOM   629  C  CG  . ARG A 1 76  ? 12.186  3.289   12.238  1.00 48.65  ? 76  ARG A CG  1 
ATOM   630  C  CD  . ARG A 1 76  ? 12.683  4.189   11.124  1.00 50.77  ? 76  ARG A CD  1 
ATOM   631  N  NE  . ARG A 1 76  ? 11.573  4.695   10.319  1.00 53.64  ? 76  ARG A NE  1 
ATOM   632  C  CZ  . ARG A 1 76  ? 11.689  5.623   9.377   1.00 51.09  ? 76  ARG A CZ  1 
ATOM   633  N  NH1 . ARG A 1 76  ? 12.874  6.163   9.112   1.00 56.89  ? 76  ARG A NH1 1 
ATOM   634  N  NH2 . ARG A 1 76  ? 10.615  6.017   8.702   1.00 47.38  ? 76  ARG A NH2 1 
ATOM   635  N  N   . GLU A 1 77  ? 10.764  -1.275  11.986  1.00 44.41  ? 77  GLU A N   1 
ATOM   636  C  CA  . GLU A 1 77  ? 11.014  -2.698  11.763  1.00 45.89  ? 77  GLU A CA  1 
ATOM   637  C  C   . GLU A 1 77  ? 10.699  -3.083  10.323  1.00 42.18  ? 77  GLU A C   1 
ATOM   638  O  O   . GLU A 1 77  ? 10.212  -2.265  9.543   1.00 42.06  ? 77  GLU A O   1 
ATOM   639  C  CB  . GLU A 1 77  ? 10.177  -3.544  12.726  1.00 47.40  ? 77  GLU A CB  1 
ATOM   640  C  CG  . GLU A 1 77  ? 10.619  -3.459  14.180  1.00 57.59  ? 77  GLU A CG  1 
ATOM   641  C  CD  . GLU A 1 77  ? 11.908  -4.221  14.459  1.00 64.70  ? 77  GLU A CD  1 
ATOM   642  O  OE1 . GLU A 1 77  ? 12.338  -5.019  13.590  1.00 63.61  ? 77  GLU A OE1 1 
ATOM   643  O  OE2 . GLU A 1 77  ? 12.487  -4.024  15.555  1.00 66.78  ? 77  GLU A OE2 1 
ATOM   644  N  N   . ARG A 1 78  ? 10.997  -4.322  9.961   1.00 39.18  ? 78  ARG A N   1 
ATOM   645  C  CA  . ARG A 1 78  ? 10.737  -4.782  8.607   1.00 40.75  ? 78  ARG A CA  1 
ATOM   646  C  C   . ARG A 1 78  ? 10.113  -6.163  8.678   1.00 39.36  ? 78  ARG A C   1 
ATOM   647  O  O   . ARG A 1 78  ? 10.598  -7.028  9.414   1.00 40.99  ? 78  ARG A O   1 
ATOM   648  C  CB  . ARG A 1 78  ? 12.035  -4.851  7.811   1.00 42.35  ? 78  ARG A CB  1 
ATOM   649  C  CG  . ARG A 1 78  ? 11.849  -4.998  6.307   1.00 42.73  ? 78  ARG A CG  1 
ATOM   650  C  CD  . ARG A 1 78  ? 13.190  -5.253  5.625   1.00 45.05  ? 78  ARG A CD  1 
ATOM   651  N  NE  . ARG A 1 78  ? 13.767  -6.509  6.096   1.00 45.41  ? 78  ARG A NE  1 
ATOM   652  C  CZ  . ARG A 1 78  ? 14.978  -6.634  6.632   1.00 52.82  ? 78  ARG A CZ  1 
ATOM   653  N  NH1 . ARG A 1 78  ? 15.771  -5.575  6.748   1.00 47.39  ? 78  ARG A NH1 1 
ATOM   654  N  NH2 . ARG A 1 78  ? 15.400  -7.825  7.038   1.00 53.11  ? 78  ARG A NH2 1 
ATOM   655  N  N   . ALA A 1 79  ? 9.018   -6.361  7.954   1.00 36.35  ? 79  ALA A N   1 
ATOM   656  C  CA  . ALA A 1 79  ? 8.465   -7.707  7.813   1.00 39.12  ? 79  ALA A CA  1 
ATOM   657  C  C   . ALA A 1 79  ? 8.771   -8.138  6.390   1.00 35.63  ? 79  ALA A C   1 
ATOM   658  O  O   . ALA A 1 79  ? 8.302   -7.509  5.439   1.00 33.77  ? 79  ALA A O   1 
ATOM   659  C  CB  . ALA A 1 79  ? 6.956   -7.731  8.083   1.00 35.20  ? 79  ALA A CB  1 
ATOM   660  N  N   . ASP A 1 80  ? 9.573   -9.191  6.246   1.00 38.79  ? 80  ASP A N   1 
ATOM   661  C  CA  . ASP A 1 80  ? 9.957   -9.697  4.929   1.00 35.52  ? 80  ASP A CA  1 
ATOM   662  C  C   . ASP A 1 80  ? 8.896   -10.624 4.336   1.00 35.13  ? 80  ASP A C   1 
ATOM   663  O  O   . ASP A 1 80  ? 8.494   -11.606 4.965   1.00 36.44  ? 80  ASP A O   1 
ATOM   664  C  CB  . ASP A 1 80  ? 11.304  -10.425 5.020   1.00 37.97  ? 80  ASP A CB  1 
ATOM   665  C  CG  . ASP A 1 80  ? 12.466  -9.474  5.311   1.00 48.58  ? 80  ASP A CG  1 
ATOM   666  O  OD1 . ASP A 1 80  ? 12.888  -8.745  4.380   1.00 44.09  ? 80  ASP A OD1 1 
ATOM   667  O  OD2 . ASP A 1 80  ? 12.953  -9.461  6.466   1.00 52.08  ? 80  ASP A OD2 1 
ATOM   668  N  N   . LEU A 1 81  ? 8.443   -10.308 3.127   1.00 30.25  ? 81  LEU A N   1 
ATOM   669  C  CA  . LEU A 1 81  ? 7.487   -11.153 2.416   1.00 36.06  ? 81  LEU A CA  1 
ATOM   670  C  C   . LEU A 1 81  ? 8.176   -11.958 1.330   1.00 36.01  ? 81  LEU A C   1 
ATOM   671  O  O   . LEU A 1 81  ? 8.135   -11.587 0.140   1.00 35.22  ? 81  LEU A O   1 
ATOM   672  C  CB  . LEU A 1 81  ? 6.369   -10.317 1.800   1.00 29.89  ? 81  LEU A CB  1 
ATOM   673  C  CG  . LEU A 1 81  ? 5.421   -9.729  2.819   1.00 31.80  ? 81  LEU A CG  1 
ATOM   674  C  CD1 . LEU A 1 81  ? 4.445   -8.780  2.138   1.00 34.60  ? 81  LEU A CD1 1 
ATOM   675  C  CD2 . LEU A 1 81  ? 4.660   -10.868 3.516   1.00 34.95  ? 81  LEU A CD2 1 
ATOM   676  N  N   . LYS A 1 82  ? 8.804   -13.062 1.731   1.00 31.78  ? 82  LYS A N   1 
ATOM   677  C  CA  . LYS A 1 82  ? 9.509   -13.896 0.773   1.00 34.79  ? 82  LYS A CA  1 
ATOM   678  C  C   . LYS A 1 82  ? 8.479   -14.677 -0.016  1.00 36.16  ? 82  LYS A C   1 
ATOM   679  O  O   . LYS A 1 82  ? 7.340   -14.842 0.434   1.00 34.44  ? 82  LYS A O   1 
ATOM   680  C  CB  . LYS A 1 82  ? 10.491  -14.826 1.490   1.00 38.49  ? 82  LYS A CB  1 
ATOM   681  C  CG  . LYS A 1 82  ? 11.633  -14.074 2.173   1.00 42.82  ? 82  LYS A CG  1 
ATOM   682  C  CD  . LYS A 1 82  ? 12.375  -14.942 3.181   1.00 51.50  ? 82  LYS A CD  1 
ATOM   683  C  CE  . LYS A 1 82  ? 13.238  -14.080 4.108   1.00 55.16  ? 82  LYS A CE  1 
ATOM   684  N  NZ  . LYS A 1 82  ? 14.129  -13.155 3.361   1.00 49.53  ? 82  LYS A NZ  1 
ATOM   685  N  N   . GLU A 1 83  ? 8.861   -15.140 -1.200  1.00 35.88  ? 83  GLU A N   1 
ATOM   686  C  CA  . GLU A 1 83  ? 7.919   -15.839 -2.041  1.00 32.52  ? 83  GLU A CA  1 
ATOM   687  C  C   . GLU A 1 83  ? 7.336   -17.017 -1.274  1.00 35.52  ? 83  GLU A C   1 
ATOM   688  O  O   . GLU A 1 83  ? 8.078   -17.769 -0.621  1.00 36.26  ? 83  GLU A O   1 
ATOM   689  C  CB  . GLU A 1 83  ? 8.591   -16.340 -3.311  1.00 34.44  ? 83  GLU A CB  1 
ATOM   690  C  CG  . GLU A 1 83  ? 7.599   -16.940 -4.292  1.00 38.40  ? 83  GLU A CG  1 
ATOM   691  C  CD  . GLU A 1 83  ? 8.249   -17.456 -5.557  1.00 42.87  ? 83  GLU A CD  1 
ATOM   692  O  OE1 . GLU A 1 83  ? 8.368   -18.696 -5.681  1.00 47.81  ? 83  GLU A OE1 1 
ATOM   693  O  OE2 . GLU A 1 83  ? 8.615   -16.633 -6.435  1.00 37.72  ? 83  GLU A OE2 1 
ATOM   694  N  N   . GLY A 1 84  ? 6.009   -17.132 -1.308  1.00 34.36  ? 84  GLY A N   1 
ATOM   695  C  CA  . GLY A 1 84  ? 5.301   -18.203 -0.612  1.00 32.98  ? 84  GLY A CA  1 
ATOM   696  C  C   . GLY A 1 84  ? 4.827   -17.812 0.780   1.00 34.37  ? 84  GLY A C   1 
ATOM   697  O  O   . GLY A 1 84  ? 4.091   -18.572 1.411   1.00 36.04  ? 84  GLY A O   1 
ATOM   698  N  N   . ASP A 1 85  ? 5.235   -16.639 1.275   1.00 31.58  ? 85  ASP A N   1 
ATOM   699  C  CA  . ASP A 1 85  ? 4.855   -16.219 2.625   1.00 31.33  ? 85  ASP A CA  1 
ATOM   700  C  C   . ASP A 1 85  ? 3.417   -15.705 2.685   1.00 33.00  ? 85  ASP A C   1 
ATOM   701  O  O   . ASP A 1 85  ? 2.935   -15.100 1.722   1.00 31.82  ? 85  ASP A O   1 
ATOM   702  C  CB  . ASP A 1 85  ? 5.755   -15.090 3.142   1.00 35.50  ? 85  ASP A CB  1 
ATOM   703  C  CG  . ASP A 1 85  ? 7.094   -15.574 3.691   1.00 39.70  ? 85  ASP A CG  1 
ATOM   704  O  OD1 . ASP A 1 85  ? 7.230   -16.764 4.037   1.00 35.78  ? 85  ASP A OD1 1 
ATOM   705  O  OD2 . ASP A 1 85  ? 8.016   -14.727 3.794   1.00 38.54  ? 85  ASP A OD2 1 
ATOM   706  N  N   . ILE A 1 86  ? 2.748   -15.933 3.822   1.00 29.74  ? 86  ILE A N   1 
ATOM   707  C  CA  . ILE A 1 86  ? 1.502   -15.229 4.136   1.00 28.45  ? 86  ILE A CA  1 
ATOM   708  C  C   . ILE A 1 86  ? 1.678   -14.437 5.421   1.00 29.31  ? 86  ILE A C   1 
ATOM   709  O  O   . ILE A 1 86  ? 2.599   -14.710 6.208   1.00 30.80  ? 86  ILE A O   1 
ATOM   710  C  CB  . ILE A 1 86  ? 0.265   -16.152 4.256   1.00 32.70  ? 86  ILE A CB  1 
ATOM   711  C  CG1 . ILE A 1 86  ? 0.392   -17.075 5.458   1.00 29.23  ? 86  ILE A CG1 1 
ATOM   712  C  CG2 . ILE A 1 86  ? 0.074   -16.939 2.974   1.00 33.78  ? 86  ILE A CG2 1 
ATOM   713  C  CD1 . ILE A 1 86  ? -0.906  -17.885 5.739   1.00 34.09  ? 86  ILE A CD1 1 
ATOM   714  N  N   . PHE A 1 87  ? 0.796   -13.465 5.628   1.00 28.24  ? 87  PHE A N   1 
ATOM   715  C  CA  . PHE A 1 87  ? 0.950   -12.480 6.691   1.00 30.44  ? 87  PHE A CA  1 
ATOM   716  C  C   . PHE A 1 87  ? -0.381  -11.802 6.934   1.00 28.72  ? 87  PHE A C   1 
ATOM   717  O  O   . PHE A 1 87  ? -1.086  -11.482 5.971   1.00 31.51  ? 87  PHE A O   1 
ATOM   718  C  CB  . PHE A 1 87  ? 1.975   -11.424 6.247   1.00 30.20  ? 87  PHE A CB  1 
ATOM   719  C  CG  . PHE A 1 87  ? 2.216   -10.336 7.260   1.00 31.13  ? 87  PHE A CG  1 
ATOM   720  C  CD1 . PHE A 1 87  ? 2.475   -10.642 8.589   1.00 31.60  ? 87  PHE A CD1 1 
ATOM   721  C  CD2 . PHE A 1 87  ? 2.244   -9.002  6.866   1.00 32.07  ? 87  PHE A CD2 1 
ATOM   722  C  CE1 . PHE A 1 87  ? 2.713   -9.641  9.517   1.00 33.02  ? 87  PHE A CE1 1 
ATOM   723  C  CE2 . PHE A 1 87  ? 2.476   -7.998  7.782   1.00 29.16  ? 87  PHE A CE2 1 
ATOM   724  C  CZ  . PHE A 1 87  ? 2.717   -8.314  9.112   1.00 35.13  ? 87  PHE A CZ  1 
ATOM   725  N  N   . LEU A 1 88  ? -0.734  -11.584 8.202   1.00 25.91  ? 88  LEU A N   1 
ATOM   726  C  CA  . LEU A 1 88  ? -1.945  -10.849 8.546   1.00 24.34  ? 88  LEU A CA  1 
ATOM   727  C  C   . LEU A 1 88  ? -1.522  -9.647  9.364   1.00 30.66  ? 88  LEU A C   1 
ATOM   728  O  O   . LEU A 1 88  ? -0.846  -9.793  10.387  1.00 30.35  ? 88  LEU A O   1 
ATOM   729  C  CB  . LEU A 1 88  ? -2.903  -11.723 9.357   1.00 31.64  ? 88  LEU A CB  1 
ATOM   730  C  CG  . LEU A 1 88  ? -4.309  -11.153 9.564   1.00 31.17  ? 88  LEU A CG  1 
ATOM   731  C  CD1 . LEU A 1 88  ? -5.011  -10.892 8.224   1.00 30.76  ? 88  LEU A CD1 1 
ATOM   732  C  CD2 . LEU A 1 88  ? -5.146  -12.085 10.448  1.00 35.43  ? 88  LEU A CD2 1 
ATOM   733  N  N   . LEU A 1 89  ? -1.872  -8.450  8.897   1.00 29.34  ? 89  LEU A N   1 
ATOM   734  C  CA  . LEU A 1 89  ? -1.429  -7.225  9.558   1.00 27.12  ? 89  LEU A CA  1 
ATOM   735  C  C   . LEU A 1 89  ? -2.575  -6.705  10.427  1.00 28.54  ? 89  LEU A C   1 
ATOM   736  O  O   . LEU A 1 89  ? -3.706  -6.598  9.960   1.00 33.28  ? 89  LEU A O   1 
ATOM   737  C  CB  . LEU A 1 89  ? -1.048  -6.198  8.490   1.00 28.40  ? 89  LEU A CB  1 
ATOM   738  C  CG  . LEU A 1 89  ? -0.512  -4.858  8.963   1.00 28.43  ? 89  LEU A CG  1 
ATOM   739  C  CD1 . LEU A 1 89  ? 0.922   -5.027  9.452   1.00 29.54  ? 89  LEU A CD1 1 
ATOM   740  C  CD2 . LEU A 1 89  ? -0.573  -3.867  7.810   1.00 32.34  ? 89  LEU A CD2 1 
ATOM   741  N  N   . PRO A 1 90  ? -2.308  -6.432  11.713  1.00 30.32  ? 90  PRO A N   1 
ATOM   742  C  CA  . PRO A 1 90  ? -3.392  -5.910  12.563  1.00 32.04  ? 90  PRO A CA  1 
ATOM   743  C  C   . PRO A 1 90  ? -3.757  -4.466  12.176  1.00 31.85  ? 90  PRO A C   1 
ATOM   744  O  O   . PRO A 1 90  ? -2.926  -3.781  11.586  1.00 32.52  ? 90  PRO A O   1 
ATOM   745  C  CB  . PRO A 1 90  ? -2.775  -5.916  13.966  1.00 33.41  ? 90  PRO A CB  1 
ATOM   746  C  CG  . PRO A 1 90  ? -1.502  -6.691  13.857  1.00 34.57  ? 90  PRO A CG  1 
ATOM   747  C  CD  . PRO A 1 90  ? -1.045  -6.598  12.449  1.00 30.23  ? 90  PRO A CD  1 
ATOM   748  N  N   . PRO A 1 91  ? -4.981  -4.014  12.506  1.00 32.47  ? 91  PRO A N   1 
ATOM   749  C  CA  . PRO A 1 91  ? -5.377  -2.639  12.167  1.00 31.63  ? 91  PRO A CA  1 
ATOM   750  C  C   . PRO A 1 91  ? -4.388  -1.630  12.751  1.00 32.98  ? 91  PRO A C   1 
ATOM   751  O  O   . PRO A 1 91  ? -3.815  -1.910  13.813  1.00 31.85  ? 91  PRO A O   1 
ATOM   752  C  CB  . PRO A 1 91  ? -6.728  -2.488  12.870  1.00 32.95  ? 91  PRO A CB  1 
ATOM   753  C  CG  . PRO A 1 91  ? -7.257  -3.910  13.023  1.00 34.54  ? 91  PRO A CG  1 
ATOM   754  C  CD  . PRO A 1 91  ? -6.038  -4.752  13.227  1.00 32.98  ? 91  PRO A CD  1 
ATOM   755  N  N   . HIS A 1 92  ? -4.151  -0.516  12.054  1.00 34.74  ? 92  HIS A N   1 
ATOM   756  C  CA  . HIS A 1 92  ? -3.409  0.639   12.591  1.00 34.46  ? 92  HIS A CA  1 
ATOM   757  C  C   . HIS A 1 92  ? -1.881  0.512   12.662  1.00 36.40  ? 92  HIS A C   1 
ATOM   758  O  O   . HIS A 1 92  ? -1.195  1.497   12.959  1.00 38.16  ? 92  HIS A O   1 
ATOM   759  C  CB  . HIS A 1 92  ? -3.974  1.127   13.950  1.00 32.12  ? 92  HIS A CB  1 
ATOM   760  C  CG  . HIS A 1 92  ? -5.427  1.519   13.908  1.00 34.66  ? 92  HIS A CG  1 
ATOM   761  N  ND1 . HIS A 1 92  ? -5.899  2.563   13.141  1.00 37.80  ? 92  HIS A ND1 1 
ATOM   762  C  CD2 . HIS A 1 92  ? -6.508  1.002   14.540  1.00 33.83  ? 92  HIS A CD2 1 
ATOM   763  C  CE1 . HIS A 1 92  ? -7.207  2.668   13.299  1.00 37.16  ? 92  HIS A CE1 1 
ATOM   764  N  NE2 . HIS A 1 92  ? -7.603  1.734   14.144  1.00 36.40  ? 92  HIS A NE2 1 
ATOM   765  N  N   . VAL A 1 93  ? -1.341  -0.667  12.375  1.00 30.79  ? 93  VAL A N   1 
ATOM   766  C  CA  . VAL A 1 93  ? 0.110   -0.816  12.315  1.00 29.83  ? 93  VAL A CA  1 
ATOM   767  C  C   . VAL A 1 93  ? 0.627   -0.124  11.050  1.00 30.67  ? 93  VAL A C   1 
ATOM   768  O  O   . VAL A 1 93  ? 0.245   -0.487  9.939   1.00 27.68  ? 93  VAL A O   1 
ATOM   769  C  CB  . VAL A 1 93  ? 0.534   -2.294  12.319  1.00 32.98  ? 93  VAL A CB  1 
ATOM   770  C  CG1 . VAL A 1 93  ? 2.057   -2.415  12.211  1.00 30.13  ? 93  VAL A CG1 1 
ATOM   771  C  CG2 . VAL A 1 93  ? 0.013   -2.982  13.579  1.00 29.51  ? 93  VAL A CG2 1 
ATOM   772  N  N   . ARG A 1 94  ? 1.483   0.885   11.211  1.00 31.09  ? 94  ARG A N   1 
ATOM   773  C  CA  . ARG A 1 94  ? 1.905   1.671   10.056  1.00 28.19  ? 94  ARG A CA  1 
ATOM   774  C  C   . ARG A 1 94  ? 2.804   0.819   9.171   1.00 28.92  ? 94  ARG A C   1 
ATOM   775  O  O   . ARG A 1 94  ? 3.715   0.143   9.666   1.00 32.58  ? 94  ARG A O   1 
ATOM   776  C  CB  . ARG A 1 94  ? 2.646   2.944   10.500  1.00 30.65  ? 94  ARG A CB  1 
ATOM   777  C  CG  . ARG A 1 94  ? 1.934   3.753   11.593  1.00 35.01  ? 94  ARG A CG  1 
ATOM   778  C  CD  . ARG A 1 94  ? 0.565   4.209   11.161  1.00 39.00  ? 94  ARG A CD  1 
ATOM   779  N  NE  . ARG A 1 94  ? 0.067   5.379   11.890  1.00 33.45  ? 94  ARG A NE  1 
ATOM   780  C  CZ  . ARG A 1 94  ? -0.656  5.323   13.004  1.00 39.41  ? 94  ARG A CZ  1 
ATOM   781  N  NH1 . ARG A 1 94  ? -0.959  4.150   13.546  1.00 39.30  ? 94  ARG A NH1 1 
ATOM   782  N  NH2 . ARG A 1 94  ? -1.076  6.441   13.583  1.00 37.44  ? 94  ARG A NH2 1 
ATOM   783  N  N   . HIS A 1 95  ? 2.542   0.817   7.866   1.00 27.93  ? 95  HIS A N   1 
ATOM   784  C  CA  . HIS A 1 95  ? 3.348   0.001   6.955   1.00 29.75  ? 95  HIS A CA  1 
ATOM   785  C  C   . HIS A 1 95  ? 3.548   0.660   5.618   1.00 28.07  ? 95  HIS A C   1 
ATOM   786  O  O   . HIS A 1 95  ? 2.641   1.287   5.078   1.00 28.29  ? 95  HIS A O   1 
ATOM   787  C  CB  . HIS A 1 95  ? 2.696   -1.353  6.714   1.00 27.14  ? 95  HIS A CB  1 
ATOM   788  C  CG  . HIS A 1 95  ? 1.299   -1.242  6.216   1.00 26.62  ? 95  HIS A CG  1 
ATOM   789  N  ND1 . HIS A 1 95  ? 0.251   -0.866  7.031   1.00 26.44  ? 95  HIS A ND1 1 
ATOM   790  C  CD2 . HIS A 1 95  ? 0.775   -1.401  4.978   1.00 27.74  ? 95  HIS A CD2 1 
ATOM   791  C  CE1 . HIS A 1 95  ? -0.861  -0.818  6.321   1.00 26.76  ? 95  HIS A CE1 1 
ATOM   792  N  NE2 . HIS A 1 95  ? -0.570  -1.135  5.074   1.00 23.14  ? 95  HIS A NE2 1 
ATOM   793  N  N   . SER A 1 96  ? 4.737   0.447   5.065   1.00 28.72  ? 96  SER A N   1 
ATOM   794  C  CA  . SER A 1 96  ? 5.127   1.000   3.789   1.00 29.16  ? 96  SER A CA  1 
ATOM   795  C  C   . SER A 1 96  ? 5.737   -0.126  2.936   1.00 33.48  ? 96  SER A C   1 
ATOM   796  O  O   . SER A 1 96  ? 6.907   -0.484  3.114   1.00 31.42  ? 96  SER A O   1 
ATOM   797  C  CB  . SER A 1 96  ? 6.150   2.113   4.031   1.00 31.98  ? 96  SER A CB  1 
ATOM   798  O  OG  . SER A 1 96  ? 6.553   2.695   2.811   1.00 31.70  ? 96  SER A OG  1 
ATOM   799  N  N   . PRO A 1 97  ? 4.939   -0.704  2.013   1.00 33.56  ? 97  PRO A N   1 
ATOM   800  C  CA  . PRO A 1 97  ? 5.370   -1.859  1.210   1.00 31.62  ? 97  PRO A CA  1 
ATOM   801  C  C   . PRO A 1 97  ? 6.400   -1.486  0.163   1.00 32.52  ? 97  PRO A C   1 
ATOM   802  O  O   . PRO A 1 97  ? 6.223   -0.489  -0.540  1.00 31.50  ? 97  PRO A O   1 
ATOM   803  C  CB  . PRO A 1 97  ? 4.091   -2.283  0.492   1.00 34.76  ? 97  PRO A CB  1 
ATOM   804  C  CG  . PRO A 1 97  ? 2.969   -1.711  1.336   1.00 41.32  ? 97  PRO A CG  1 
ATOM   805  C  CD  . PRO A 1 97  ? 3.518   -0.388  1.785   1.00 34.74  ? 97  PRO A CD  1 
ATOM   806  N  N   . GLN A 1 98  ? 7.439   -2.306  0.047   1.00 33.95  ? 98  GLN A N   1 
ATOM   807  C  CA  . GLN A 1 98  ? 8.468   -2.118  -0.951  1.00 32.97  ? 98  GLN A CA  1 
ATOM   808  C  C   . GLN A 1 98  ? 8.498   -3.361  -1.807  1.00 32.40  ? 98  GLN A C   1 
ATOM   809  O  O   . GLN A 1 98  ? 8.513   -4.489  -1.296  1.00 28.50  ? 98  GLN A O   1 
ATOM   810  C  CB  . GLN A 1 98  ? 9.823   -1.887  -0.284  1.00 34.14  ? 98  GLN A CB  1 
ATOM   811  C  CG  . GLN A 1 98  ? 9.814   -0.872  0.879   1.00 34.08  ? 98  GLN A CG  1 
ATOM   812  C  CD  . GLN A 1 98  ? 9.392   0.529   0.464   1.00 36.30  ? 98  GLN A CD  1 
ATOM   813  O  OE1 . GLN A 1 98  ? 9.762   1.015   -0.604  1.00 35.87  ? 98  GLN A OE1 1 
ATOM   814  N  NE2 . GLN A 1 98  ? 8.602   1.183   1.311   1.00 33.41  ? 98  GLN A NE2 1 
ATOM   815  N  N   . ARG A 1 99  ? 8.471   -3.166  -3.115  1.00 29.79  ? 99  ARG A N   1 
ATOM   816  C  CA  . ARG A 1 99  ? 8.381   -4.302  -4.036  1.00 32.59  ? 99  ARG A CA  1 
ATOM   817  C  C   . ARG A 1 99  ? 9.402   -4.160  -5.136  1.00 30.75  ? 99  ARG A C   1 
ATOM   818  O  O   . ARG A 1 99  ? 9.089   -3.674  -6.214  1.00 31.82  ? 99  ARG A O   1 
ATOM   819  C  CB  . ARG A 1 99  ? 6.977   -4.385  -4.618  1.00 33.21  ? 99  ARG A CB  1 
ATOM   820  C  CG  . ARG A 1 99  ? 5.936   -4.647  -3.536  1.00 35.54  ? 99  ARG A CG  1 
ATOM   821  C  CD  . ARG A 1 99  ? 4.531   -4.799  -4.049  1.00 35.37  ? 99  ARG A CD  1 
ATOM   822  N  NE  . ARG A 1 99  ? 3.615   -5.086  -2.943  1.00 33.40  ? 99  ARG A NE  1 
ATOM   823  C  CZ  . ARG A 1 99  ? 3.557   -6.255  -2.315  1.00 34.95  ? 99  ARG A CZ  1 
ATOM   824  N  NH1 . ARG A 1 99  ? 4.367   -7.246  -2.682  1.00 30.26  ? 99  ARG A NH1 1 
ATOM   825  N  NH2 . ARG A 1 99  ? 2.701   -6.437  -1.314  1.00 35.69  ? 99  ARG A NH2 1 
ATOM   826  N  N   . PRO A 1 100 ? 10.633  -4.606  -4.863  1.00 30.81  ? 100 PRO A N   1 
ATOM   827  C  CA  . PRO A 1 100 ? 11.764  -4.285  -5.737  1.00 34.89  ? 100 PRO A CA  1 
ATOM   828  C  C   . PRO A 1 100 ? 11.767  -5.105  -7.022  1.00 34.82  ? 100 PRO A C   1 
ATOM   829  O  O   . PRO A 1 100 ? 12.342  -4.660  -8.008  1.00 30.02  ? 100 PRO A O   1 
ATOM   830  C  CB  . PRO A 1 100 ? 12.984  -4.665  -4.881  1.00 36.25  ? 100 PRO A CB  1 
ATOM   831  C  CG  . PRO A 1 100 ? 12.457  -4.850  -3.473  1.00 36.35  ? 100 PRO A CG  1 
ATOM   832  C  CD  . PRO A 1 100 ? 11.059  -5.330  -3.654  1.00 30.51  ? 100 PRO A CD  1 
ATOM   833  N  N   . GLU A 1 101 ? 11.142  -6.281  -7.023  1.00 28.00  ? 101 GLU A N   1 
ATOM   834  C  CA  . GLU A 1 101 ? 11.310  -7.214  -8.146  1.00 30.84  ? 101 GLU A CA  1 
ATOM   835  C  C   . GLU A 1 101 ? 10.262  -7.035  -9.247  1.00 32.75  ? 101 GLU A C   1 
ATOM   836  O  O   . GLU A 1 101 ? 9.057   -6.955  -8.959  1.00 36.84  ? 101 GLU A O   1 
ATOM   837  C  CB  . GLU A 1 101 ? 11.280  -8.679  -7.637  1.00 31.78  ? 101 GLU A CB  1 
ATOM   838  C  CG  . GLU A 1 101 ? 12.428  -9.028  -6.676  1.00 31.46  ? 101 GLU A CG  1 
ATOM   839  C  CD  . GLU A 1 101 ? 12.271  -10.392 -6.018  1.00 40.05  ? 101 GLU A CD  1 
ATOM   840  O  OE1 . GLU A 1 101 ? 13.041  -10.705 -5.069  1.00 37.38  ? 101 GLU A OE1 1 
ATOM   841  O  OE2 . GLU A 1 101 ? 11.382  -11.162 -6.456  1.00 36.63  ? 101 GLU A OE2 1 
ATOM   842  N  N   . ALA A 1 102 ? 10.709  -7.010  -10.505 1.00 29.38  ? 102 ALA A N   1 
ATOM   843  C  CA  . ALA A 1 102 ? 9.784   -7.054  -11.636 1.00 29.72  ? 102 ALA A CA  1 
ATOM   844  C  C   . ALA A 1 102 ? 9.204   -8.459  -11.681 1.00 33.34  ? 102 ALA A C   1 
ATOM   845  O  O   . ALA A 1 102 ? 9.846   -9.404  -11.204 1.00 31.25  ? 102 ALA A O   1 
ATOM   846  C  CB  . ALA A 1 102 ? 10.482  -6.739  -12.925 1.00 34.91  ? 102 ALA A CB  1 
ATOM   847  N  N   . GLY A 1 103 ? 8.004   -8.594  -12.245 1.00 32.02  ? 103 GLY A N   1 
ATOM   848  C  CA  . GLY A 1 103 ? 7.354   -9.891  -12.351 1.00 32.51  ? 103 GLY A CA  1 
ATOM   849  C  C   . GLY A 1 103 ? 6.831   -10.459 -11.043 1.00 36.70  ? 103 GLY A C   1 
ATOM   850  O  O   . GLY A 1 103 ? 6.312   -11.580 -11.031 1.00 40.10  ? 103 GLY A O   1 
ATOM   851  N  N   . SER A 1 104 ? 6.957   -9.720  -9.941  1.00 34.63  ? 104 SER A N   1 
ATOM   852  C  CA  . SER A 1 104 ? 6.462   -10.227 -8.658  1.00 37.24  ? 104 SER A CA  1 
ATOM   853  C  C   . SER A 1 104 ? 4.950   -10.068 -8.560  1.00 34.32  ? 104 SER A C   1 
ATOM   854  O  O   . SER A 1 104 ? 4.357   -9.248  -9.264  1.00 32.52  ? 104 SER A O   1 
ATOM   855  C  CB  . SER A 1 104 ? 7.153   -9.561  -7.462  1.00 32.48  ? 104 SER A CB  1 
ATOM   856  O  OG  . SER A 1 104 ? 6.891   -8.174  -7.404  1.00 34.92  ? 104 SER A OG  1 
ATOM   857  N  N   . ALA A 1 105 ? 4.312   -10.875 -7.718  1.00 31.43  ? 105 ALA A N   1 
ATOM   858  C  CA  . ALA A 1 105 ? 2.874   -10.754 -7.563  1.00 29.34  ? 105 ALA A CA  1 
ATOM   859  C  C   . ALA A 1 105 ? 2.468   -11.134 -6.158  1.00 30.99  ? 105 ALA A C   1 
ATOM   860  O  O   . ALA A 1 105 ? 2.833   -12.206 -5.664  1.00 31.29  ? 105 ALA A O   1 
ATOM   861  C  CB  . ALA A 1 105 ? 2.139   -11.594 -8.602  1.00 27.60  ? 105 ALA A CB  1 
ATOM   862  N  N   . CYS A 1 106 ? 1.716   -10.245 -5.514  1.00 29.10  ? 106 CYS A N   1 
ATOM   863  C  CA  . CYS A 1 106 ? 1.241   -10.492 -4.162  1.00 30.70  ? 106 CYS A CA  1 
ATOM   864  C  C   . CYS A 1 106 ? -0.263  -10.329 -4.081  1.00 28.06  ? 106 CYS A C   1 
ATOM   865  O  O   . CYS A 1 106 ? -0.806  -9.324  -4.520  1.00 26.63  ? 106 CYS A O   1 
ATOM   866  C  CB  . CYS A 1 106 ? 1.904   -9.520  -3.189  1.00 30.96  ? 106 CYS A CB  1 
ATOM   867  S  SG  . CYS A 1 106 ? 1.485   -9.797  -1.462  1.00 31.45  ? 106 CYS A SG  1 
ATOM   868  N  N   . LEU A 1 107 ? -0.937  -11.340 -3.537  1.00 28.19  ? 107 LEU A N   1 
ATOM   869  C  CA  . LEU A 1 107 ? -2.360  -11.245 -3.222  1.00 26.93  ? 107 LEU A CA  1 
ATOM   870  C  C   . LEU A 1 107 ? -2.546  -10.418 -1.946  1.00 29.03  ? 107 LEU A C   1 
ATOM   871  O  O   . LEU A 1 107 ? -1.976  -10.734 -0.898  1.00 31.17  ? 107 LEU A O   1 
ATOM   872  C  CB  . LEU A 1 107 ? -2.948  -12.656 -3.018  1.00 28.07  ? 107 LEU A CB  1 
ATOM   873  C  CG  . LEU A 1 107 ? -4.412  -12.770 -2.589  1.00 28.15  ? 107 LEU A CG  1 
ATOM   874  C  CD1 . LEU A 1 107 ? -5.306  -12.107 -3.594  1.00 25.63  ? 107 LEU A CD1 1 
ATOM   875  C  CD2 . LEU A 1 107 ? -4.853  -14.256 -2.353  1.00 25.40  ? 107 LEU A CD2 1 
ATOM   876  N  N   . VAL A 1 108 ? -3.332  -9.352  -2.030  1.00 26.82  ? 108 VAL A N   1 
ATOM   877  C  CA  . VAL A 1 108 ? -3.611  -8.527  -0.866  1.00 29.56  ? 108 VAL A CA  1 
ATOM   878  C  C   . VAL A 1 108 ? -5.118  -8.460  -0.710  1.00 32.36  ? 108 VAL A C   1 
ATOM   879  O  O   . VAL A 1 108 ? -5.831  -8.125  -1.666  1.00 32.55  ? 108 VAL A O   1 
ATOM   880  C  CB  . VAL A 1 108 ? -3.047  -7.096  -1.016  1.00 32.78  ? 108 VAL A CB  1 
ATOM   881  C  CG1 . VAL A 1 108 ? -3.261  -6.319  0.264   1.00 34.56  ? 108 VAL A CG1 1 
ATOM   882  C  CG2 . VAL A 1 108 ? -1.556  -7.135  -1.354  1.00 31.52  ? 108 VAL A CG2 1 
ATOM   883  N  N   . ILE A 1 109 ? -5.611  -8.807  0.477   1.00 28.10  ? 109 ILE A N   1 
ATOM   884  C  CA  . ILE A 1 109 ? -7.044  -8.762  0.711   1.00 26.65  ? 109 ILE A CA  1 
ATOM   885  C  C   . ILE A 1 109 ? -7.367  -7.798  1.857   1.00 31.90  ? 109 ILE A C   1 
ATOM   886  O  O   . ILE A 1 109 ? -6.774  -7.887  2.950   1.00 27.27  ? 109 ILE A O   1 
ATOM   887  C  CB  . ILE A 1 109 ? -7.604  -10.184 0.969   1.00 28.31  ? 109 ILE A CB  1 
ATOM   888  C  CG1 . ILE A 1 109 ? -7.344  -11.057 -0.266  1.00 27.88  ? 109 ILE A CG1 1 
ATOM   889  C  CG2 . ILE A 1 109 ? -9.091  -10.127 1.334   1.00 27.15  ? 109 ILE A CG2 1 
ATOM   890  C  CD1 . ILE A 1 109 ? -7.676  -12.540 -0.068  1.00 27.45  ? 109 ILE A CD1 1 
ATOM   891  N  N   . GLU A 1 110 ? -8.297  -6.876  1.579   1.00 32.99  ? 110 GLU A N   1 
ATOM   892  C  CA  . GLU A 1 110 ? -8.773  -5.870  2.524   1.00 32.73  ? 110 GLU A CA  1 
ATOM   893  C  C   . GLU A 1 110 ? -10.287 -5.927  2.533   1.00 26.08  ? 110 GLU A C   1 
ATOM   894  O  O   . GLU A 1 110 ? -10.864 -6.697  1.776   1.00 33.32  ? 110 GLU A O   1 
ATOM   895  C  CB  . GLU A 1 110 ? -8.322  -4.466  2.072   1.00 31.12  ? 110 GLU A CB  1 
ATOM   896  C  CG  . GLU A 1 110 ? -6.820  -4.326  1.966   1.00 35.76  ? 110 GLU A CG  1 
ATOM   897  C  CD  . GLU A 1 110 ? -6.395  -2.980  1.415   1.00 42.28  ? 110 GLU A CD  1 
ATOM   898  O  OE1 . GLU A 1 110 ? -5.433  -2.947  0.619   1.00 48.24  ? 110 GLU A OE1 1 
ATOM   899  O  OE2 . GLU A 1 110 ? -7.024  -1.955  1.765   1.00 41.54  ? 110 GLU A OE2 1 
ATOM   900  N  N   . ARG A 1 111 ? -10.918 -5.123  3.390   1.00 31.00  ? 111 ARG A N   1 
ATOM   901  C  CA  . ARG A 1 111 ? -12.377 -4.923  3.406   1.00 33.66  ? 111 ARG A CA  1 
ATOM   902  C  C   . ARG A 1 111 ? -12.702 -3.483  3.045   1.00 33.50  ? 111 ARG A C   1 
ATOM   903  O  O   . ARG A 1 111 ? -11.891 -2.599  3.322   1.00 33.51  ? 111 ARG A O   1 
ATOM   904  C  CB  . ARG A 1 111 ? -12.920 -5.108  4.824   1.00 35.58  ? 111 ARG A CB  1 
ATOM   905  C  CG  . ARG A 1 111 ? -13.236 -6.497  5.259   1.00 37.96  ? 111 ARG A CG  1 
ATOM   906  C  CD  . ARG A 1 111 ? -13.592 -6.454  6.736   1.00 37.69  ? 111 ARG A CD  1 
ATOM   907  N  NE  . ARG A 1 111 ? -14.731 -5.576  6.976   1.00 38.76  ? 111 ARG A NE  1 
ATOM   908  C  CZ  . ARG A 1 111 ? -15.072 -5.097  8.165   1.00 35.49  ? 111 ARG A CZ  1 
ATOM   909  N  NH1 . ARG A 1 111 ? -14.374 -5.429  9.236   1.00 34.95  ? 111 ARG A NH1 1 
ATOM   910  N  NH2 . ARG A 1 111 ? -16.115 -4.291  8.281   1.00 40.66  ? 111 ARG A NH2 1 
ATOM   911  N  N   . GLN A 1 112 ? -13.888 -3.236  2.474   1.00 31.57  ? 112 GLN A N   1 
ATOM   912  C  CA  . GLN A 1 112 ? -14.398 -1.865  2.320   1.00 35.32  ? 112 GLN A CA  1 
ATOM   913  C  C   . GLN A 1 112 ? -14.579 -1.225  3.697   1.00 36.76  ? 112 GLN A C   1 
ATOM   914  O  O   . GLN A 1 112 ? -15.065 -1.869  4.642   1.00 28.97  ? 112 GLN A O   1 
ATOM   915  C  CB  . GLN A 1 112 ? -15.761 -1.827  1.611   1.00 32.07  ? 112 GLN A CB  1 
ATOM   916  C  CG  . GLN A 1 112 ? -15.849 -2.539  0.268   1.00 40.74  ? 112 GLN A CG  1 
ATOM   917  C  CD  . GLN A 1 112 ? -15.548 -1.642  -0.922  1.00 45.11  ? 112 GLN A CD  1 
ATOM   918  O  OE1 . GLN A 1 112 ? -15.115 -0.489  -0.764  1.00 45.75  ? 112 GLN A OE1 1 
ATOM   919  N  NE2 . GLN A 1 112 ? -15.765 -2.177  -2.131  1.00 38.50  ? 112 GLN A NE2 1 
ATOM   920  N  N   . ARG A 1 113 ? -14.208 0.049   3.806   1.00 28.13  ? 113 ARG A N   1 
ATOM   921  C  CA  . ARG A 1 113 ? -14.387 0.808   5.045   1.00 33.19  ? 113 ARG A CA  1 
ATOM   922  C  C   . ARG A 1 113 ? -15.808 1.353   5.077   1.00 36.06  ? 113 ARG A C   1 
ATOM   923  O  O   . ARG A 1 113 ? -16.243 1.997   4.117   1.00 37.08  ? 113 ARG A O   1 
ATOM   924  C  CB  . ARG A 1 113 ? -13.415 2.004   5.107   1.00 34.29  ? 113 ARG A CB  1 
ATOM   925  C  CG  . ARG A 1 113 ? -12.013 1.687   5.624   1.00 37.59  ? 113 ARG A CG  1 
ATOM   926  C  CD  . ARG A 1 113 ? -11.324 0.617   4.803   1.00 41.35  ? 113 ARG A CD  1 
ATOM   927  N  NE  . ARG A 1 113 ? -9.957  0.964   4.404   1.00 34.78  ? 113 ARG A NE  1 
ATOM   928  C  CZ  . ARG A 1 113 ? -9.142  0.120   3.779   1.00 38.75  ? 113 ARG A CZ  1 
ATOM   929  N  NH1 . ARG A 1 113 ? -9.558  -1.108  3.498   1.00 34.55  ? 113 ARG A NH1 1 
ATOM   930  N  NH2 . ARG A 1 113 ? -7.916  0.495   3.442   1.00 32.38  ? 113 ARG A NH2 1 
ATOM   931  N  N   . PRO A 1 114 ? -16.529 1.123   6.189   1.00 34.85  ? 114 PRO A N   1 
ATOM   932  C  CA  . PRO A 1 114 ? -17.845 1.743   6.404   1.00 32.64  ? 114 PRO A CA  1 
ATOM   933  C  C   . PRO A 1 114 ? -17.676 3.259   6.513   1.00 40.29  ? 114 PRO A C   1 
ATOM   934  O  O   . PRO A 1 114 ? -16.564 3.727   6.762   1.00 34.32  ? 114 PRO A O   1 
ATOM   935  C  CB  . PRO A 1 114 ? -18.285 1.177   7.755   1.00 39.35  ? 114 PRO A CB  1 
ATOM   936  C  CG  . PRO A 1 114 ? -16.997 0.821   8.457   1.00 43.47  ? 114 PRO A CG  1 
ATOM   937  C  CD  . PRO A 1 114 ? -16.085 0.340   7.355   1.00 40.11  ? 114 PRO A CD  1 
ATOM   938  N  N   . ALA A 1 115 ? -18.750 4.008   6.299   1.00 36.36  ? 115 ALA A N   1 
ATOM   939  C  CA  . ALA A 1 115 ? -18.709 5.450   6.460   1.00 42.68  ? 115 ALA A CA  1 
ATOM   940  C  C   . ALA A 1 115 ? -18.192 5.796   7.852   1.00 41.02  ? 115 ALA A C   1 
ATOM   941  O  O   . ALA A 1 115 ? -18.592 5.182   8.837   1.00 37.78  ? 115 ALA A O   1 
ATOM   942  C  CB  . ALA A 1 115 ? -20.090 6.039   6.243   1.00 45.64  ? 115 ALA A CB  1 
ATOM   943  N  N   . GLY A 1 116 ? -17.269 6.747   7.925   1.00 37.09  ? 116 GLY A N   1 
ATOM   944  C  CA  . GLY A 1 116 ? -16.766 7.220   9.203   1.00 41.89  ? 116 GLY A CA  1 
ATOM   945  C  C   . GLY A 1 116 ? -15.479 6.566   9.657   1.00 39.73  ? 116 GLY A C   1 
ATOM   946  O  O   . GLY A 1 116 ? -14.804 7.059   10.560  1.00 38.55  ? 116 GLY A O   1 
ATOM   947  N  N   . MET A 1 117 ? -15.145 5.442   9.037   1.00 37.51  ? 117 MET A N   1 
ATOM   948  C  CA  . MET A 1 117 ? -13.893 4.758   9.321   1.00 35.77  ? 117 MET A CA  1 
ATOM   949  C  C   . MET A 1 117 ? -12.850 5.217   8.310   1.00 33.96  ? 117 MET A C   1 
ATOM   950  O  O   . MET A 1 117 ? -12.923 4.854   7.131   1.00 31.36  ? 117 MET A O   1 
ATOM   951  C  CB  . MET A 1 117 ? -14.114 3.252   9.197   1.00 36.28  ? 117 MET A CB  1 
ATOM   952  C  CG  . MET A 1 117 ? -12.962 2.429   9.666   1.00 35.98  ? 117 MET A CG  1 
ATOM   953  S  SD  . MET A 1 117 ? -13.422 0.681   9.832   1.00 49.16  ? 117 MET A SD  1 
ATOM   954  C  CE  . MET A 1 117 ? -14.579 0.751   11.193  1.00 38.52  ? 117 MET A CE  1 
ATOM   955  N  N   . LEU A 1 118 ? -11.887 6.023   8.754   1.00 31.25  ? 118 LEU A N   1 
ATOM   956  C  CA  . LEU A 1 118 ? -10.958 6.659   7.832   1.00 32.63  ? 118 LEU A CA  1 
ATOM   957  C  C   . LEU A 1 118 ? -9.609  5.956   7.759   1.00 32.46  ? 118 LEU A C   1 
ATOM   958  O  O   . LEU A 1 118 ? -9.146  5.363   8.751   1.00 34.27  ? 118 LEU A O   1 
ATOM   959  C  CB  . LEU A 1 118 ? -10.733 8.129   8.224   1.00 28.38  ? 118 LEU A CB  1 
ATOM   960  C  CG  . LEU A 1 118 ? -11.986 8.984   8.366   1.00 30.12  ? 118 LEU A CG  1 
ATOM   961  C  CD1 . LEU A 1 118 ? -11.623 10.449  8.707   1.00 37.06  ? 118 LEU A CD1 1 
ATOM   962  C  CD2 . LEU A 1 118 ? -12.812 8.933   7.097   1.00 28.36  ? 118 LEU A CD2 1 
ATOM   963  N  N   . ASP A 1 119 ? -8.991  6.022   6.579   1.00 29.55  ? 119 ASP A N   1 
ATOM   964  C  CA  . ASP A 1 119 ? -7.609  5.583   6.378   1.00 29.12  ? 119 ASP A CA  1 
ATOM   965  C  C   . ASP A 1 119 ? -6.687  6.762   6.579   1.00 31.70  ? 119 ASP A C   1 
ATOM   966  O  O   . ASP A 1 119 ? -7.051  7.882   6.219   1.00 30.75  ? 119 ASP A O   1 
ATOM   967  C  CB  . ASP A 1 119 ? -7.406  5.073   4.948   1.00 28.18  ? 119 ASP A CB  1 
ATOM   968  C  CG  . ASP A 1 119 ? -7.975  3.677   4.746   1.00 31.51  ? 119 ASP A CG  1 
ATOM   969  O  OD1 . ASP A 1 119 ? -7.235  2.779   4.287   1.00 33.66  ? 119 ASP A OD1 1 
ATOM   970  O  OD2 . ASP A 1 119 ? -9.165  3.495   5.034   1.00 32.89  ? 119 ASP A OD2 1 
ATOM   971  N  N   . GLY A 1 120 ? -5.502  6.515   7.138   1.00 29.01  ? 120 GLY A N   1 
ATOM   972  C  CA  . GLY A 1 120 ? -4.484  7.552   7.244   1.00 32.86  ? 120 GLY A CA  1 
ATOM   973  C  C   . GLY A 1 120 ? -3.265  7.238   6.406   1.00 33.23  ? 120 GLY A C   1 
ATOM   974  O  O   . GLY A 1 120 ? -2.925  6.072   6.222   1.00 29.66  ? 120 GLY A O   1 
ATOM   975  N  N   . PHE A 1 121 ? -2.615  8.274   5.875   1.00 30.64  ? 121 PHE A N   1 
ATOM   976  C  CA  . PHE A 1 121 ? -1.356  8.112   5.157   1.00 31.67  ? 121 PHE A CA  1 
ATOM   977  C  C   . PHE A 1 121 ? -0.355  9.098   5.734   1.00 33.06  ? 121 PHE A C   1 
ATOM   978  O  O   . PHE A 1 121 ? -0.662  10.275  5.887   1.00 33.65  ? 121 PHE A O   1 
ATOM   979  C  CB  . PHE A 1 121 ? -1.549  8.298   3.641   1.00 31.99  ? 121 PHE A CB  1 
ATOM   980  C  CG  . PHE A 1 121 ? -2.274  7.159   3.002   1.00 34.34  ? 121 PHE A CG  1 
ATOM   981  C  CD1 . PHE A 1 121 ? -1.565  6.091   2.465   1.00 35.31  ? 121 PHE A CD1 1 
ATOM   982  C  CD2 . PHE A 1 121 ? -3.663  7.118   3.001   1.00 32.14  ? 121 PHE A CD2 1 
ATOM   983  C  CE1 . PHE A 1 121 ? -2.227  4.996   1.907   1.00 39.58  ? 121 PHE A CE1 1 
ATOM   984  C  CE2 . PHE A 1 121 ? -4.337  6.026   2.443   1.00 38.90  ? 121 PHE A CE2 1 
ATOM   985  C  CZ  . PHE A 1 121 ? -3.610  4.969   1.890   1.00 33.14  ? 121 PHE A CZ  1 
ATOM   986  N  N   . GLU A 1 122 ? 0.827   8.593   6.078   1.00 32.93  ? 122 GLU A N   1 
ATOM   987  C  CA  . GLU A 1 122 ? 1.778   9.336   6.896   1.00 34.60  ? 122 GLU A CA  1 
ATOM   988  C  C   . GLU A 1 122 ? 3.176   9.302   6.302   1.00 34.11  ? 122 GLU A C   1 
ATOM   989  O  O   . GLU A 1 122 ? 3.548   8.341   5.620   1.00 35.47  ? 122 GLU A O   1 
ATOM   990  C  CB  . GLU A 1 122 ? 1.823   8.740   8.310   1.00 33.71  ? 122 GLU A CB  1 
ATOM   991  C  CG  . GLU A 1 122 ? 0.527   8.914   9.107   1.00 34.07  ? 122 GLU A CG  1 
ATOM   992  C  CD  . GLU A 1 122 ? 0.583   8.258   10.471  1.00 38.22  ? 122 GLU A CD  1 
ATOM   993  O  OE1 . GLU A 1 122 ? 1.370   7.299   10.657  1.00 37.12  ? 122 GLU A OE1 1 
ATOM   994  O  OE2 . GLU A 1 122 ? -0.167  8.695   11.368  1.00 41.59  ? 122 GLU A OE2 1 
ATOM   995  N  N   . TRP A 1 123 ? 3.947   10.350  6.564   1.00 33.96  ? 123 TRP A N   1 
ATOM   996  C  CA  . TRP A 1 123 ? 5.358   10.356  6.210   1.00 34.07  ? 123 TRP A CA  1 
ATOM   997  C  C   . TRP A 1 123 ? 6.181   10.699  7.444   1.00 32.17  ? 123 TRP A C   1 
ATOM   998  O  O   . TRP A 1 123 ? 5.761   11.520  8.255   1.00 33.22  ? 123 TRP A O   1 
ATOM   999  C  CB  . TRP A 1 123 ? 5.618   11.381  5.114   1.00 36.86  ? 123 TRP A CB  1 
ATOM   1000 C  CG  . TRP A 1 123 ? 5.148   10.933  3.777   1.00 34.37  ? 123 TRP A CG  1 
ATOM   1001 C  CD1 . TRP A 1 123 ? 5.879   10.261  2.841   1.00 34.62  ? 123 TRP A CD1 1 
ATOM   1002 C  CD2 . TRP A 1 123 ? 3.846   11.126  3.211   1.00 30.85  ? 123 TRP A CD2 1 
ATOM   1003 N  NE1 . TRP A 1 123 ? 5.117   10.038  1.720   1.00 34.41  ? 123 TRP A NE1 1 
ATOM   1004 C  CE2 . TRP A 1 123 ? 3.862   10.555  1.924   1.00 34.23  ? 123 TRP A CE2 1 
ATOM   1005 C  CE3 . TRP A 1 123 ? 2.668   11.733  3.666   1.00 34.07  ? 123 TRP A CE3 1 
ATOM   1006 C  CZ2 . TRP A 1 123 ? 2.738   10.560  1.088   1.00 35.95  ? 123 TRP A CZ2 1 
ATOM   1007 C  CZ3 . TRP A 1 123 ? 1.552   11.733  2.838   1.00 32.19  ? 123 TRP A CZ3 1 
ATOM   1008 C  CH2 . TRP A 1 123 ? 1.596   11.154  1.563   1.00 36.01  ? 123 TRP A CH2 1 
ATOM   1009 N  N   . TYR A 1 124 ? 7.347   10.071  7.583   1.00 32.57  ? 124 TYR A N   1 
ATOM   1010 C  CA  . TYR A 1 124 ? 8.208   10.303  8.739   1.00 33.91  ? 124 TYR A CA  1 
ATOM   1011 C  C   . TYR A 1 124 ? 9.577   10.844  8.311   1.00 30.78  ? 124 TYR A C   1 
ATOM   1012 O  O   . TYR A 1 124 ? 10.041  10.559  7.203   1.00 32.66  ? 124 TYR A O   1 
ATOM   1013 C  CB  . TYR A 1 124 ? 8.367   9.013   9.543   1.00 33.79  ? 124 TYR A CB  1 
ATOM   1014 C  CG  . TYR A 1 124 ? 7.075   8.589   10.209  1.00 37.33  ? 124 TYR A CG  1 
ATOM   1015 C  CD1 . TYR A 1 124 ? 6.813   8.920   11.532  1.00 38.92  ? 124 TYR A CD1 1 
ATOM   1016 C  CD2 . TYR A 1 124 ? 6.105   7.896   9.506   1.00 34.17  ? 124 TYR A CD2 1 
ATOM   1017 C  CE1 . TYR A 1 124 ? 5.618   8.552   12.143  1.00 38.84  ? 124 TYR A CE1 1 
ATOM   1018 C  CE2 . TYR A 1 124 ? 4.905   7.516   10.109  1.00 31.66  ? 124 TYR A CE2 1 
ATOM   1019 C  CZ  . TYR A 1 124 ? 4.670   7.853   11.425  1.00 36.32  ? 124 TYR A CZ  1 
ATOM   1020 O  OH  . TYR A 1 124 ? 3.487   7.493   12.044  1.00 38.51  ? 124 TYR A OH  1 
ATOM   1021 N  N   . CYS A 1 125 ? 10.229  11.601  9.189   1.00 36.94  ? 125 CYS A N   1 
ATOM   1022 C  CA  . CYS A 1 125 ? 11.524  12.224  8.856   1.00 40.05  ? 125 CYS A CA  1 
ATOM   1023 C  C   . CYS A 1 125 ? 12.673  11.209  8.872   1.00 43.49  ? 125 CYS A C   1 
ATOM   1024 O  O   . CYS A 1 125 ? 12.855  10.490  9.859   1.00 45.54  ? 125 CYS A O   1 
ATOM   1025 C  CB  . CYS A 1 125 ? 11.842  13.351  9.844   1.00 42.78  ? 125 CYS A CB  1 
ATOM   1026 S  SG  . CYS A 1 125 ? 13.367  14.299  9.462   1.00 44.38  ? 125 CYS A SG  1 
ATOM   1027 N  N   . ASP A 1 126 ? 13.441  11.150  7.786   1.00 44.66  ? 126 ASP A N   1 
ATOM   1028 C  CA  . ASP A 1 126 ? 14.612  10.276  7.731   1.00 50.65  ? 126 ASP A CA  1 
ATOM   1029 C  C   . ASP A 1 126 ? 15.640  10.676  8.795   1.00 57.17  ? 126 ASP A C   1 
ATOM   1030 O  O   . ASP A 1 126 ? 16.396  9.831   9.287   1.00 57.42  ? 126 ASP A O   1 
ATOM   1031 C  CB  . ASP A 1 126 ? 15.287  10.319  6.351   1.00 54.66  ? 126 ASP A CB  1 
ATOM   1032 C  CG  . ASP A 1 126 ? 14.300  10.217  5.198   1.00 60.12  ? 126 ASP A CG  1 
ATOM   1033 O  OD1 . ASP A 1 126 ? 13.726  9.127   4.983   1.00 66.37  ? 126 ASP A OD1 1 
ATOM   1034 O  OD2 . ASP A 1 126 ? 14.117  11.228  4.488   1.00 60.42  ? 126 ASP A OD2 1 
ATOM   1035 N  N   . ALA A 1 127 ? 15.662  11.964  9.143   1.00 52.86  ? 127 ALA A N   1 
ATOM   1036 C  CA  . ALA A 1 127 ? 16.608  12.482  10.131  1.00 51.24  ? 127 ALA A CA  1 
ATOM   1037 C  C   . ALA A 1 127 ? 16.245  12.131  11.570  1.00 48.86  ? 127 ALA A C   1 
ATOM   1038 O  O   . ALA A 1 127 ? 16.992  11.419  12.237  1.00 53.06  ? 127 ALA A O   1 
ATOM   1039 C  CB  . ALA A 1 127 ? 16.793  13.993  9.979   1.00 46.52  ? 127 ALA A CB  1 
ATOM   1040 N  N   . CYS A 1 128 ? 15.123  12.641  12.070  1.00 41.98  ? 128 CYS A N   1 
ATOM   1041 C  CA  . CYS A 1 128 ? 14.824  12.462  13.489  1.00 44.91  ? 128 CYS A CA  1 
ATOM   1042 C  C   . CYS A 1 128 ? 13.667  11.508  13.808  1.00 47.07  ? 128 CYS A C   1 
ATOM   1043 O  O   . CYS A 1 128 ? 13.425  11.201  14.974  1.00 49.44  ? 128 CYS A O   1 
ATOM   1044 C  CB  . CYS A 1 128 ? 14.571  13.802  14.159  1.00 50.57  ? 128 CYS A CB  1 
ATOM   1045 S  SG  . CYS A 1 128 ? 12.948  14.427  13.832  1.00 54.79  ? 128 CYS A SG  1 
ATOM   1046 N  N   . GLY A 1 129 ? 12.942  11.056  12.792  1.00 46.60  ? 129 GLY A N   1 
ATOM   1047 C  CA  . GLY A 1 129 ? 11.894  10.071  13.011  1.00 47.51  ? 129 GLY A CA  1 
ATOM   1048 C  C   . GLY A 1 129 ? 10.534  10.632  13.385  1.00 46.63  ? 129 GLY A C   1 
ATOM   1049 O  O   . GLY A 1 129 ? 9.588   9.875   13.587  1.00 44.97  ? 129 GLY A O   1 
ATOM   1050 N  N   . HIS A 1 130 ? 10.414  11.951  13.461  1.00 43.25  ? 130 HIS A N   1 
ATOM   1051 C  CA  . HIS A 1 130 ? 9.145   12.555  13.860  1.00 43.81  ? 130 HIS A CA  1 
ATOM   1052 C  C   . HIS A 1 130 ? 8.159   12.465  12.685  1.00 41.63  ? 130 HIS A C   1 
ATOM   1053 O  O   . HIS A 1 130 ? 8.587   12.440  11.517  1.00 39.67  ? 130 HIS A O   1 
ATOM   1054 C  CB  . HIS A 1 130 ? 9.392   14.016  14.262  1.00 48.33  ? 130 HIS A CB  1 
ATOM   1055 C  CG  . HIS A 1 130 ? 8.375   14.583  15.204  1.00 50.00  ? 130 HIS A CG  1 
ATOM   1056 N  ND1 . HIS A 1 130 ? 7.283   15.308  14.772  1.00 51.61  ? 130 HIS A ND1 1 
ATOM   1057 C  CD2 . HIS A 1 130 ? 8.310   14.580  16.559  1.00 54.23  ? 130 HIS A CD2 1 
ATOM   1058 C  CE1 . HIS A 1 130 ? 6.576   15.705  15.817  1.00 50.86  ? 130 HIS A CE1 1 
ATOM   1059 N  NE2 . HIS A 1 130 ? 7.177   15.277  16.913  1.00 55.69  ? 130 HIS A NE2 1 
ATOM   1060 N  N   . LEU A 1 131 ? 6.857   12.407  12.983  1.00 40.23  ? 131 LEU A N   1 
ATOM   1061 C  CA  . LEU A 1 131 ? 5.812   12.510  11.947  1.00 37.71  ? 131 LEU A CA  1 
ATOM   1062 C  C   . LEU A 1 131 ? 5.913   13.864  11.222  1.00 39.97  ? 131 LEU A C   1 
ATOM   1063 O  O   . LEU A 1 131 ? 5.966   14.917  11.864  1.00 39.44  ? 131 LEU A O   1 
ATOM   1064 C  CB  . LEU A 1 131 ? 4.414   12.348  12.566  1.00 34.46  ? 131 LEU A CB  1 
ATOM   1065 C  CG  . LEU A 1 131 ? 3.162   12.552  11.688  1.00 38.91  ? 131 LEU A CG  1 
ATOM   1066 C  CD1 . LEU A 1 131 ? 2.974   11.430  10.674  1.00 35.99  ? 131 LEU A CD1 1 
ATOM   1067 C  CD2 . LEU A 1 131 ? 1.901   12.705  12.531  1.00 39.63  ? 131 LEU A CD2 1 
ATOM   1068 N  N   . VAL A 1 132 ? 5.931   13.831  9.890   1.00 38.61  ? 132 VAL A N   1 
ATOM   1069 C  CA  . VAL A 1 132 ? 6.100   15.038  9.075   1.00 38.65  ? 132 VAL A CA  1 
ATOM   1070 C  C   . VAL A 1 132 ? 4.760   15.554  8.533   1.00 41.16  ? 132 VAL A C   1 
ATOM   1071 O  O   . VAL A 1 132 ? 4.516   16.776  8.435   1.00 32.64  ? 132 VAL A O   1 
ATOM   1072 C  CB  . VAL A 1 132 ? 7.056   14.749  7.916   1.00 38.84  ? 132 VAL A CB  1 
ATOM   1073 C  CG1 . VAL A 1 132 ? 7.053   15.867  6.910   1.00 42.57  ? 132 VAL A CG1 1 
ATOM   1074 C  CG2 . VAL A 1 132 ? 8.465   14.507  8.442   1.00 38.18  ? 132 VAL A CG2 1 
ATOM   1075 N  N   . HIS A 1 133 ? 3.887   14.611  8.188   1.00 32.98  ? 133 HIS A N   1 
ATOM   1076 C  CA  . HIS A 1 133 ? 2.612   14.939  7.562   1.00 31.24  ? 133 HIS A CA  1 
ATOM   1077 C  C   . HIS A 1 133 ? 1.684   13.720  7.636   1.00 36.72  ? 133 HIS A C   1 
ATOM   1078 O  O   . HIS A 1 133 ? 2.126   12.608  7.373   1.00 29.98  ? 133 HIS A O   1 
ATOM   1079 C  CB  . HIS A 1 133 ? 2.865   15.294  6.105   1.00 32.97  ? 133 HIS A CB  1 
ATOM   1080 C  CG  . HIS A 1 133 ? 1.656   15.793  5.376   1.00 40.99  ? 133 HIS A CG  1 
ATOM   1081 N  ND1 . HIS A 1 133 ? 0.979   16.939  5.746   1.00 44.14  ? 133 HIS A ND1 1 
ATOM   1082 C  CD2 . HIS A 1 133 ? 1.011   15.311  4.287   1.00 40.36  ? 133 HIS A CD2 1 
ATOM   1083 C  CE1 . HIS A 1 133 ? -0.035  17.132  4.921   1.00 44.78  ? 133 HIS A CE1 1 
ATOM   1084 N  NE2 . HIS A 1 133 ? -0.038  16.159  4.029   1.00 41.52  ? 133 HIS A NE2 1 
ATOM   1085 N  N   . ARG A 1 134 ? 0.420   13.939  8.005   1.00 35.41  ? 134 ARG A N   1 
ATOM   1086 C  CA  . ARG A 1 134 ? -0.595  12.883  8.014   1.00 33.12  ? 134 ARG A CA  1 
ATOM   1087 C  C   . ARG A 1 134 ? -1.850  13.362  7.292   1.00 33.70  ? 134 ARG A C   1 
ATOM   1088 O  O   . ARG A 1 134 ? -2.341  14.467  7.559   1.00 35.05  ? 134 ARG A O   1 
ATOM   1089 C  CB  . ARG A 1 134 ? -0.940  12.481  9.458   1.00 33.14  ? 134 ARG A CB  1 
ATOM   1090 C  CG  . ARG A 1 134 ? -2.114  11.471  9.605   1.00 32.81  ? 134 ARG A CG  1 
ATOM   1091 C  CD  . ARG A 1 134 ? -2.365  11.076  11.058  1.00 35.11  ? 134 ARG A CD  1 
ATOM   1092 N  NE  . ARG A 1 134 ? -3.648  10.386  11.222  1.00 40.52  ? 134 ARG A NE  1 
ATOM   1093 C  CZ  . ARG A 1 134 ? -3.809  9.068   11.134  1.00 40.85  ? 134 ARG A CZ  1 
ATOM   1094 N  NH1 . ARG A 1 134 ? -2.772  8.281   10.885  1.00 35.86  ? 134 ARG A NH1 1 
ATOM   1095 N  NH2 . ARG A 1 134 ? -5.011  8.531   11.297  1.00 43.21  ? 134 ARG A NH2 1 
ATOM   1096 N  N   . VAL A 1 135 ? -2.353  12.566  6.351   1.00 32.82  ? 135 VAL A N   1 
ATOM   1097 C  CA  . VAL A 1 135 ? -3.632  12.876  5.717   1.00 31.83  ? 135 VAL A CA  1 
ATOM   1098 C  C   . VAL A 1 135 ? -4.617  11.728  5.998   1.00 34.43  ? 135 VAL A C   1 
ATOM   1099 O  O   . VAL A 1 135 ? -4.264  10.571  5.805   1.00 32.28  ? 135 VAL A O   1 
ATOM   1100 C  CB  . VAL A 1 135 ? -3.499  13.006  4.200   1.00 30.34  ? 135 VAL A CB  1 
ATOM   1101 C  CG1 . VAL A 1 135 ? -4.812  13.522  3.604   1.00 36.17  ? 135 VAL A CG1 1 
ATOM   1102 C  CG2 . VAL A 1 135 ? -2.359  13.952  3.815   1.00 37.16  ? 135 VAL A CG2 1 
ATOM   1103 N  N   . GLU A 1 136 ? -5.832  12.046  6.444   1.00 31.48  ? 136 GLU A N   1 
ATOM   1104 C  CA  . GLU A 1 136 ? -6.881  11.034  6.626   1.00 34.36  ? 136 GLU A CA  1 
ATOM   1105 C  C   . GLU A 1 136 ? -7.895  11.109  5.485   1.00 36.07  ? 136 GLU A C   1 
ATOM   1106 O  O   . GLU A 1 136 ? -8.187  12.197  4.968   1.00 35.65  ? 136 GLU A O   1 
ATOM   1107 C  CB  . GLU A 1 136 ? -7.582  11.198  7.979   1.00 35.16  ? 136 GLU A CB  1 
ATOM   1108 C  CG  . GLU A 1 136 ? -6.658  11.032  9.193   1.00 41.90  ? 136 GLU A CG  1 
ATOM   1109 C  CD  . GLU A 1 136 ? -7.374  11.230  10.537  1.00 52.40  ? 136 GLU A CD  1 
ATOM   1110 O  OE1 . GLU A 1 136 ? -8.532  11.713  10.543  1.00 52.65  ? 136 GLU A OE1 1 
ATOM   1111 O  OE2 . GLU A 1 136 ? -6.771  10.912  11.593  1.00 54.04  ? 136 GLU A OE2 1 
ATOM   1112 N  N   . VAL A 1 137 ? -8.441  9.963   5.090   1.00 32.45  ? 137 VAL A N   1 
ATOM   1113 C  CA  . VAL A 1 137 ? -9.220  9.899   3.860   1.00 28.78  ? 137 VAL A CA  1 
ATOM   1114 C  C   . VAL A 1 137 ? -10.351 8.871   4.008   1.00 34.51  ? 137 VAL A C   1 
ATOM   1115 O  O   . VAL A 1 137 ? -10.144 7.808   4.592   1.00 25.84  ? 137 VAL A O   1 
ATOM   1116 C  CB  . VAL A 1 137 ? -8.265  9.591   2.662   1.00 35.28  ? 137 VAL A CB  1 
ATOM   1117 C  CG1 . VAL A 1 137 ? -7.813  8.142   2.675   1.00 35.23  ? 137 VAL A CG1 1 
ATOM   1118 C  CG2 . VAL A 1 137 ? -8.899  9.926   1.342   1.00 38.86  ? 137 VAL A CG2 1 
ATOM   1119 N  N   . GLN A 1 138 ? -11.557 9.192   3.530   1.00 33.34  ? 138 GLN A N   1 
ATOM   1120 C  CA  . GLN A 1 138 ? -12.592 8.152   3.433   1.00 35.60  ? 138 GLN A CA  1 
ATOM   1121 C  C   . GLN A 1 138 ? -12.411 7.449   2.097   1.00 37.13  ? 138 GLN A C   1 
ATOM   1122 O  O   . GLN A 1 138 ? -12.697 8.022   1.039   1.00 32.47  ? 138 GLN A O   1 
ATOM   1123 C  CB  . GLN A 1 138 ? -14.004 8.732   3.514   1.00 34.17  ? 138 GLN A CB  1 
ATOM   1124 C  CG  . GLN A 1 138 ? -15.094 7.668   3.420   1.00 33.94  ? 138 GLN A CG  1 
ATOM   1125 C  CD  . GLN A 1 138 ? -15.255 6.950   4.721   1.00 34.29  ? 138 GLN A CD  1 
ATOM   1126 O  OE1 . GLN A 1 138 ? -15.556 7.572   5.736   1.00 37.87  ? 138 GLN A OE1 1 
ATOM   1127 N  NE2 . GLN A 1 138 ? -15.056 5.636   4.715   1.00 36.80  ? 138 GLN A NE2 1 
ATOM   1128 N  N   . LEU A 1 139 ? -11.929 6.211   2.135   1.00 35.15  ? 139 LEU A N   1 
ATOM   1129 C  CA  . LEU A 1 139 ? -11.487 5.543   0.914   1.00 37.19  ? 139 LEU A CA  1 
ATOM   1130 C  C   . LEU A 1 139 ? -12.613 4.772   0.193   1.00 41.87  ? 139 LEU A C   1 
ATOM   1131 O  O   . LEU A 1 139 ? -13.026 3.686   0.630   1.00 40.32  ? 139 LEU A O   1 
ATOM   1132 C  CB  . LEU A 1 139 ? -10.308 4.627   1.246   1.00 41.45  ? 139 LEU A CB  1 
ATOM   1133 C  CG  . LEU A 1 139 ? -9.347  4.298   0.116   1.00 47.46  ? 139 LEU A CG  1 
ATOM   1134 C  CD1 . LEU A 1 139 ? -8.884  5.584   -0.553  1.00 43.16  ? 139 LEU A CD1 1 
ATOM   1135 C  CD2 . LEU A 1 139 ? -8.157  3.531   0.674   1.00 47.89  ? 139 LEU A CD2 1 
ATOM   1136 N  N   . LYS A 1 140 ? -13.092 5.345   -0.911  1.00 39.53  ? 140 LYS A N   1 
ATOM   1137 C  CA  . LYS A 1 140 ? -14.176 4.774   -1.704  1.00 43.16  ? 140 LYS A CA  1 
ATOM   1138 C  C   . LYS A 1 140 ? -13.595 4.176   -2.979  1.00 47.19  ? 140 LYS A C   1 
ATOM   1139 O  O   . LYS A 1 140 ? -14.024 3.111   -3.431  1.00 49.15  ? 140 LYS A O   1 
ATOM   1140 C  CB  . LYS A 1 140 ? -15.215 5.852   -2.041  1.00 41.82  ? 140 LYS A CB  1 
ATOM   1141 C  CG  . LYS A 1 140 ? -16.266 5.436   -3.091  1.00 47.97  ? 140 LYS A CG  1 
ATOM   1142 C  CD  . LYS A 1 140 ? -16.950 6.661   -3.742  1.00 42.24  ? 140 LYS A CD  1 
ATOM   1143 C  CE  . LYS A 1 140 ? -15.989 7.442   -4.644  1.00 42.58  ? 140 LYS A CE  1 
ATOM   1144 N  NZ  . LYS A 1 140 ? -16.592 8.702   -5.192  1.00 40.70  ? 140 LYS A NZ  1 
ATOM   1145 N  N   . SER A 1 141 ? -12.608 4.864   -3.548  1.00 43.69  ? 141 SER A N   1 
ATOM   1146 C  CA  . SER A 1 141 ? -11.936 4.402   -4.762  1.00 45.42  ? 141 SER A CA  1 
ATOM   1147 C  C   . SER A 1 141 ? -10.441 4.713   -4.713  1.00 47.58  ? 141 SER A C   1 
ATOM   1148 O  O   . SER A 1 141 ? -10.038 5.873   -4.620  1.00 46.84  ? 141 SER A O   1 
ATOM   1149 C  CB  . SER A 1 141 ? -12.555 5.039   -6.012  1.00 49.64  ? 141 SER A CB  1 
ATOM   1150 O  OG  . SER A 1 141 ? -11.740 4.813   -7.154  1.00 53.68  ? 141 SER A OG  1 
ATOM   1151 N  N   . ILE A 1 142 ? -9.629  3.663   -4.787  1.00 45.18  ? 142 ILE A N   1 
ATOM   1152 C  CA  . ILE A 1 142 ? -8.178  3.779   -4.758  1.00 46.24  ? 142 ILE A CA  1 
ATOM   1153 C  C   . ILE A 1 142 ? -7.670  4.661   -5.893  1.00 49.27  ? 142 ILE A C   1 
ATOM   1154 O  O   . ILE A 1 142 ? -6.797  5.510   -5.696  1.00 50.37  ? 142 ILE A O   1 
ATOM   1155 C  CB  . ILE A 1 142 ? -7.540  2.389   -4.871  1.00 47.21  ? 142 ILE A CB  1 
ATOM   1156 C  CG1 . ILE A 1 142 ? -8.479  1.342   -4.246  1.00 51.67  ? 142 ILE A CG1 1 
ATOM   1157 C  CG2 . ILE A 1 142 ? -6.145  2.395   -4.291  1.00 46.38  ? 142 ILE A CG2 1 
ATOM   1158 C  CD1 . ILE A 1 142 ? -7.808  0.260   -3.401  1.00 55.28  ? 142 ILE A CD1 1 
ATOM   1159 N  N   . VAL A 1 143 ? -8.240  4.464   -7.079  1.00 45.79  ? 143 VAL A N   1 
ATOM   1160 C  CA  . VAL A 1 143 ? -7.762  5.115   -8.299  1.00 48.96  ? 143 VAL A CA  1 
ATOM   1161 C  C   . VAL A 1 143 ? -7.977  6.638   -8.322  1.00 46.85  ? 143 VAL A C   1 
ATOM   1162 O  O   . VAL A 1 143 ? -7.127  7.394   -8.821  1.00 44.21  ? 143 VAL A O   1 
ATOM   1163 C  CB  . VAL A 1 143 ? -8.381  4.418   -9.546  1.00 55.82  ? 143 VAL A CB  1 
ATOM   1164 C  CG1 . VAL A 1 143 ? -8.346  5.317   -10.785 1.00 50.49  ? 143 VAL A CG1 1 
ATOM   1165 C  CG2 . VAL A 1 143 ? -7.676  3.075   -9.815  1.00 55.65  ? 143 VAL A CG2 1 
ATOM   1166 N  N   . THR A 1 144 ? -9.100  7.092   -7.766  1.00 47.20  ? 144 THR A N   1 
ATOM   1167 C  CA  . THR A 1 144 ? -9.416  8.523   -7.755  1.00 45.47  ? 144 THR A CA  1 
ATOM   1168 C  C   . THR A 1 144 ? -9.012  9.208   -6.446  1.00 46.19  ? 144 THR A C   1 
ATOM   1169 O  O   . THR A 1 144 ? -8.495  10.329  -6.459  1.00 42.55  ? 144 THR A O   1 
ATOM   1170 C  CB  . THR A 1 144 ? -10.923 8.798   -8.031  1.00 44.73  ? 144 THR A CB  1 
ATOM   1171 O  OG1 . THR A 1 144 ? -11.723 8.084   -7.084  1.00 44.17  ? 144 THR A OG1 1 
ATOM   1172 C  CG2 . THR A 1 144 ? -11.325 8.399   -9.452  1.00 44.13  ? 144 THR A CG2 1 
ATOM   1173 N  N   . ASP A 1 145 ? -9.253  8.540   -5.319  1.00 44.86  ? 145 ASP A N   1 
ATOM   1174 C  CA  . ASP A 1 145 ? -9.070  9.164   -4.004  1.00 45.22  ? 145 ASP A CA  1 
ATOM   1175 C  C   . ASP A 1 145 ? -7.613  9.222   -3.515  1.00 47.22  ? 145 ASP A C   1 
ATOM   1176 O  O   . ASP A 1 145 ? -7.297  9.991   -2.607  1.00 44.32  ? 145 ASP A O   1 
ATOM   1177 C  CB  . ASP A 1 145 ? -9.933  8.465   -2.932  1.00 39.70  ? 145 ASP A CB  1 
ATOM   1178 C  CG  . ASP A 1 145 ? -11.401 8.329   -3.331  1.00 41.99  ? 145 ASP A CG  1 
ATOM   1179 O  OD1 . ASP A 1 145 ? -11.861 9.071   -4.223  1.00 41.54  ? 145 ASP A OD1 1 
ATOM   1180 O  OD2 . ASP A 1 145 ? -12.104 7.471   -2.741  1.00 41.71  ? 145 ASP A OD2 1 
ATOM   1181 N  N   . LEU A 1 146 ? -6.729  8.424   -4.106  1.00 45.19  ? 146 LEU A N   1 
ATOM   1182 C  CA  . LEU A 1 146 ? -5.389  8.241   -3.528  1.00 46.39  ? 146 LEU A CA  1 
ATOM   1183 C  C   . LEU A 1 146 ? -4.212  8.982   -4.203  1.00 44.31  ? 146 LEU A C   1 
ATOM   1184 O  O   . LEU A 1 146 ? -3.492  9.714   -3.528  1.00 45.38  ? 146 LEU A O   1 
ATOM   1185 C  CB  . LEU A 1 146 ? -5.074  6.749   -3.342  1.00 49.16  ? 146 LEU A CB  1 
ATOM   1186 C  CG  . LEU A 1 146 ? -4.617  6.328   -1.947  1.00 49.23  ? 146 LEU A CG  1 
ATOM   1187 C  CD1 . LEU A 1 146 ? -5.537  6.915   -0.889  1.00 45.41  ? 146 LEU A CD1 1 
ATOM   1188 C  CD2 . LEU A 1 146 ? -4.572  4.811   -1.823  1.00 48.99  ? 146 LEU A CD2 1 
ATOM   1189 N  N   . PRO A 1 147 ? -4.003  8.804   -5.522  1.00 42.34  ? 147 PRO A N   1 
ATOM   1190 C  CA  . PRO A 1 147 ? -2.863  9.507   -6.142  1.00 43.01  ? 147 PRO A CA  1 
ATOM   1191 C  C   . PRO A 1 147 ? -2.736  11.034  -5.913  1.00 43.79  ? 147 PRO A C   1 
ATOM   1192 O  O   . PRO A 1 147 ? -1.601  11.500  -5.746  1.00 46.17  ? 147 PRO A O   1 
ATOM   1193 C  CB  . PRO A 1 147 ? -3.044  9.197   -7.633  1.00 40.65  ? 147 PRO A CB  1 
ATOM   1194 C  CG  . PRO A 1 147 ? -3.679  7.827   -7.628  1.00 43.31  ? 147 PRO A CG  1 
ATOM   1195 C  CD  . PRO A 1 147 ? -4.654  7.884   -6.478  1.00 45.01  ? 147 PRO A CD  1 
ATOM   1196 N  N   . PRO A 1 148 ? -3.853  11.797  -5.921  1.00 44.35  ? 148 PRO A N   1 
ATOM   1197 C  CA  . PRO A 1 148 ? -3.661  13.245  -5.755  1.00 42.24  ? 148 PRO A CA  1 
ATOM   1198 C  C   . PRO A 1 148 ? -3.166  13.567  -4.346  1.00 42.55  ? 148 PRO A C   1 
ATOM   1199 O  O   . PRO A 1 148 ? -2.439  14.543  -4.160  1.00 39.86  ? 148 PRO A O   1 
ATOM   1200 C  CB  . PRO A 1 148 ? -5.067  13.816  -5.959  1.00 42.34  ? 148 PRO A CB  1 
ATOM   1201 C  CG  . PRO A 1 148 ? -5.846  12.727  -6.660  1.00 46.11  ? 148 PRO A CG  1 
ATOM   1202 C  CD  . PRO A 1 148 ? -5.274  11.455  -6.135  1.00 44.73  ? 148 PRO A CD  1 
ATOM   1203 N  N   . LEU A 1 149 ? -3.548  12.744  -3.372  1.00 38.86  ? 149 LEU A N   1 
ATOM   1204 C  CA  . LEU A 1 149 ? -3.041  12.874  -2.005  1.00 40.90  ? 149 LEU A CA  1 
ATOM   1205 C  C   . LEU A 1 149 ? -1.511  12.783  -1.981  1.00 41.89  ? 149 LEU A C   1 
ATOM   1206 O  O   . LEU A 1 149 ? -0.835  13.650  -1.417  1.00 43.84  ? 149 LEU A O   1 
ATOM   1207 C  CB  . LEU A 1 149 ? -3.665  11.789  -1.118  1.00 42.36  ? 149 LEU A CB  1 
ATOM   1208 C  CG  . LEU A 1 149 ? -3.544  11.838  0.401   1.00 36.64  ? 149 LEU A CG  1 
ATOM   1209 C  CD1 . LEU A 1 149 ? -4.683  11.032  1.029   1.00 41.11  ? 149 LEU A CD1 1 
ATOM   1210 C  CD2 . LEU A 1 149 ? -2.230  11.242  0.823   1.00 40.26  ? 149 LEU A CD2 1 
ATOM   1211 N  N   . PHE A 1 150 ? -0.973  11.739  -2.604  1.00 39.62  ? 150 PHE A N   1 
ATOM   1212 C  CA  . PHE A 1 150 ? 0.467   11.564  -2.711  1.00 38.58  ? 150 PHE A CA  1 
ATOM   1213 C  C   . PHE A 1 150 ? 1.095   12.735  -3.480  1.00 40.02  ? 150 PHE A C   1 
ATOM   1214 O  O   . PHE A 1 150 ? 2.151   13.239  -3.103  1.00 37.45  ? 150 PHE A O   1 
ATOM   1215 C  CB  . PHE A 1 150 ? 0.779   10.242  -3.421  1.00 39.00  ? 150 PHE A CB  1 
ATOM   1216 C  CG  . PHE A 1 150 ? 0.245   9.026   -2.705  1.00 39.90  ? 150 PHE A CG  1 
ATOM   1217 C  CD1 . PHE A 1 150 ? 0.502   8.831   -1.360  1.00 40.34  ? 150 PHE A CD1 1 
ATOM   1218 C  CD2 . PHE A 1 150 ? -0.522  8.089   -3.378  1.00 42.35  ? 150 PHE A CD2 1 
ATOM   1219 C  CE1 . PHE A 1 150 ? 0.003   7.705   -0.680  1.00 37.60  ? 150 PHE A CE1 1 
ATOM   1220 C  CE2 . PHE A 1 150 ? -1.027  6.956   -2.710  1.00 45.41  ? 150 PHE A CE2 1 
ATOM   1221 C  CZ  . PHE A 1 150 ? -0.764  6.773   -1.359  1.00 41.04  ? 150 PHE A CZ  1 
ATOM   1222 N  N   . GLU A 1 151 ? 0.434   13.157  -4.553  1.00 38.32  ? 151 GLU A N   1 
ATOM   1223 C  CA  . GLU A 1 151 ? 0.938   14.239  -5.400  1.00 41.67  ? 151 GLU A CA  1 
ATOM   1224 C  C   . GLU A 1 151 ? 1.076   15.563  -4.671  1.00 40.72  ? 151 GLU A C   1 
ATOM   1225 O  O   . GLU A 1 151 ? 2.060   16.267  -4.847  1.00 43.65  ? 151 GLU A O   1 
ATOM   1226 C  CB  . GLU A 1 151 ? 0.009   14.462  -6.586  1.00 42.52  ? 151 GLU A CB  1 
ATOM   1227 C  CG  . GLU A 1 151 ? 0.249   13.579  -7.779  1.00 49.25  ? 151 GLU A CG  1 
ATOM   1228 C  CD  . GLU A 1 151 ? -0.565  14.041  -8.978  1.00 62.60  ? 151 GLU A CD  1 
ATOM   1229 O  OE1 . GLU A 1 151 ? -1.646  13.449  -9.209  1.00 56.43  ? 151 GLU A OE1 1 
ATOM   1230 O  OE2 . GLU A 1 151 ? -0.127  15.000  -9.675  1.00 62.81  ? 151 GLU A OE2 1 
ATOM   1231 N  N   . SER A 1 152 ? 0.077   15.927  -3.876  1.00 40.64  ? 152 SER A N   1 
ATOM   1232 C  CA  . SER A 1 152 ? 0.133   17.219  -3.197  1.00 43.52  ? 152 SER A CA  1 
ATOM   1233 C  C   . SER A 1 152 ? 1.264   17.216  -2.168  1.00 42.60  ? 152 SER A C   1 
ATOM   1234 O  O   . SER A 1 152 ? 1.955   18.221  -1.985  1.00 40.98  ? 152 SER A O   1 
ATOM   1235 C  CB  . SER A 1 152 ? -1.215  17.569  -2.574  1.00 41.34  ? 152 SER A CB  1 
ATOM   1236 O  OG  . SER A 1 152 ? -1.610  16.591  -1.631  1.00 48.26  ? 152 SER A OG  1 
ATOM   1237 N  N   . PHE A 1 153 ? 1.495   16.063  -1.549  1.00 37.60  ? 153 PHE A N   1 
ATOM   1238 C  CA  . PHE A 1 153 ? 2.623   15.901  -0.644  1.00 37.93  ? 153 PHE A CA  1 
ATOM   1239 C  C   . PHE A 1 153 ? 3.960   16.179  -1.321  1.00 40.21  ? 153 PHE A C   1 
ATOM   1240 O  O   . PHE A 1 153 ? 4.748   16.978  -0.819  1.00 42.09  ? 153 PHE A O   1 
ATOM   1241 C  CB  . PHE A 1 153 ? 2.657   14.504  -0.029  1.00 37.52  ? 153 PHE A CB  1 
ATOM   1242 C  CG  . PHE A 1 153 ? 3.770   14.324  0.968   1.00 36.71  ? 153 PHE A CG  1 
ATOM   1243 C  CD1 . PHE A 1 153 ? 4.872   13.527  0.677   1.00 36.74  ? 153 PHE A CD1 1 
ATOM   1244 C  CD2 . PHE A 1 153 ? 3.727   14.985  2.193   1.00 35.12  ? 153 PHE A CD2 1 
ATOM   1245 C  CE1 . PHE A 1 153 ? 5.906   13.377  1.599   1.00 37.77  ? 153 PHE A CE1 1 
ATOM   1246 C  CE2 . PHE A 1 153 ? 4.755   14.840  3.122   1.00 36.67  ? 153 PHE A CE2 1 
ATOM   1247 C  CZ  . PHE A 1 153 ? 5.847   14.038  2.825   1.00 36.20  ? 153 PHE A CZ  1 
ATOM   1248 N  N   . TYR A 1 154 ? 4.213   15.518  -2.450  1.00 38.30  ? 154 TYR A N   1 
ATOM   1249 C  CA  . TYR A 1 154 ? 5.481   15.674  -3.163  1.00 44.49  ? 154 TYR A CA  1 
ATOM   1250 C  C   . TYR A 1 154 ? 5.686   17.115  -3.621  1.00 47.34  ? 154 TYR A C   1 
ATOM   1251 O  O   . TYR A 1 154 ? 6.812   17.605  -3.662  1.00 52.06  ? 154 TYR A O   1 
ATOM   1252 C  CB  . TYR A 1 154 ? 5.560   14.738  -4.381  1.00 40.13  ? 154 TYR A CB  1 
ATOM   1253 C  CG  . TYR A 1 154 ? 5.302   13.277  -4.067  1.00 47.64  ? 154 TYR A CG  1 
ATOM   1254 C  CD1 . TYR A 1 154 ? 5.636   12.744  -2.831  1.00 43.77  ? 154 TYR A CD1 1 
ATOM   1255 C  CD2 . TYR A 1 154 ? 4.723   12.433  -5.006  1.00 49.02  ? 154 TYR A CD2 1 
ATOM   1256 C  CE1 . TYR A 1 154 ? 5.390   11.412  -2.531  1.00 48.31  ? 154 TYR A CE1 1 
ATOM   1257 C  CE2 . TYR A 1 154 ? 4.473   11.093  -4.713  1.00 48.00  ? 154 TYR A CE2 1 
ATOM   1258 C  CZ  . TYR A 1 154 ? 4.814   10.592  -3.471  1.00 48.82  ? 154 TYR A CZ  1 
ATOM   1259 O  OH  . TYR A 1 154 ? 4.582   9.267   -3.148  1.00 51.30  ? 154 TYR A OH  1 
ATOM   1260 N  N   . ALA A 1 155 ? 4.594   17.786  -3.967  1.00 47.37  ? 155 ALA A N   1 
ATOM   1261 C  CA  . ALA A 1 155 ? 4.675   19.119  -4.565  1.00 46.32  ? 155 ALA A CA  1 
ATOM   1262 C  C   . ALA A 1 155 ? 4.771   20.247  -3.539  1.00 49.67  ? 155 ALA A C   1 
ATOM   1263 O  O   . ALA A 1 155 ? 5.030   21.407  -3.903  1.00 50.37  ? 155 ALA A O   1 
ATOM   1264 C  CB  . ALA A 1 155 ? 3.502   19.347  -5.506  1.00 46.80  ? 155 ALA A CB  1 
ATOM   1265 N  N   . SER A 1 156 ? 4.577   19.918  -2.263  1.00 43.94  ? 156 SER A N   1 
ATOM   1266 C  CA  . SER A 1 156 ? 4.682   20.935  -1.210  1.00 48.90  ? 156 SER A CA  1 
ATOM   1267 C  C   . SER A 1 156 ? 5.880   20.763  -0.253  1.00 47.71  ? 156 SER A C   1 
ATOM   1268 O  O   . SER A 1 156 ? 5.961   19.782  0.496   1.00 42.80  ? 156 SER A O   1 
ATOM   1269 C  CB  . SER A 1 156 ? 3.376   21.022  -0.416  1.00 45.28  ? 156 SER A CB  1 
ATOM   1270 O  OG  . SER A 1 156 ? 3.572   21.735  0.796   1.00 47.89  ? 156 SER A OG  1 
ATOM   1271 N  N   . GLU A 1 157 ? 6.800   21.727  -0.258  1.00 45.49  ? 157 GLU A N   1 
ATOM   1272 C  CA  . GLU A 1 157 ? 7.882   21.708  0.720   1.00 42.31  ? 157 GLU A CA  1 
ATOM   1273 C  C   . GLU A 1 157 ? 7.358   21.963  2.140   1.00 43.34  ? 157 GLU A C   1 
ATOM   1274 O  O   . GLU A 1 157 ? 7.915   21.463  3.117   1.00 46.05  ? 157 GLU A O   1 
ATOM   1275 C  CB  . GLU A 1 157 ? 9.003   22.674  0.323   1.00 49.12  ? 157 GLU A CB  1 
ATOM   1276 C  CG  . GLU A 1 157 ? 9.527   22.403  -1.092  1.00 54.97  ? 157 GLU A CG  1 
ATOM   1277 C  CD  . GLU A 1 157 ? 11.045  22.505  -1.226  1.00 60.40  ? 157 GLU A CD  1 
ATOM   1278 O  OE1 . GLU A 1 157 ? 11.639  21.662  -1.943  1.00 64.24  ? 157 GLU A OE1 1 
ATOM   1279 O  OE2 . GLU A 1 157 ? 11.639  23.436  -0.638  1.00 63.84  ? 157 GLU A OE2 1 
ATOM   1280 N  N   . ASP A 1 158 ? 6.269   22.716  2.254   1.00 47.33  ? 158 ASP A N   1 
ATOM   1281 C  CA  . ASP A 1 158 ? 5.592   22.897  3.539   1.00 46.89  ? 158 ASP A CA  1 
ATOM   1282 C  C   . ASP A 1 158 ? 5.128   21.581  4.191   1.00 47.76  ? 158 ASP A C   1 
ATOM   1283 O  O   . ASP A 1 158 ? 5.393   21.322  5.376   1.00 42.68  ? 158 ASP A O   1 
ATOM   1284 C  CB  . ASP A 1 158 ? 4.371   23.791  3.343   1.00 52.54  ? 158 ASP A CB  1 
ATOM   1285 C  CG  . ASP A 1 158 ? 4.582   25.195  3.864   1.00 65.02  ? 158 ASP A CG  1 
ATOM   1286 O  OD1 . ASP A 1 158 ? 5.172   26.029  3.132   1.00 64.69  ? 158 ASP A OD1 1 
ATOM   1287 O  OD2 . ASP A 1 158 ? 4.141   25.458  5.009   1.00 69.92  ? 158 ASP A OD2 1 
ATOM   1288 N  N   . LYS A 1 159 ? 4.400   20.769  3.432   1.00 45.58  ? 159 LYS A N   1 
ATOM   1289 C  CA  . LYS A 1 159 ? 3.896   19.502  3.964   1.00 41.71  ? 159 LYS A CA  1 
ATOM   1290 C  C   . LYS A 1 159 ? 5.069   18.594  4.316   1.00 41.53  ? 159 LYS A C   1 
ATOM   1291 O  O   . LYS A 1 159 ? 5.047   17.912  5.335   1.00 41.40  ? 159 LYS A O   1 
ATOM   1292 C  CB  . LYS A 1 159 ? 2.985   18.816  2.936   1.00 44.53  ? 159 LYS A CB  1 
ATOM   1293 C  CG  . LYS A 1 159 ? 1.772   19.643  2.509   1.00 45.47  ? 159 LYS A CG  1 
ATOM   1294 C  CD  . LYS A 1 159 ? 0.994   18.968  1.381   1.00 46.26  ? 159 LYS A CD  1 
ATOM   1295 C  CE  . LYS A 1 159 ? -0.201  19.813  0.940   1.00 46.43  ? 159 LYS A CE  1 
ATOM   1296 N  NZ  . LYS A 1 159 ? -1.235  19.980  2.000   1.00 45.26  ? 159 LYS A NZ  1 
ATOM   1297 N  N   . ARG A 1 160 ? 6.101   18.620  3.470   1.00 40.55  ? 160 ARG A N   1 
ATOM   1298 C  CA  . ARG A 1 160 ? 7.314   17.817  3.652   1.00 42.07  ? 160 ARG A CA  1 
ATOM   1299 C  C   . ARG A 1 160 ? 8.255   18.285  4.773   1.00 43.03  ? 160 ARG A C   1 
ATOM   1300 O  O   . ARG A 1 160 ? 9.233   17.602  5.096   1.00 39.77  ? 160 ARG A O   1 
ATOM   1301 C  CB  . ARG A 1 160 ? 8.082   17.712  2.330   1.00 40.23  ? 160 ARG A CB  1 
ATOM   1302 C  CG  . ARG A 1 160 ? 7.381   16.845  1.275   1.00 41.27  ? 160 ARG A CG  1 
ATOM   1303 C  CD  . ARG A 1 160 ? 7.855   17.161  -0.131  1.00 43.39  ? 160 ARG A CD  1 
ATOM   1304 N  NE  . ARG A 1 160 ? 9.295   17.382  -0.180  1.00 49.65  ? 160 ARG A NE  1 
ATOM   1305 C  CZ  . ARG A 1 160 ? 9.939   17.887  -1.226  1.00 50.77  ? 160 ARG A CZ  1 
ATOM   1306 N  NH1 . ARG A 1 160 ? 9.276   18.210  -2.327  1.00 55.82  ? 160 ARG A NH1 1 
ATOM   1307 N  NH2 . ARG A 1 160 ? 11.248  18.067  -1.173  1.00 54.43  ? 160 ARG A NH2 1 
ATOM   1308 N  N   . ARG A 1 161 ? 7.946   19.423  5.391   1.00 44.74  ? 161 ARG A N   1 
ATOM   1309 C  CA  . ARG A 1 161 ? 8.850   20.018  6.383   1.00 42.95  ? 161 ARG A CA  1 
ATOM   1310 C  C   . ARG A 1 161 ? 8.621   19.457  7.774   1.00 36.94  ? 161 ARG A C   1 
ATOM   1311 O  O   . ARG A 1 161 ? 7.535   19.607  8.325   1.00 37.62  ? 161 ARG A O   1 
ATOM   1312 C  CB  . ARG A 1 161 ? 8.677   21.542  6.400   1.00 43.26  ? 161 ARG A CB  1 
ATOM   1313 C  CG  . ARG A 1 161 ? 9.584   22.276  7.369   1.00 46.65  ? 161 ARG A CG  1 
ATOM   1314 C  CD  . ARG A 1 161 ? 9.501   23.797  7.182   1.00 41.91  ? 161 ARG A CD  1 
ATOM   1315 N  NE  . ARG A 1 161 ? 10.275  24.238  6.021   1.00 46.37  ? 161 ARG A NE  1 
ATOM   1316 C  CZ  . ARG A 1 161 ? 9.738   24.708  4.901   1.00 48.51  ? 161 ARG A CZ  1 
ATOM   1317 N  NH1 . ARG A 1 161 ? 8.420   24.817  4.794   1.00 50.61  ? 161 ARG A NH1 1 
ATOM   1318 N  NH2 . ARG A 1 161 ? 10.520  25.076  3.893   1.00 51.76  ? 161 ARG A NH2 1 
ATOM   1319 N  N   . CYS A 1 162 ? 9.642   18.817  8.350   1.00 39.69  ? 162 CYS A N   1 
ATOM   1320 C  CA  . CYS A 1 162 ? 9.524   18.275  9.708   1.00 41.56  ? 162 CYS A CA  1 
ATOM   1321 C  C   . CYS A 1 162 ? 9.361   19.374  10.746  1.00 47.78  ? 162 CYS A C   1 
ATOM   1322 O  O   . CYS A 1 162 ? 10.146  20.333  10.776  1.00 48.55  ? 162 CYS A O   1 
ATOM   1323 C  CB  . CYS A 1 162 ? 10.725  17.404  10.081  1.00 43.13  ? 162 CYS A CB  1 
ATOM   1324 S  SG  . CYS A 1 162 ? 10.674  16.809  11.804  1.00 47.98  ? 162 CYS A SG  1 
ATOM   1325 N  N   . PRO A 1 163 ? 8.345   19.233  11.609  1.00 46.76  ? 163 PRO A N   1 
ATOM   1326 C  CA  . PRO A 1 163 ? 8.015   20.229  12.635  1.00 52.31  ? 163 PRO A CA  1 
ATOM   1327 C  C   . PRO A 1 163 ? 8.939   20.126  13.845  1.00 54.00  ? 163 PRO A C   1 
ATOM   1328 O  O   . PRO A 1 163 ? 8.790   20.870  14.814  1.00 55.22  ? 163 PRO A O   1 
ATOM   1329 C  CB  . PRO A 1 163 ? 6.590   19.841  13.043  1.00 49.44  ? 163 PRO A CB  1 
ATOM   1330 C  CG  . PRO A 1 163 ? 6.531   18.353  12.808  1.00 47.31  ? 163 PRO A CG  1 
ATOM   1331 C  CD  . PRO A 1 163 ? 7.378   18.117  11.586  1.00 46.09  ? 163 PRO A CD  1 
ATOM   1332 N  N   . HIS A 1 164 ? 9.887   19.201  13.787  1.00 54.87  ? 164 HIS A N   1 
ATOM   1333 C  CA  . HIS A 1 164 ? 10.781  18.982  14.910  1.00 55.67  ? 164 HIS A CA  1 
ATOM   1334 C  C   . HIS A 1 164 ? 12.204  19.446  14.627  1.00 54.52  ? 164 HIS A C   1 
ATOM   1335 O  O   . HIS A 1 164 ? 12.864  20.007  15.501  1.00 57.15  ? 164 HIS A O   1 
ATOM   1336 C  CB  . HIS A 1 164 ? 10.800  17.504  15.285  1.00 55.35  ? 164 HIS A CB  1 
ATOM   1337 C  CG  . HIS A 1 164 ? 11.480  17.231  16.583  1.00 55.22  ? 164 HIS A CG  1 
ATOM   1338 N  ND1 . HIS A 1 164 ? 10.844  17.374  17.798  1.00 55.46  ? 164 HIS A ND1 1 
ATOM   1339 C  CD2 . HIS A 1 164 ? 12.748  16.842  16.864  1.00 58.12  ? 164 HIS A CD2 1 
ATOM   1340 C  CE1 . HIS A 1 164 ? 11.687  17.077  18.770  1.00 60.91  ? 164 HIS A CE1 1 
ATOM   1341 N  NE2 . HIS A 1 164 ? 12.850  16.754  18.230  1.00 60.75  ? 164 HIS A NE2 1 
ATOM   1342 N  N   . CYS A 1 165 ? 12.682  19.200  13.414  1.00 50.11  ? 165 CYS A N   1 
ATOM   1343 C  CA  . CYS A 1 165 ? 14.079  19.453  13.105  1.00 52.47  ? 165 CYS A CA  1 
ATOM   1344 C  C   . CYS A 1 165 ? 14.234  20.226  11.800  1.00 52.16  ? 165 CYS A C   1 
ATOM   1345 O  O   . CYS A 1 165 ? 15.357  20.514  11.377  1.00 55.54  ? 165 CYS A O   1 
ATOM   1346 C  CB  . CYS A 1 165 ? 14.841  18.131  13.019  1.00 47.12  ? 165 CYS A CB  1 
ATOM   1347 S  SG  . CYS A 1 165 ? 14.792  17.419  11.386  1.00 45.54  ? 165 CYS A SG  1 
ATOM   1348 N  N   . GLY A 1 166 ? 13.108  20.527  11.154  1.00 48.04  ? 166 GLY A N   1 
ATOM   1349 C  CA  . GLY A 1 166 ? 13.092  21.367  9.966   1.00 44.53  ? 166 GLY A CA  1 
ATOM   1350 C  C   . GLY A 1 166 ? 13.616  20.773  8.668   1.00 47.42  ? 166 GLY A C   1 
ATOM   1351 O  O   . GLY A 1 166 ? 13.531  21.419  7.616   1.00 45.21  ? 166 GLY A O   1 
ATOM   1352 N  N   . GLN A 1 167 ? 14.168  19.565  8.729   1.00 45.31  ? 167 GLN A N   1 
ATOM   1353 C  CA  . GLN A 1 167 ? 14.615  18.880  7.520   1.00 44.24  ? 167 GLN A CA  1 
ATOM   1354 C  C   . GLN A 1 167 ? 13.413  18.645  6.601   1.00 47.28  ? 167 GLN A C   1 
ATOM   1355 O  O   . GLN A 1 167 ? 12.331  18.271  7.062   1.00 48.12  ? 167 GLN A O   1 
ATOM   1356 C  CB  . GLN A 1 167 ? 15.292  17.551  7.879   1.00 46.32  ? 167 GLN A CB  1 
ATOM   1357 C  CG  . GLN A 1 167 ? 15.659  16.652  6.693   1.00 50.60  ? 167 GLN A CG  1 
ATOM   1358 C  CD  . GLN A 1 167 ? 17.039  16.936  6.088   1.00 60.53  ? 167 GLN A CD  1 
ATOM   1359 O  OE1 . GLN A 1 167 ? 17.551  18.063  6.137   1.00 61.51  ? 167 GLN A OE1 1 
ATOM   1360 N  NE2 . GLN A 1 167 ? 17.644  15.901  5.512   1.00 64.64  ? 167 GLN A NE2 1 
ATOM   1361 N  N   . VAL A 1 168 ? 13.599  18.884  5.306   1.00 45.23  ? 168 VAL A N   1 
ATOM   1362 C  CA  . VAL A 1 168 ? 12.536  18.708  4.320   1.00 42.94  ? 168 VAL A CA  1 
ATOM   1363 C  C   . VAL A 1 168 ? 12.577  17.289  3.740   1.00 47.22  ? 168 VAL A C   1 
ATOM   1364 O  O   . VAL A 1 168 ? 13.607  16.845  3.215   1.00 46.08  ? 168 VAL A O   1 
ATOM   1365 C  CB  . VAL A 1 168 ? 12.643  19.762  3.195   1.00 45.93  ? 168 VAL A CB  1 
ATOM   1366 C  CG1 . VAL A 1 168 ? 11.755  19.399  2.021   1.00 47.22  ? 168 VAL A CG1 1 
ATOM   1367 C  CG2 . VAL A 1 168 ? 12.283  21.148  3.732   1.00 39.97  ? 168 VAL A CG2 1 
ATOM   1368 N  N   . HIS A 1 169 ? 11.459  16.576  3.862   1.00 42.34  ? 169 HIS A N   1 
ATOM   1369 C  CA  . HIS A 1 169 ? 11.360  15.211  3.354   1.00 41.49  ? 169 HIS A CA  1 
ATOM   1370 C  C   . HIS A 1 169 ? 11.558  15.249  1.842   1.00 45.35  ? 169 HIS A C   1 
ATOM   1371 O  O   . HIS A 1 169 ? 11.020  16.138  1.162   1.00 47.08  ? 169 HIS A O   1 
ATOM   1372 C  CB  . HIS A 1 169 ? 9.985   14.626  3.716   1.00 42.79  ? 169 HIS A CB  1 
ATOM   1373 C  CG  . HIS A 1 169 ? 9.848   13.148  3.475   1.00 41.46  ? 169 HIS A CG  1 
ATOM   1374 N  ND1 . HIS A 1 169 ? 9.782   12.599  2.213   1.00 41.70  ? 169 HIS A ND1 1 
ATOM   1375 C  CD2 . HIS A 1 169 ? 9.720   12.114  4.339   1.00 41.30  ? 169 HIS A CD2 1 
ATOM   1376 C  CE1 . HIS A 1 169 ? 9.637   11.289  2.309   1.00 42.04  ? 169 HIS A CE1 1 
ATOM   1377 N  NE2 . HIS A 1 169 ? 9.606   10.967  3.588   1.00 39.42  ? 169 HIS A NE2 1 
ATOM   1378 N  N   . PRO A 1 170 ? 12.345  14.292  1.314   1.00 45.26  ? 170 PRO A N   1 
ATOM   1379 C  CA  . PRO A 1 170 ? 12.679  14.166  -0.109  1.00 47.99  ? 170 PRO A CA  1 
ATOM   1380 C  C   . PRO A 1 170 ? 11.459  14.030  -1.009  1.00 49.18  ? 170 PRO A C   1 
ATOM   1381 O  O   . PRO A 1 170 ? 11.541  14.304  -2.210  1.00 45.74  ? 170 PRO A O   1 
ATOM   1382 C  CB  . PRO A 1 170 ? 13.499  12.871  -0.158  1.00 51.45  ? 170 PRO A CB  1 
ATOM   1383 C  CG  . PRO A 1 170 ? 13.259  12.182  1.182   1.00 48.22  ? 170 PRO A CG  1 
ATOM   1384 C  CD  . PRO A 1 170 ? 13.073  13.303  2.127   1.00 45.63  ? 170 PRO A CD  1 
ATOM   1385 N  N   . GLY A 1 171 ? 10.341  13.587  -0.449  1.00 47.08  ? 171 GLY A N   1 
ATOM   1386 C  CA  . GLY A 1 171 ? 9.132   13.454  -1.236  1.00 46.71  ? 171 GLY A CA  1 
ATOM   1387 C  C   . GLY A 1 171 ? 8.932   12.070  -1.816  1.00 54.02  ? 171 GLY A C   1 
ATOM   1388 O  O   . GLY A 1 171 ? 8.608   11.116  -1.086  1.00 51.06  ? 171 GLY A O   1 
ATOM   1389 N  N   . ARG A 1 172 ? 9.120   11.966  -3.130  1.00 55.42  ? 172 ARG A N   1 
ATOM   1390 C  CA  . ARG A 1 172 ? 8.847   10.735  -3.880  1.00 59.42  ? 172 ARG A CA  1 
ATOM   1391 C  C   . ARG A 1 172 ? 9.938   9.671   -3.683  1.00 63.07  ? 172 ARG A C   1 
ATOM   1392 O  O   . ARG A 1 172 ? 9.639   8.529   -3.309  1.00 59.49  ? 172 ARG A O   1 
ATOM   1393 C  CB  . ARG A 1 172 ? 8.680   11.071  -5.366  1.00 58.42  ? 172 ARG A CB  1 
ATOM   1394 C  CG  . ARG A 1 172 ? 7.984   10.013  -6.216  1.00 61.88  ? 172 ARG A CG  1 
ATOM   1395 C  CD  . ARG A 1 172 ? 7.819   10.527  -7.645  1.00 69.28  ? 172 ARG A CD  1 
ATOM   1396 N  NE  . ARG A 1 172 ? 6.417   10.748  -7.994  1.00 74.51  ? 172 ARG A NE  1 
ATOM   1397 C  CZ  . ARG A 1 172 ? 5.750   10.021  -8.886  1.00 81.06  ? 172 ARG A CZ  1 
ATOM   1398 N  NH1 . ARG A 1 172 ? 6.363   9.033   -9.527  1.00 84.86  ? 172 ARG A NH1 1 
ATOM   1399 N  NH2 . ARG A 1 172 ? 4.474   10.283  -9.142  1.00 77.81  ? 172 ARG A NH2 1 
ATOM   1400 N  N   . ALA A 1 173 ? 11.192  10.057  -3.933  1.00 65.95  ? 173 ALA A N   1 
ATOM   1401 C  CA  . ALA A 1 173 ? 12.347  9.176   -3.744  1.00 67.33  ? 173 ALA A CA  1 
ATOM   1402 C  C   . ALA A 1 173 ? 12.795  9.176   -2.276  1.00 71.28  ? 173 ALA A C   1 
ATOM   1403 O  O   . ALA A 1 173 ? 12.028  9.555   -1.383  1.00 68.84  ? 173 ALA A O   1 
ATOM   1404 C  CB  . ALA A 1 173 ? 13.500  9.607   -4.656  1.00 70.14  ? 173 ALA A CB  1 
ATOM   1405 N  N   . ALA A 1 174 ? 14.035  8.756   -2.025  1.00 74.74  ? 174 ALA A N   1 
ATOM   1406 C  CA  . ALA A 1 174 ? 14.544  8.651   -0.654  1.00 77.32  ? 174 ALA A CA  1 
ATOM   1407 C  C   . ALA A 1 174 ? 16.061  8.860   -0.566  1.00 79.49  ? 174 ALA A C   1 
ATOM   1408 O  O   . ALA A 1 174 ? 16.576  9.426   0.404   1.00 78.52  ? 174 ALA A O   1 
ATOM   1409 C  CB  . ALA A 1 174 ? 14.145  7.301   -0.038  1.00 67.26  ? 174 ALA A CB  1 
HETATM 1410 FE FE  . FE2 B 2 .   ? -2.106  -0.853  3.553   1.00 32.62  ? 201 FE2 A FE  1 
HETATM 1411 FE FE  . FE2 C 2 .   ? 12.930  15.715  11.600  1.00 42.80  ? 202 FE2 A FE  1 
HETATM 1412 O  O   . 1CW D 3 .   ? 1.243   -2.503  -2.284  1.00 54.62  ? 203 1CW A O   1 
HETATM 1413 C  C5  . 1CW D 3 .   ? 0.614   -3.180  -1.264  1.00 41.48  ? 203 1CW A C5  1 
HETATM 1414 O  O1  . 1CW D 3 .   ? 1.289   -4.213  -0.674  1.00 44.58  ? 203 1CW A O1  1 
HETATM 1415 C  C4  . 1CW D 3 .   ? -0.472  -2.512  -0.468  1.00 50.15  ? 203 1CW A C4  1 
HETATM 1416 C  C3  . 1CW D 3 .   ? -1.618  -3.228  -0.166  1.00 47.48  ? 203 1CW A C3  1 
HETATM 1417 C  C2  . 1CW D 3 .   ? -2.636  -2.644  0.577   1.00 49.82  ? 203 1CW A C2  1 
HETATM 1418 C  C1  . 1CW D 3 .   ? -2.542  -1.334  1.022   1.00 43.55  ? 203 1CW A C1  1 
HETATM 1419 C  C6  . 1CW D 3 .   ? -0.366  -1.192  -0.007  1.00 54.71  ? 203 1CW A C6  1 
HETATM 1420 O  O2  . 1CW D 3 .   ? 0.747   -0.418  -0.283  1.00 57.12  ? 203 1CW A O2  1 
HETATM 1421 C  C   . 1CW D 3 .   ? -1.388  -0.607  0.734   1.00 51.03  ? 203 1CW A C   1 
HETATM 1422 N  N   . 1CW D 3 .   ? -1.226  0.672   1.152   1.00 51.86  ? 203 1CW A N   1 
HETATM 1423 O  O   . HOH E 4 .   ? 0.856   -9.703  12.766  1.00 34.25  ? 301 HOH A O   1 
HETATM 1424 O  O   . HOH E 4 .   ? -8.528  -3.799  5.373   1.00 36.96  ? 302 HOH A O   1 
HETATM 1425 O  O   . HOH E 4 .   ? 11.753  15.220  7.121   1.00 38.63  ? 303 HOH A O   1 
HETATM 1426 O  O   . HOH E 4 .   ? 14.237  -1.388  4.905   1.00 51.12  ? 304 HOH A O   1 
HETATM 1427 O  O   . HOH E 4 .   ? 1.072   -17.896 -9.423  1.00 44.66  ? 305 HOH A O   1 
HETATM 1428 O  O   . HOH E 4 .   ? -19.699 8.477   -5.173  1.00 41.82  ? 306 HOH A O   1 
HETATM 1429 O  O   . HOH E 4 .   ? 8.393   8.528   4.820   1.00 38.91  ? 307 HOH A O   1 
HETATM 1430 O  O   . HOH E 4 .   ? -10.406 -5.953  10.000  1.00 35.21  ? 308 HOH A O   1 
HETATM 1431 O  O   . HOH E 4 .   ? -0.048  20.556  -2.730  1.00 47.73  ? 309 HOH A O   1 
HETATM 1432 O  O   . HOH E 4 .   ? 5.389   -13.441 -13.612 1.00 54.30  ? 310 HOH A O   1 
HETATM 1433 O  O   . HOH E 4 .   ? -7.226  4.540   10.367  1.00 41.86  ? 311 HOH A O   1 
HETATM 1434 O  O   . HOH E 4 .   ? 7.883   -2.022  26.007  1.00 63.51  ? 312 HOH A O   1 
HETATM 1435 O  O   . HOH E 4 .   ? 6.956   23.882  -2.307  1.00 50.34  ? 313 HOH A O   1 
HETATM 1436 O  O   . HOH E 4 .   ? -10.083 -20.138 -15.929 1.00 45.39  ? 314 HOH A O   1 
HETATM 1437 O  O   . HOH E 4 .   ? 10.117  1.663   9.256   1.00 44.26  ? 315 HOH A O   1 
HETATM 1438 O  O   . HOH E 4 .   ? -16.390 -3.980  5.223   1.00 37.68  ? 316 HOH A O   1 
HETATM 1439 O  O   . HOH E 4 .   ? -6.701  -5.507  -1.652  1.00 31.57  ? 317 HOH A O   1 
HETATM 1440 O  O   . HOH E 4 .   ? -16.009 -15.236 -8.642  1.00 34.91  ? 318 HOH A O   1 
HETATM 1441 O  O   . HOH E 4 .   ? -8.100  -2.035  -10.574 1.00 44.81  ? 319 HOH A O   1 
HETATM 1442 O  O   . HOH E 4 .   ? -12.299 -7.436  -5.049  1.00 33.21  ? 320 HOH A O   1 
HETATM 1443 O  O   . HOH E 4 .   ? -7.100  -2.321  -5.105  1.00 44.05  ? 321 HOH A O   1 
HETATM 1444 O  O   . HOH E 4 .   ? -3.034  -23.589 -12.322 1.00 41.22  ? 322 HOH A O   1 
HETATM 1445 O  O   . HOH E 4 .   ? 11.057  -7.133  15.103  1.00 68.15  ? 323 HOH A O   1 
HETATM 1446 O  O   . HOH E 4 .   ? 5.125   -7.825  -11.613 1.00 42.68  ? 324 HOH A O   1 
HETATM 1447 O  O   . HOH E 4 .   ? 1.563   2.584   2.416   1.00 35.29  ? 325 HOH A O   1 
HETATM 1448 O  O   . HOH E 4 .   ? 2.912   -13.029 -18.739 1.00 55.95  ? 326 HOH A O   1 
HETATM 1449 O  O   . HOH E 4 .   ? -5.168  13.484  10.891  1.00 46.80  ? 327 HOH A O   1 
HETATM 1450 O  O   . HOH E 4 .   ? 8.907   14.155  -5.122  1.00 53.91  ? 328 HOH A O   1 
HETATM 1451 O  O   . HOH E 4 .   ? 4.537   7.837   -1.308  1.00 46.71  ? 329 HOH A O   1 
HETATM 1452 O  O   . HOH E 4 .   ? 13.497  -15.135 -0.382  1.00 45.10  ? 330 HOH A O   1 
HETATM 1453 O  O   . HOH E 4 .   ? 12.984  23.997  7.098   1.00 48.24  ? 331 HOH A O   1 
HETATM 1454 O  O   . HOH E 4 .   ? 11.755  -9.674  0.979   1.00 37.39  ? 332 HOH A O   1 
HETATM 1455 O  O   . HOH E 4 .   ? -11.153 6.529   11.720  1.00 44.26  ? 333 HOH A O   1 
HETATM 1456 O  O   . HOH E 4 .   ? 14.244  2.246   15.120  1.00 45.52  ? 334 HOH A O   1 
HETATM 1457 O  O   . HOH E 4 .   ? -13.659 1.481   1.301   1.00 35.79  ? 335 HOH A O   1 
HETATM 1458 O  O   . HOH E 4 .   ? -8.375  11.711  -8.455  1.00 45.13  ? 336 HOH A O   1 
HETATM 1459 O  O   . HOH E 4 .   ? 3.550   -2.132  -7.396  1.00 40.31  ? 337 HOH A O   1 
HETATM 1460 O  O   . HOH E 4 .   ? -7.896  -23.853 -12.564 1.00 38.13  ? 338 HOH A O   1 
HETATM 1461 O  O   . HOH E 4 .   ? 15.746  4.101   12.740  1.00 54.77  ? 339 HOH A O   1 
HETATM 1462 O  O   . HOH E 4 .   ? 12.939  -8.561  9.904   1.00 53.51  ? 340 HOH A O   1 
HETATM 1463 O  O   . HOH E 4 .   ? -6.509  14.772  6.816   1.00 36.12  ? 341 HOH A O   1 
HETATM 1464 O  O   . HOH E 4 .   ? 11.820  -0.163  8.074   1.00 45.72  ? 342 HOH A O   1 
HETATM 1465 O  O   . HOH E 4 .   ? 2.558   1.316   13.965  1.00 36.31  ? 343 HOH A O   1 
HETATM 1466 O  O   . HOH E 4 .   ? 9.885   -11.177 8.324   1.00 45.75  ? 344 HOH A O   1 
HETATM 1467 O  O   . HOH E 4 .   ? -8.179  -17.432 -16.036 1.00 42.69  ? 345 HOH A O   1 
HETATM 1468 O  O   . HOH E 4 .   ? -0.537  -20.153 -4.452  0.44 44.17  ? 346 HOH A O   1 
HETATM 1469 O  O   . HOH E 4 .   ? 9.609   -13.595 6.258   1.00 44.82  ? 347 HOH A O   1 
HETATM 1470 O  O   . HOH E 4 .   ? -24.616 -9.638  -4.566  1.00 50.58  ? 348 HOH A O   1 
HETATM 1471 O  O   . HOH E 4 .   ? 9.478   -17.089 5.598   1.00 46.58  ? 349 HOH A O   1 
HETATM 1472 O  O   . HOH E 4 .   ? -3.040  4.145   15.900  1.00 45.03  ? 350 HOH A O   1 
HETATM 1473 O  O   . HOH E 4 .   ? 6.263   5.578   -4.730  1.00 47.50  ? 351 HOH A O   1 
HETATM 1474 O  O   . HOH E 4 .   ? 9.428   25.747  -1.893  1.00 58.21  ? 352 HOH A O   1 
HETATM 1475 O  O   . HOH E 4 .   ? -2.296  2.509   -9.673  1.00 58.18  ? 353 HOH A O   1 
HETATM 1476 O  O   . HOH E 4 .   ? -17.205 -3.065  10.250  1.00 54.25  ? 354 HOH A O   1 
HETATM 1477 O  O   . HOH E 4 .   ? -15.233 4.064   2.637   1.00 37.71  ? 355 HOH A O   1 
HETATM 1478 O  O   . HOH E 4 .   ? -16.822 10.028  6.349   1.00 41.46  ? 356 HOH A O   1 
HETATM 1479 O  O   . HOH E 4 .   ? -7.908  12.704  -2.355  1.00 42.57  ? 357 HOH A O   1 
HETATM 1480 O  O   . HOH E 4 .   ? -15.814 11.248  9.042   1.00 38.49  ? 358 HOH A O   1 
HETATM 1481 O  O   . HOH E 4 .   ? -6.525  -2.577  17.158  1.00 48.87  ? 359 HOH A O   1 
HETATM 1482 O  O   . HOH E 4 .   ? -16.329 -4.278  12.078  1.00 61.41  ? 360 HOH A O   1 
HETATM 1483 O  O   . HOH E 4 .   ? -4.526  5.690   14.463  1.00 46.14  ? 361 HOH A O   1 
HETATM 1484 O  O   . HOH E 4 .   ? 15.544  -3.046  6.863   1.00 50.08  ? 362 HOH A O   1 
HETATM 1485 O  O   . HOH E 4 .   ? 5.398   -0.769  -2.905  1.00 39.14  ? 363 HOH A O   1 
HETATM 1486 O  O   . HOH E 4 .   ? 13.279  13.334  5.864   1.00 45.55  ? 364 HOH A O   1 
HETATM 1487 O  O   . HOH E 4 .   ? -15.038 -1.233  -6.309  1.00 54.03  ? 365 HOH A O   1 
HETATM 1488 O  O   . HOH E 4 .   ? 13.933  -5.757  11.538  1.00 60.47  ? 366 HOH A O   1 
HETATM 1489 O  O   . HOH E 4 .   ? 11.449  5.090   -6.650  1.00 50.23  ? 367 HOH A O   1 
HETATM 1490 O  O   . HOH E 4 .   ? -18.795 3.160   11.578  1.00 52.96  ? 368 HOH A O   1 
HETATM 1491 O  O   . HOH E 4 .   ? -10.591 -13.992 -16.600 1.00 52.13  ? 369 HOH A O   1 
HETATM 1492 O  O   . HOH E 4 .   ? -18.355 -16.112 -15.487 1.00 46.94  ? 370 HOH A O   1 
HETATM 1493 O  O   . HOH E 4 .   ? -9.584  -0.362  -8.096  1.00 53.66  ? 371 HOH A O   1 
HETATM 1494 O  O   . HOH E 4 .   ? -10.743 0.690   -0.457  1.00 47.31  ? 372 HOH A O   1 
HETATM 1495 O  O   . HOH E 4 .   ? 9.407   3.254   3.840   1.00 38.47  ? 373 HOH A O   1 
HETATM 1496 O  O   . HOH E 4 .   ? -15.556 -21.976 -13.577 1.00 48.67  ? 374 HOH A O   1 
HETATM 1497 O  O   . HOH E 4 .   ? 6.904   -6.245  -13.294 1.00 45.47  ? 375 HOH A O   1 
HETATM 1498 O  O   . HOH E 4 .   ? 10.846  5.719   -3.622  1.00 53.51  ? 376 HOH A O   1 
HETATM 1499 O  O   . HOH E 4 .   ? 8.365   -0.503  24.442  1.00 57.11  ? 377 HOH A O   1 
HETATM 1500 O  O   . HOH E 4 .   ? 8.753   20.146  -5.134  1.00 58.99  ? 378 HOH A O   1 
HETATM 1501 O  O   . HOH E 4 .   ? 4.863   24.833  0.147   1.00 51.30  ? 379 HOH A O   1 
# 
loop_
_pdbx_poly_seq_scheme.asym_id 
_pdbx_poly_seq_scheme.entity_id 
_pdbx_poly_seq_scheme.seq_id 
_pdbx_poly_seq_scheme.mon_id 
_pdbx_poly_seq_scheme.ndb_seq_num 
_pdbx_poly_seq_scheme.pdb_seq_num 
_pdbx_poly_seq_scheme.auth_seq_num 
_pdbx_poly_seq_scheme.pdb_mon_id 
_pdbx_poly_seq_scheme.auth_mon_id 
_pdbx_poly_seq_scheme.pdb_strand_id 
_pdbx_poly_seq_scheme.pdb_ins_code 
_pdbx_poly_seq_scheme.hetero 
A 1 1   MET 1   1   1   MET MET A . n 
A 1 2   LEU 2   2   2   LEU LEU A . n 
A 1 3   THR 3   3   3   THR THR A . n 
A 1 4   TYR 4   4   4   TYR TYR A . n 
A 1 5   GLY 5   5   5   GLY GLY A . n 
A 1 6   ALA 6   6   6   ALA ALA A . n 
A 1 7   PRO 7   7   7   PRO PRO A . n 
A 1 8   PHE 8   8   8   PHE PHE A . n 
A 1 9   ASN 9   9   9   ASN ASN A . n 
A 1 10  PHE 10  10  10  PHE PHE A . n 
A 1 11  PRO 11  11  11  PRO PRO A . n 
A 1 12  ARG 12  12  12  ARG ARG A . n 
A 1 13  TRP 13  13  13  TRP TRP A . n 
A 1 14  ILE 14  14  14  ILE ILE A . n 
A 1 15  ASP 15  15  15  ASP ASP A . n 
A 1 16  GLU 16  16  16  GLU GLU A . n 
A 1 17  HIS 17  17  17  HIS HIS A . n 
A 1 18  ALA 18  18  18  ALA ALA A . n 
A 1 19  HIS 19  19  19  HIS HIS A . n 
A 1 20  LEU 20  20  20  LEU LEU A . n 
A 1 21  LEU 21  21  21  LEU LEU A . n 
A 1 22  LYS 22  22  22  LYS LYS A . n 
A 1 23  PRO 23  23  23  PRO PRO A . n 
A 1 24  PRO 24  24  24  PRO PRO A . n 
A 1 25  VAL 25  25  25  VAL VAL A . n 
A 1 26  GLY 26  26  26  GLY GLY A . n 
A 1 27  ASN 27  27  27  ASN ASN A . n 
A 1 28  ARG 28  28  28  ARG ARG A . n 
A 1 29  GLN 29  29  29  GLN GLN A . n 
A 1 30  VAL 30  30  30  VAL VAL A . n 
A 1 31  TRP 31  31  31  TRP TRP A . n 
A 1 32  GLN 32  32  32  GLN GLN A . n 
A 1 33  ASP 33  33  33  ASP ASP A . n 
A 1 34  SER 34  34  34  SER SER A . n 
A 1 35  ASP 35  35  35  ASP ASP A . n 
A 1 36  PHE 36  36  36  PHE PHE A . n 
A 1 37  ILE 37  37  37  ILE ILE A . n 
A 1 38  VAL 38  38  38  VAL VAL A . n 
A 1 39  THR 39  39  39  THR THR A . n 
A 1 40  VAL 40  40  40  VAL VAL A . n 
A 1 41  VAL 41  41  41  VAL VAL A . n 
A 1 42  GLY 42  42  42  GLY GLY A . n 
A 1 43  GLY 43  43  43  GLY GLY A . n 
A 1 44  PRO 44  44  44  PRO PRO A . n 
A 1 45  ASN 45  45  45  ASN ASN A . n 
A 1 46  HIS 46  46  46  HIS HIS A . n 
A 1 47  ARG 47  47  47  ARG ARG A . n 
A 1 48  THR 48  48  48  THR THR A . n 
A 1 49  ASP 49  49  49  ASP ASP A . n 
A 1 50  TYR 50  50  50  TYR TYR A . n 
A 1 51  HIS 51  51  51  HIS HIS A . n 
A 1 52  ASP 52  52  52  ASP ASP A . n 
A 1 53  ASP 53  53  53  ASP ASP A . n 
A 1 54  PRO 54  54  54  PRO PRO A . n 
A 1 55  LEU 55  55  55  LEU LEU A . n 
A 1 56  GLU 56  56  56  GLU GLU A . n 
A 1 57  GLU 57  57  57  GLU GLU A . n 
A 1 58  PHE 58  58  58  PHE PHE A . n 
A 1 59  PHE 59  59  59  PHE PHE A . n 
A 1 60  TYR 60  60  60  TYR TYR A . n 
A 1 61  GLN 61  61  61  GLN GLN A . n 
A 1 62  LEU 62  62  62  LEU LEU A . n 
A 1 63  ARG 63  63  63  ARG ARG A . n 
A 1 64  GLY 64  64  64  GLY GLY A . n 
A 1 65  ASN 65  65  65  ASN ASN A . n 
A 1 66  ALA 66  66  66  ALA ALA A . n 
A 1 67  TYR 67  67  67  TYR TYR A . n 
A 1 68  LEU 68  68  68  LEU LEU A . n 
A 1 69  ASN 69  69  69  ASN ASN A . n 
A 1 70  LEU 70  70  70  LEU LEU A . n 
A 1 71  TRP 71  71  71  TRP TRP A . n 
A 1 72  VAL 72  72  72  VAL VAL A . n 
A 1 73  ASP 73  73  73  ASP ASP A . n 
A 1 74  GLY 74  74  74  GLY GLY A . n 
A 1 75  ARG 75  75  75  ARG ARG A . n 
A 1 76  ARG 76  76  76  ARG ARG A . n 
A 1 77  GLU 77  77  77  GLU GLU A . n 
A 1 78  ARG 78  78  78  ARG ARG A . n 
A 1 79  ALA 79  79  79  ALA ALA A . n 
A 1 80  ASP 80  80  80  ASP ASP A . n 
A 1 81  LEU 81  81  81  LEU LEU A . n 
A 1 82  LYS 82  82  82  LYS LYS A . n 
A 1 83  GLU 83  83  83  GLU GLU A . n 
A 1 84  GLY 84  84  84  GLY GLY A . n 
A 1 85  ASP 85  85  85  ASP ASP A . n 
A 1 86  ILE 86  86  86  ILE ILE A . n 
A 1 87  PHE 87  87  87  PHE PHE A . n 
A 1 88  LEU 88  88  88  LEU LEU A . n 
A 1 89  LEU 89  89  89  LEU LEU A . n 
A 1 90  PRO 90  90  90  PRO PRO A . n 
A 1 91  PRO 91  91  91  PRO PRO A . n 
A 1 92  HIS 92  92  92  HIS HIS A . n 
A 1 93  VAL 93  93  93  VAL VAL A . n 
A 1 94  ARG 94  94  94  ARG ARG A . n 
A 1 95  HIS 95  95  95  HIS HIS A . n 
A 1 96  SER 96  96  96  SER SER A . n 
A 1 97  PRO 97  97  97  PRO PRO A . n 
A 1 98  GLN 98  98  98  GLN GLN A . n 
A 1 99  ARG 99  99  99  ARG ARG A . n 
A 1 100 PRO 100 100 100 PRO PRO A . n 
A 1 101 GLU 101 101 101 GLU GLU A . n 
A 1 102 ALA 102 102 102 ALA ALA A . n 
A 1 103 GLY 103 103 103 GLY GLY A . n 
A 1 104 SER 104 104 104 SER SER A . n 
A 1 105 ALA 105 105 105 ALA ALA A . n 
A 1 106 CYS 106 106 106 CYS CYS A . n 
A 1 107 LEU 107 107 107 LEU LEU A . n 
A 1 108 VAL 108 108 108 VAL VAL A . n 
A 1 109 ILE 109 109 109 ILE ILE A . n 
A 1 110 GLU 110 110 110 GLU GLU A . n 
A 1 111 ARG 111 111 111 ARG ARG A . n 
A 1 112 GLN 112 112 112 GLN GLN A . n 
A 1 113 ARG 113 113 113 ARG ARG A . n 
A 1 114 PRO 114 114 114 PRO PRO A . n 
A 1 115 ALA 115 115 115 ALA ALA A . n 
A 1 116 GLY 116 116 116 GLY GLY A . n 
A 1 117 MET 117 117 117 MET MET A . n 
A 1 118 LEU 118 118 118 LEU LEU A . n 
A 1 119 ASP 119 119 119 ASP ASP A . n 
A 1 120 GLY 120 120 120 GLY GLY A . n 
A 1 121 PHE 121 121 121 PHE PHE A . n 
A 1 122 GLU 122 122 122 GLU GLU A . n 
A 1 123 TRP 123 123 123 TRP TRP A . n 
A 1 124 TYR 124 124 124 TYR TYR A . n 
A 1 125 CYS 125 125 125 CYS CYS A . n 
A 1 126 ASP 126 126 126 ASP ASP A . n 
A 1 127 ALA 127 127 127 ALA ALA A . n 
A 1 128 CYS 128 128 128 CYS CYS A . n 
A 1 129 GLY 129 129 129 GLY GLY A . n 
A 1 130 HIS 130 130 130 HIS HIS A . n 
A 1 131 LEU 131 131 131 LEU LEU A . n 
A 1 132 VAL 132 132 132 VAL VAL A . n 
A 1 133 HIS 133 133 133 HIS HIS A . n 
A 1 134 ARG 134 134 134 ARG ARG A . n 
A 1 135 VAL 135 135 135 VAL VAL A . n 
A 1 136 GLU 136 136 136 GLU GLU A . n 
A 1 137 VAL 137 137 137 VAL VAL A . n 
A 1 138 GLN 138 138 138 GLN GLN A . n 
A 1 139 LEU 139 139 139 LEU LEU A . n 
A 1 140 LYS 140 140 140 LYS LYS A . n 
A 1 141 SER 141 141 141 SER SER A . n 
A 1 142 ILE 142 142 142 ILE ILE A . n 
A 1 143 VAL 143 143 143 VAL VAL A . n 
A 1 144 THR 144 144 144 THR THR A . n 
A 1 145 ASP 145 145 145 ASP ASP A . n 
A 1 146 LEU 146 146 146 LEU LEU A . n 
A 1 147 PRO 147 147 147 PRO PRO A . n 
A 1 148 PRO 148 148 148 PRO PRO A . n 
A 1 149 LEU 149 149 149 LEU LEU A . n 
A 1 150 PHE 150 150 150 PHE PHE A . n 
A 1 151 GLU 151 151 151 GLU GLU A . n 
A 1 152 SER 152 152 152 SER SER A . n 
A 1 153 PHE 153 153 153 PHE PHE A . n 
A 1 154 TYR 154 154 154 TYR TYR A . n 
A 1 155 ALA 155 155 155 ALA ALA A . n 
A 1 156 SER 156 156 156 SER SER A . n 
A 1 157 GLU 157 157 157 GLU GLU A . n 
A 1 158 ASP 158 158 158 ASP ASP A . n 
A 1 159 LYS 159 159 159 LYS LYS A . n 
A 1 160 ARG 160 160 160 ARG ARG A . n 
A 1 161 ARG 161 161 161 ARG ARG A . n 
A 1 162 CYS 162 162 162 CYS CYS A . n 
A 1 163 PRO 163 163 163 PRO PRO A . n 
A 1 164 HIS 164 164 164 HIS HIS A . n 
A 1 165 CYS 165 165 165 CYS CYS A . n 
A 1 166 GLY 166 166 166 GLY GLY A . n 
A 1 167 GLN 167 167 167 GLN GLN A . n 
A 1 168 VAL 168 168 168 VAL VAL A . n 
A 1 169 HIS 169 169 169 HIS HIS A . n 
A 1 170 PRO 170 170 170 PRO PRO A . n 
A 1 171 GLY 171 171 171 GLY GLY A . n 
A 1 172 ARG 172 172 172 ARG ARG A . n 
A 1 173 ALA 173 173 173 ALA ALA A . n 
A 1 174 ALA 174 174 174 ALA ALA A . n 
# 
loop_
_pdbx_nonpoly_scheme.asym_id 
_pdbx_nonpoly_scheme.entity_id 
_pdbx_nonpoly_scheme.mon_id 
_pdbx_nonpoly_scheme.ndb_seq_num 
_pdbx_nonpoly_scheme.pdb_seq_num 
_pdbx_nonpoly_scheme.auth_seq_num 
_pdbx_nonpoly_scheme.pdb_mon_id 
_pdbx_nonpoly_scheme.auth_mon_id 
_pdbx_nonpoly_scheme.pdb_strand_id 
_pdbx_nonpoly_scheme.pdb_ins_code 
B 2 FE2 1  201 300 FE2 FE  A . 
C 2 FE2 1  202 301 FE2 FE  A . 
D 3 1CW 1  203 1   1CW UNL A . 
E 4 HOH 1  301 1   HOH HOH A . 
E 4 HOH 2  302 2   HOH HOH A . 
E 4 HOH 3  303 3   HOH HOH A . 
E 4 HOH 4  304 4   HOH HOH A . 
E 4 HOH 5  305 5   HOH HOH A . 
E 4 HOH 6  306 6   HOH HOH A . 
E 4 HOH 7  307 7   HOH HOH A . 
E 4 HOH 8  308 8   HOH HOH A . 
E 4 HOH 9  309 9   HOH HOH A . 
E 4 HOH 10 310 11  HOH HOH A . 
E 4 HOH 11 311 12  HOH HOH A . 
E 4 HOH 12 312 13  HOH HOH A . 
E 4 HOH 13 313 14  HOH HOH A . 
E 4 HOH 14 314 15  HOH HOH A . 
E 4 HOH 15 315 16  HOH HOH A . 
E 4 HOH 16 316 18  HOH HOH A . 
E 4 HOH 17 317 20  HOH HOH A . 
E 4 HOH 18 318 21  HOH HOH A . 
E 4 HOH 19 319 22  HOH HOH A . 
E 4 HOH 20 320 23  HOH HOH A . 
E 4 HOH 21 321 24  HOH HOH A . 
E 4 HOH 22 322 25  HOH HOH A . 
E 4 HOH 23 323 26  HOH HOH A . 
E 4 HOH 24 324 27  HOH HOH A . 
E 4 HOH 25 325 28  HOH HOH A . 
E 4 HOH 26 326 29  HOH HOH A . 
E 4 HOH 27 327 30  HOH HOH A . 
E 4 HOH 28 328 31  HOH HOH A . 
E 4 HOH 29 329 32  HOH HOH A . 
E 4 HOH 30 330 33  HOH HOH A . 
E 4 HOH 31 331 34  HOH HOH A . 
E 4 HOH 32 332 35  HOH HOH A . 
E 4 HOH 33 333 36  HOH HOH A . 
E 4 HOH 34 334 37  HOH HOH A . 
E 4 HOH 35 335 38  HOH HOH A . 
E 4 HOH 36 336 39  HOH HOH A . 
E 4 HOH 37 337 40  HOH HOH A . 
E 4 HOH 38 338 41  HOH HOH A . 
E 4 HOH 39 339 42  HOH HOH A . 
E 4 HOH 40 340 43  HOH HOH A . 
E 4 HOH 41 341 44  HOH HOH A . 
E 4 HOH 42 342 45  HOH HOH A . 
E 4 HOH 43 343 46  HOH HOH A . 
E 4 HOH 44 344 50  HOH HOH A . 
E 4 HOH 45 345 52  HOH HOH A . 
E 4 HOH 46 346 53  HOH HOH A . 
E 4 HOH 47 347 55  HOH HOH A . 
E 4 HOH 48 348 56  HOH HOH A . 
E 4 HOH 49 349 60  HOH HOH A . 
E 4 HOH 50 350 61  HOH HOH A . 
E 4 HOH 51 351 62  HOH HOH A . 
E 4 HOH 52 352 63  HOH HOH A . 
E 4 HOH 53 353 66  HOH HOH A . 
E 4 HOH 54 354 73  HOH HOH A . 
E 4 HOH 55 355 74  HOH HOH A . 
E 4 HOH 56 356 83  HOH HOH A . 
E 4 HOH 57 357 85  HOH HOH A . 
E 4 HOH 58 358 114 HOH HOH A . 
E 4 HOH 59 359 116 HOH HOH A . 
E 4 HOH 60 360 118 HOH HOH A . 
E 4 HOH 61 361 2   HOH HOH A . 
E 4 HOH 62 362 4   HOH HOH A . 
E 4 HOH 63 363 5   HOH HOH A . 
E 4 HOH 64 364 6   HOH HOH A . 
E 4 HOH 65 365 8   HOH HOH A . 
E 4 HOH 66 366 9   HOH HOH A . 
E 4 HOH 67 367 35  HOH HOH A . 
E 4 HOH 68 368 69  HOH HOH A . 
E 4 HOH 69 369 71  HOH HOH A . 
E 4 HOH 70 370 1   HOH HOH A . 
E 4 HOH 71 371 37  HOH HOH A . 
E 4 HOH 72 372 74  HOH HOH A . 
E 4 HOH 73 373 1   HOH HOH A . 
E 4 HOH 74 374 3   HOH HOH A . 
E 4 HOH 75 375 5   HOH HOH A . 
E 4 HOH 76 376 41  HOH HOH A . 
E 4 HOH 77 377 47  HOH HOH A . 
E 4 HOH 78 378 69  HOH HOH A . 
E 4 HOH 79 379 1   HOH HOH A . 
# 
loop_
_pdbx_struct_assembly.id 
_pdbx_struct_assembly.details 
_pdbx_struct_assembly.method_details 
_pdbx_struct_assembly.oligomeric_details 
_pdbx_struct_assembly.oligomeric_count 
1 author_defined_assembly   ?    monomeric 1 
2 software_defined_assembly PISA dimeric   2 
# 
loop_
_pdbx_struct_assembly_gen.assembly_id 
_pdbx_struct_assembly_gen.oper_expression 
_pdbx_struct_assembly_gen.asym_id_list 
1 1   A,B,C,D,E 
2 1,2 A,B,C,D,E 
# 
loop_
_pdbx_struct_assembly_prop.biol_id 
_pdbx_struct_assembly_prop.type 
_pdbx_struct_assembly_prop.value 
_pdbx_struct_assembly_prop.details 
2 'ABSA (A^2)' 3490  ? 
2 MORE         -32   ? 
2 'SSA (A^2)'  16240 ? 
# 
loop_
_pdbx_struct_oper_list.id 
_pdbx_struct_oper_list.type 
_pdbx_struct_oper_list.name 
_pdbx_struct_oper_list.symmetry_operation 
_pdbx_struct_oper_list.matrix[1][1] 
_pdbx_struct_oper_list.matrix[1][2] 
_pdbx_struct_oper_list.matrix[1][3] 
_pdbx_struct_oper_list.vector[1] 
_pdbx_struct_oper_list.matrix[2][1] 
_pdbx_struct_oper_list.matrix[2][2] 
_pdbx_struct_oper_list.matrix[2][3] 
_pdbx_struct_oper_list.vector[2] 
_pdbx_struct_oper_list.matrix[3][1] 
_pdbx_struct_oper_list.matrix[3][2] 
_pdbx_struct_oper_list.matrix[3][3] 
_pdbx_struct_oper_list.vector[3] 
1 'identity operation'         1_555  x,y,z            1.0000000000  0.0000000000  0.0000000000  0.0000000000   0.0000000000  1.0000000000  0.0000000000 0.0000000000   0.0000000000  0.0000000000 1.0000000000  0.0000000000 
2 'crystal symmetry operation' 10_445 -y-1,-x-1,-z+1/6 -0.1577084273 -0.7390480998 -0.6549320256 -18.4749639361 -0.7390480998 -0.3515403555 0.5746540565 -25.0736160817 -0.6549320256 0.5746540565 -0.4907512172 4.5337558319 
# 
_pdbx_struct_special_symmetry.id              1 
_pdbx_struct_special_symmetry.PDB_model_num   1 
_pdbx_struct_special_symmetry.auth_asym_id    A 
_pdbx_struct_special_symmetry.auth_comp_id    HOH 
_pdbx_struct_special_symmetry.auth_seq_id     346 
_pdbx_struct_special_symmetry.PDB_ins_code    ? 
_pdbx_struct_special_symmetry.label_asym_id   E 
_pdbx_struct_special_symmetry.label_comp_id   HOH 
_pdbx_struct_special_symmetry.label_seq_id    . 
# 
loop_
_pdbx_struct_conn_angle.id 
_pdbx_struct_conn_angle.ptnr1_label_atom_id 
_pdbx_struct_conn_angle.ptnr1_label_alt_id 
_pdbx_struct_conn_angle.ptnr1_label_asym_id 
_pdbx_struct_conn_angle.ptnr1_label_comp_id 
_pdbx_struct_conn_angle.ptnr1_label_seq_id 
_pdbx_struct_conn_angle.ptnr1_auth_atom_id 
_pdbx_struct_conn_angle.ptnr1_auth_asym_id 
_pdbx_struct_conn_angle.ptnr1_auth_comp_id 
_pdbx_struct_conn_angle.ptnr1_auth_seq_id 
_pdbx_struct_conn_angle.ptnr1_PDB_ins_code 
_pdbx_struct_conn_angle.ptnr1_symmetry 
_pdbx_struct_conn_angle.ptnr2_label_atom_id 
_pdbx_struct_conn_angle.ptnr2_label_alt_id 
_pdbx_struct_conn_angle.ptnr2_label_asym_id 
_pdbx_struct_conn_angle.ptnr2_label_comp_id 
_pdbx_struct_conn_angle.ptnr2_label_seq_id 
_pdbx_struct_conn_angle.ptnr2_auth_atom_id 
_pdbx_struct_conn_angle.ptnr2_auth_asym_id 
_pdbx_struct_conn_angle.ptnr2_auth_comp_id 
_pdbx_struct_conn_angle.ptnr2_auth_seq_id 
_pdbx_struct_conn_angle.ptnr2_PDB_ins_code 
_pdbx_struct_conn_angle.ptnr2_symmetry 
_pdbx_struct_conn_angle.ptnr3_label_atom_id 
_pdbx_struct_conn_angle.ptnr3_label_alt_id 
_pdbx_struct_conn_angle.ptnr3_label_asym_id 
_pdbx_struct_conn_angle.ptnr3_label_comp_id 
_pdbx_struct_conn_angle.ptnr3_label_seq_id 
_pdbx_struct_conn_angle.ptnr3_auth_atom_id 
_pdbx_struct_conn_angle.ptnr3_auth_asym_id 
_pdbx_struct_conn_angle.ptnr3_auth_comp_id 
_pdbx_struct_conn_angle.ptnr3_auth_seq_id 
_pdbx_struct_conn_angle.ptnr3_PDB_ins_code 
_pdbx_struct_conn_angle.ptnr3_symmetry 
_pdbx_struct_conn_angle.value 
_pdbx_struct_conn_angle.value_esd 
1  ND1 ? A HIS 51  ? A HIS 51  ? 1_555 FE ? B FE2 . ? A FE2 201 ? 1_555 OE2 ? A GLU 57  ? A GLU 57  ? 1_555 90.6  ? 
2  ND1 ? A HIS 51  ? A HIS 51  ? 1_555 FE ? B FE2 . ? A FE2 201 ? 1_555 OE1 ? A GLU 57  ? A GLU 57  ? 1_555 141.8 ? 
3  OE2 ? A GLU 57  ? A GLU 57  ? 1_555 FE ? B FE2 . ? A FE2 201 ? 1_555 OE1 ? A GLU 57  ? A GLU 57  ? 1_555 51.3  ? 
4  ND1 ? A HIS 51  ? A HIS 51  ? 1_555 FE ? B FE2 . ? A FE2 201 ? 1_555 NE2 ? A HIS 95  ? A HIS 95  ? 1_555 107.6 ? 
5  OE2 ? A GLU 57  ? A GLU 57  ? 1_555 FE ? B FE2 . ? A FE2 201 ? 1_555 NE2 ? A HIS 95  ? A HIS 95  ? 1_555 100.7 ? 
6  OE1 ? A GLU 57  ? A GLU 57  ? 1_555 FE ? B FE2 . ? A FE2 201 ? 1_555 NE2 ? A HIS 95  ? A HIS 95  ? 1_555 85.4  ? 
7  SG  ? A CYS 125 ? A CYS 125 ? 1_555 FE ? C FE2 . ? A FE2 202 ? 1_555 SG  ? A CYS 128 ? A CYS 128 ? 1_555 116.0 ? 
8  SG  ? A CYS 125 ? A CYS 125 ? 1_555 FE ? C FE2 . ? A FE2 202 ? 1_555 SG  ? A CYS 162 ? A CYS 162 ? 1_555 117.0 ? 
9  SG  ? A CYS 128 ? A CYS 128 ? 1_555 FE ? C FE2 . ? A FE2 202 ? 1_555 SG  ? A CYS 162 ? A CYS 162 ? 1_555 98.8  ? 
10 SG  ? A CYS 125 ? A CYS 125 ? 1_555 FE ? C FE2 . ? A FE2 202 ? 1_555 SG  ? A CYS 165 ? A CYS 165 ? 1_555 99.9  ? 
11 SG  ? A CYS 128 ? A CYS 128 ? 1_555 FE ? C FE2 . ? A FE2 202 ? 1_555 SG  ? A CYS 165 ? A CYS 165 ? 1_555 113.9 ? 
12 SG  ? A CYS 162 ? A CYS 162 ? 1_555 FE ? C FE2 . ? A FE2 202 ? 1_555 SG  ? A CYS 165 ? A CYS 165 ? 1_555 111.9 ? 
# 
loop_
_pdbx_audit_revision_history.ordinal 
_pdbx_audit_revision_history.data_content_type 
_pdbx_audit_revision_history.major_revision 
_pdbx_audit_revision_history.minor_revision 
_pdbx_audit_revision_history.revision_date 
1 'Structure model' 1 0 2013-12-11 
2 'Structure model' 1 1 2017-11-15 
3 'Structure model' 1 2 2019-07-17 
4 'Structure model' 1 3 2023-09-20 
# 
_pdbx_audit_revision_details.ordinal             1 
_pdbx_audit_revision_details.revision_ordinal    1 
_pdbx_audit_revision_details.data_content_type   'Structure model' 
_pdbx_audit_revision_details.provider            repository 
_pdbx_audit_revision_details.type                'Initial release' 
_pdbx_audit_revision_details.description         ? 
_pdbx_audit_revision_details.details             ? 
# 
loop_
_pdbx_audit_revision_group.ordinal 
_pdbx_audit_revision_group.revision_ordinal 
_pdbx_audit_revision_group.data_content_type 
_pdbx_audit_revision_group.group 
1 2 'Structure model' 'Refinement description' 
2 3 'Structure model' 'Data collection'        
3 3 'Structure model' 'Refinement description' 
4 4 'Structure model' 'Data collection'        
5 4 'Structure model' 'Database references'    
6 4 'Structure model' 'Derived calculations'   
7 4 'Structure model' 'Refinement description' 
# 
loop_
_pdbx_audit_revision_category.ordinal 
_pdbx_audit_revision_category.revision_ordinal 
_pdbx_audit_revision_category.data_content_type 
_pdbx_audit_revision_category.category 
1 2 'Structure model' software                      
2 3 'Structure model' software                      
3 4 'Structure model' chem_comp_atom                
4 4 'Structure model' chem_comp_bond                
5 4 'Structure model' database_2                    
6 4 'Structure model' pdbx_initial_refinement_model 
7 4 'Structure model' pdbx_struct_conn_angle        
8 4 'Structure model' struct_conn                   
9 4 'Structure model' struct_site                   
# 
loop_
_pdbx_audit_revision_item.ordinal 
_pdbx_audit_revision_item.revision_ordinal 
_pdbx_audit_revision_item.data_content_type 
_pdbx_audit_revision_item.item 
1  3 'Structure model' '_software.contact_author'                    
2  3 'Structure model' '_software.contact_author_email'              
3  3 'Structure model' '_software.language'                          
4  3 'Structure model' '_software.location'                          
5  3 'Structure model' '_software.name'                              
6  3 'Structure model' '_software.type'                              
7  3 'Structure model' '_software.version'                           
8  4 'Structure model' '_database_2.pdbx_DOI'                        
9  4 'Structure model' '_database_2.pdbx_database_accession'         
10 4 'Structure model' '_pdbx_struct_conn_angle.ptnr1_auth_comp_id'  
11 4 'Structure model' '_pdbx_struct_conn_angle.ptnr1_auth_seq_id'   
12 4 'Structure model' '_pdbx_struct_conn_angle.ptnr1_label_atom_id' 
13 4 'Structure model' '_pdbx_struct_conn_angle.ptnr1_label_comp_id' 
14 4 'Structure model' '_pdbx_struct_conn_angle.ptnr1_label_seq_id'  
15 4 'Structure model' '_pdbx_struct_conn_angle.ptnr3_auth_comp_id'  
16 4 'Structure model' '_pdbx_struct_conn_angle.ptnr3_auth_seq_id'   
17 4 'Structure model' '_pdbx_struct_conn_angle.ptnr3_label_atom_id' 
18 4 'Structure model' '_pdbx_struct_conn_angle.ptnr3_label_comp_id' 
19 4 'Structure model' '_pdbx_struct_conn_angle.ptnr3_label_seq_id'  
20 4 'Structure model' '_pdbx_struct_conn_angle.value'               
21 4 'Structure model' '_struct_conn.pdbx_dist_value'                
22 4 'Structure model' '_struct_conn.ptnr1_auth_comp_id'             
23 4 'Structure model' '_struct_conn.ptnr1_auth_seq_id'              
24 4 'Structure model' '_struct_conn.ptnr1_label_atom_id'            
25 4 'Structure model' '_struct_conn.ptnr1_label_comp_id'            
26 4 'Structure model' '_struct_conn.ptnr1_label_seq_id'             
27 4 'Structure model' '_struct_conn.ptnr2_auth_seq_id'              
28 4 'Structure model' '_struct_conn.ptnr2_label_asym_id'            
29 4 'Structure model' '_struct_site.pdbx_auth_asym_id'              
30 4 'Structure model' '_struct_site.pdbx_auth_comp_id'              
31 4 'Structure model' '_struct_site.pdbx_auth_seq_id'               
# 
loop_
_software.pdbx_ordinal 
_software.name 
_software.version 
_software.date 
_software.type 
_software.contact_author 
_software.contact_author_email 
_software.classification 
_software.location 
_software.language 
_software.citation_id 
1 PHENIX      1.7.3_928 ?                ?       ?                    ?                        refinement        ? ?          ? 
2 PDB_EXTRACT 3.11      'April 22, 2011' package PDB                  deposit@deposit.rcsb.org 'data extraction' 
http://sw-tools.pdb.org/apps/PDB_EXTRACT/    C++        ? 
3 SERGUI      .         ?                ?       ?                    ?                        'data collection' ? ?          ? 
4 DENZO       .         ?                ?       ?                    ?                        'data reduction'  ? ?          ? 
5 SCALEPACK   .         ?                ?       ?                    ?                        'data scaling'    ? ?          ? 
6 HKL-2000    .         ?                ?       ?                    ?                        'data scaling'    ? ?          ? 
7 MOLREP      .         ?                ?       ?                    ?                        phasing           ? ?          ? 
8 REFMAC      .         ?                program 'Garib N. Murshudov' garib@ysbl.york.ac.uk    refinement        
http://www.ccp4.ac.uk/dist/html/refmac5.html Fortran_77 ? 
# 
loop_
_pdbx_validate_torsion.id 
_pdbx_validate_torsion.PDB_model_num 
_pdbx_validate_torsion.auth_comp_id 
_pdbx_validate_torsion.auth_asym_id 
_pdbx_validate_torsion.auth_seq_id 
_pdbx_validate_torsion.PDB_ins_code 
_pdbx_validate_torsion.label_alt_id 
_pdbx_validate_torsion.phi 
_pdbx_validate_torsion.psi 
1 1 LEU A 21 ? ? -93.08 48.85 
2 1 HIS A 92 ? ? 77.01  -7.07 
# 
loop_
_pdbx_unobs_or_zero_occ_atoms.id 
_pdbx_unobs_or_zero_occ_atoms.PDB_model_num 
_pdbx_unobs_or_zero_occ_atoms.polymer_flag 
_pdbx_unobs_or_zero_occ_atoms.occupancy_flag 
_pdbx_unobs_or_zero_occ_atoms.auth_asym_id 
_pdbx_unobs_or_zero_occ_atoms.auth_comp_id 
_pdbx_unobs_or_zero_occ_atoms.auth_seq_id 
_pdbx_unobs_or_zero_occ_atoms.PDB_ins_code 
_pdbx_unobs_or_zero_occ_atoms.auth_atom_id 
_pdbx_unobs_or_zero_occ_atoms.label_alt_id 
_pdbx_unobs_or_zero_occ_atoms.label_asym_id 
_pdbx_unobs_or_zero_occ_atoms.label_comp_id 
_pdbx_unobs_or_zero_occ_atoms.label_seq_id 
_pdbx_unobs_or_zero_occ_atoms.label_atom_id 
1 1 Y 1 A ARG 75 ? CG  ? A ARG 75 CG  
2 1 Y 1 A ARG 75 ? CD  ? A ARG 75 CD  
3 1 Y 1 A ARG 75 ? NE  ? A ARG 75 NE  
4 1 Y 1 A ARG 75 ? CZ  ? A ARG 75 CZ  
5 1 Y 1 A ARG 75 ? NH1 ? A ARG 75 NH1 
6 1 Y 1 A ARG 75 ? NH2 ? A ARG 75 NH2 
# 
loop_
_chem_comp_atom.comp_id 
_chem_comp_atom.atom_id 
_chem_comp_atom.type_symbol 
_chem_comp_atom.pdbx_aromatic_flag 
_chem_comp_atom.pdbx_stereo_config 
_chem_comp_atom.pdbx_ordinal 
1CW O    O  N N 1   
1CW C5   C  N N 2   
1CW O1   O  N N 3   
1CW C4   C  Y N 4   
1CW C3   C  Y N 5   
1CW C2   C  Y N 6   
1CW C1   C  Y N 7   
1CW C6   C  Y N 8   
1CW O2   O  N N 9   
1CW C    C  Y N 10  
1CW N    N  N N 11  
1CW H1   H  N N 12  
1CW H2   H  N N 13  
1CW H3   H  N N 14  
1CW H4   H  N N 15  
1CW H5   H  N N 16  
1CW H6   H  N N 17  
1CW H7   H  N N 18  
ALA N    N  N N 19  
ALA CA   C  N S 20  
ALA C    C  N N 21  
ALA O    O  N N 22  
ALA CB   C  N N 23  
ALA OXT  O  N N 24  
ALA H    H  N N 25  
ALA H2   H  N N 26  
ALA HA   H  N N 27  
ALA HB1  H  N N 28  
ALA HB2  H  N N 29  
ALA HB3  H  N N 30  
ALA HXT  H  N N 31  
ARG N    N  N N 32  
ARG CA   C  N S 33  
ARG C    C  N N 34  
ARG O    O  N N 35  
ARG CB   C  N N 36  
ARG CG   C  N N 37  
ARG CD   C  N N 38  
ARG NE   N  N N 39  
ARG CZ   C  N N 40  
ARG NH1  N  N N 41  
ARG NH2  N  N N 42  
ARG OXT  O  N N 43  
ARG H    H  N N 44  
ARG H2   H  N N 45  
ARG HA   H  N N 46  
ARG HB2  H  N N 47  
ARG HB3  H  N N 48  
ARG HG2  H  N N 49  
ARG HG3  H  N N 50  
ARG HD2  H  N N 51  
ARG HD3  H  N N 52  
ARG HE   H  N N 53  
ARG HH11 H  N N 54  
ARG HH12 H  N N 55  
ARG HH21 H  N N 56  
ARG HH22 H  N N 57  
ARG HXT  H  N N 58  
ASN N    N  N N 59  
ASN CA   C  N S 60  
ASN C    C  N N 61  
ASN O    O  N N 62  
ASN CB   C  N N 63  
ASN CG   C  N N 64  
ASN OD1  O  N N 65  
ASN ND2  N  N N 66  
ASN OXT  O  N N 67  
ASN H    H  N N 68  
ASN H2   H  N N 69  
ASN HA   H  N N 70  
ASN HB2  H  N N 71  
ASN HB3  H  N N 72  
ASN HD21 H  N N 73  
ASN HD22 H  N N 74  
ASN HXT  H  N N 75  
ASP N    N  N N 76  
ASP CA   C  N S 77  
ASP C    C  N N 78  
ASP O    O  N N 79  
ASP CB   C  N N 80  
ASP CG   C  N N 81  
ASP OD1  O  N N 82  
ASP OD2  O  N N 83  
ASP OXT  O  N N 84  
ASP H    H  N N 85  
ASP H2   H  N N 86  
ASP HA   H  N N 87  
ASP HB2  H  N N 88  
ASP HB3  H  N N 89  
ASP HD2  H  N N 90  
ASP HXT  H  N N 91  
CYS N    N  N N 92  
CYS CA   C  N R 93  
CYS C    C  N N 94  
CYS O    O  N N 95  
CYS CB   C  N N 96  
CYS SG   S  N N 97  
CYS OXT  O  N N 98  
CYS H    H  N N 99  
CYS H2   H  N N 100 
CYS HA   H  N N 101 
CYS HB2  H  N N 102 
CYS HB3  H  N N 103 
CYS HG   H  N N 104 
CYS HXT  H  N N 105 
FE2 FE   FE N N 106 
GLN N    N  N N 107 
GLN CA   C  N S 108 
GLN C    C  N N 109 
GLN O    O  N N 110 
GLN CB   C  N N 111 
GLN CG   C  N N 112 
GLN CD   C  N N 113 
GLN OE1  O  N N 114 
GLN NE2  N  N N 115 
GLN OXT  O  N N 116 
GLN H    H  N N 117 
GLN H2   H  N N 118 
GLN HA   H  N N 119 
GLN HB2  H  N N 120 
GLN HB3  H  N N 121 
GLN HG2  H  N N 122 
GLN HG3  H  N N 123 
GLN HE21 H  N N 124 
GLN HE22 H  N N 125 
GLN HXT  H  N N 126 
GLU N    N  N N 127 
GLU CA   C  N S 128 
GLU C    C  N N 129 
GLU O    O  N N 130 
GLU CB   C  N N 131 
GLU CG   C  N N 132 
GLU CD   C  N N 133 
GLU OE1  O  N N 134 
GLU OE2  O  N N 135 
GLU OXT  O  N N 136 
GLU H    H  N N 137 
GLU H2   H  N N 138 
GLU HA   H  N N 139 
GLU HB2  H  N N 140 
GLU HB3  H  N N 141 
GLU HG2  H  N N 142 
GLU HG3  H  N N 143 
GLU HE2  H  N N 144 
GLU HXT  H  N N 145 
GLY N    N  N N 146 
GLY CA   C  N N 147 
GLY C    C  N N 148 
GLY O    O  N N 149 
GLY OXT  O  N N 150 
GLY H    H  N N 151 
GLY H2   H  N N 152 
GLY HA2  H  N N 153 
GLY HA3  H  N N 154 
GLY HXT  H  N N 155 
HIS N    N  N N 156 
HIS CA   C  N S 157 
HIS C    C  N N 158 
HIS O    O  N N 159 
HIS CB   C  N N 160 
HIS CG   C  Y N 161 
HIS ND1  N  Y N 162 
HIS CD2  C  Y N 163 
HIS CE1  C  Y N 164 
HIS NE2  N  Y N 165 
HIS OXT  O  N N 166 
HIS H    H  N N 167 
HIS H2   H  N N 168 
HIS HA   H  N N 169 
HIS HB2  H  N N 170 
HIS HB3  H  N N 171 
HIS HD1  H  N N 172 
HIS HD2  H  N N 173 
HIS HE1  H  N N 174 
HIS HE2  H  N N 175 
HIS HXT  H  N N 176 
HOH O    O  N N 177 
HOH H1   H  N N 178 
HOH H2   H  N N 179 
ILE N    N  N N 180 
ILE CA   C  N S 181 
ILE C    C  N N 182 
ILE O    O  N N 183 
ILE CB   C  N S 184 
ILE CG1  C  N N 185 
ILE CG2  C  N N 186 
ILE CD1  C  N N 187 
ILE OXT  O  N N 188 
ILE H    H  N N 189 
ILE H2   H  N N 190 
ILE HA   H  N N 191 
ILE HB   H  N N 192 
ILE HG12 H  N N 193 
ILE HG13 H  N N 194 
ILE HG21 H  N N 195 
ILE HG22 H  N N 196 
ILE HG23 H  N N 197 
ILE HD11 H  N N 198 
ILE HD12 H  N N 199 
ILE HD13 H  N N 200 
ILE HXT  H  N N 201 
LEU N    N  N N 202 
LEU CA   C  N S 203 
LEU C    C  N N 204 
LEU O    O  N N 205 
LEU CB   C  N N 206 
LEU CG   C  N N 207 
LEU CD1  C  N N 208 
LEU CD2  C  N N 209 
LEU OXT  O  N N 210 
LEU H    H  N N 211 
LEU H2   H  N N 212 
LEU HA   H  N N 213 
LEU HB2  H  N N 214 
LEU HB3  H  N N 215 
LEU HG   H  N N 216 
LEU HD11 H  N N 217 
LEU HD12 H  N N 218 
LEU HD13 H  N N 219 
LEU HD21 H  N N 220 
LEU HD22 H  N N 221 
LEU HD23 H  N N 222 
LEU HXT  H  N N 223 
LYS N    N  N N 224 
LYS CA   C  N S 225 
LYS C    C  N N 226 
LYS O    O  N N 227 
LYS CB   C  N N 228 
LYS CG   C  N N 229 
LYS CD   C  N N 230 
LYS CE   C  N N 231 
LYS NZ   N  N N 232 
LYS OXT  O  N N 233 
LYS H    H  N N 234 
LYS H2   H  N N 235 
LYS HA   H  N N 236 
LYS HB2  H  N N 237 
LYS HB3  H  N N 238 
LYS HG2  H  N N 239 
LYS HG3  H  N N 240 
LYS HD2  H  N N 241 
LYS HD3  H  N N 242 
LYS HE2  H  N N 243 
LYS HE3  H  N N 244 
LYS HZ1  H  N N 245 
LYS HZ2  H  N N 246 
LYS HZ3  H  N N 247 
LYS HXT  H  N N 248 
MET N    N  N N 249 
MET CA   C  N S 250 
MET C    C  N N 251 
MET O    O  N N 252 
MET CB   C  N N 253 
MET CG   C  N N 254 
MET SD   S  N N 255 
MET CE   C  N N 256 
MET OXT  O  N N 257 
MET H    H  N N 258 
MET H2   H  N N 259 
MET HA   H  N N 260 
MET HB2  H  N N 261 
MET HB3  H  N N 262 
MET HG2  H  N N 263 
MET HG3  H  N N 264 
MET HE1  H  N N 265 
MET HE2  H  N N 266 
MET HE3  H  N N 267 
MET HXT  H  N N 268 
PHE N    N  N N 269 
PHE CA   C  N S 270 
PHE C    C  N N 271 
PHE O    O  N N 272 
PHE CB   C  N N 273 
PHE CG   C  Y N 274 
PHE CD1  C  Y N 275 
PHE CD2  C  Y N 276 
PHE CE1  C  Y N 277 
PHE CE2  C  Y N 278 
PHE CZ   C  Y N 279 
PHE OXT  O  N N 280 
PHE H    H  N N 281 
PHE H2   H  N N 282 
PHE HA   H  N N 283 
PHE HB2  H  N N 284 
PHE HB3  H  N N 285 
PHE HD1  H  N N 286 
PHE HD2  H  N N 287 
PHE HE1  H  N N 288 
PHE HE2  H  N N 289 
PHE HZ   H  N N 290 
PHE HXT  H  N N 291 
PRO N    N  N N 292 
PRO CA   C  N S 293 
PRO C    C  N N 294 
PRO O    O  N N 295 
PRO CB   C  N N 296 
PRO CG   C  N N 297 
PRO CD   C  N N 298 
PRO OXT  O  N N 299 
PRO H    H  N N 300 
PRO HA   H  N N 301 
PRO HB2  H  N N 302 
PRO HB3  H  N N 303 
PRO HG2  H  N N 304 
PRO HG3  H  N N 305 
PRO HD2  H  N N 306 
PRO HD3  H  N N 307 
PRO HXT  H  N N 308 
SER N    N  N N 309 
SER CA   C  N S 310 
SER C    C  N N 311 
SER O    O  N N 312 
SER CB   C  N N 313 
SER OG   O  N N 314 
SER OXT  O  N N 315 
SER H    H  N N 316 
SER H2   H  N N 317 
SER HA   H  N N 318 
SER HB2  H  N N 319 
SER HB3  H  N N 320 
SER HG   H  N N 321 
SER HXT  H  N N 322 
THR N    N  N N 323 
THR CA   C  N S 324 
THR C    C  N N 325 
THR O    O  N N 326 
THR CB   C  N R 327 
THR OG1  O  N N 328 
THR CG2  C  N N 329 
THR OXT  O  N N 330 
THR H    H  N N 331 
THR H2   H  N N 332 
THR HA   H  N N 333 
THR HB   H  N N 334 
THR HG1  H  N N 335 
THR HG21 H  N N 336 
THR HG22 H  N N 337 
THR HG23 H  N N 338 
THR HXT  H  N N 339 
TRP N    N  N N 340 
TRP CA   C  N S 341 
TRP C    C  N N 342 
TRP O    O  N N 343 
TRP CB   C  N N 344 
TRP CG   C  Y N 345 
TRP CD1  C  Y N 346 
TRP CD2  C  Y N 347 
TRP NE1  N  Y N 348 
TRP CE2  C  Y N 349 
TRP CE3  C  Y N 350 
TRP CZ2  C  Y N 351 
TRP CZ3  C  Y N 352 
TRP CH2  C  Y N 353 
TRP OXT  O  N N 354 
TRP H    H  N N 355 
TRP H2   H  N N 356 
TRP HA   H  N N 357 
TRP HB2  H  N N 358 
TRP HB3  H  N N 359 
TRP HD1  H  N N 360 
TRP HE1  H  N N 361 
TRP HE3  H  N N 362 
TRP HZ2  H  N N 363 
TRP HZ3  H  N N 364 
TRP HH2  H  N N 365 
TRP HXT  H  N N 366 
TYR N    N  N N 367 
TYR CA   C  N S 368 
TYR C    C  N N 369 
TYR O    O  N N 370 
TYR CB   C  N N 371 
TYR CG   C  Y N 372 
TYR CD1  C  Y N 373 
TYR CD2  C  Y N 374 
TYR CE1  C  Y N 375 
TYR CE2  C  Y N 376 
TYR CZ   C  Y N 377 
TYR OH   O  N N 378 
TYR OXT  O  N N 379 
TYR H    H  N N 380 
TYR H2   H  N N 381 
TYR HA   H  N N 382 
TYR HB2  H  N N 383 
TYR HB3  H  N N 384 
TYR HD1  H  N N 385 
TYR HD2  H  N N 386 
TYR HE1  H  N N 387 
TYR HE2  H  N N 388 
TYR HH   H  N N 389 
TYR HXT  H  N N 390 
VAL N    N  N N 391 
VAL CA   C  N S 392 
VAL C    C  N N 393 
VAL O    O  N N 394 
VAL CB   C  N N 395 
VAL CG1  C  N N 396 
VAL CG2  C  N N 397 
VAL OXT  O  N N 398 
VAL H    H  N N 399 
VAL H2   H  N N 400 
VAL HA   H  N N 401 
VAL HB   H  N N 402 
VAL HG11 H  N N 403 
VAL HG12 H  N N 404 
VAL HG13 H  N N 405 
VAL HG21 H  N N 406 
VAL HG22 H  N N 407 
VAL HG23 H  N N 408 
VAL HXT  H  N N 409 
# 
loop_
_chem_comp_bond.comp_id 
_chem_comp_bond.atom_id_1 
_chem_comp_bond.atom_id_2 
_chem_comp_bond.value_order 
_chem_comp_bond.pdbx_aromatic_flag 
_chem_comp_bond.pdbx_stereo_config 
_chem_comp_bond.pdbx_ordinal 
1CW O2  C6   sing N N 1   
1CW N   C    sing N N 2   
1CW O   C5   doub N N 3   
1CW C6  C    doub Y N 4   
1CW C6  C4   sing Y N 5   
1CW C   C1   sing Y N 6   
1CW C5  C4   sing N N 7   
1CW C5  O1   sing N N 8   
1CW C4  C3   doub Y N 9   
1CW C1  C2   doub Y N 10  
1CW C3  C2   sing Y N 11  
1CW O1  H1   sing N N 12  
1CW C3  H2   sing N N 13  
1CW C2  H3   sing N N 14  
1CW C1  H4   sing N N 15  
1CW O2  H5   sing N N 16  
1CW N   H6   sing N N 17  
1CW N   H7   sing N N 18  
ALA N   CA   sing N N 19  
ALA N   H    sing N N 20  
ALA N   H2   sing N N 21  
ALA CA  C    sing N N 22  
ALA CA  CB   sing N N 23  
ALA CA  HA   sing N N 24  
ALA C   O    doub N N 25  
ALA C   OXT  sing N N 26  
ALA CB  HB1  sing N N 27  
ALA CB  HB2  sing N N 28  
ALA CB  HB3  sing N N 29  
ALA OXT HXT  sing N N 30  
ARG N   CA   sing N N 31  
ARG N   H    sing N N 32  
ARG N   H2   sing N N 33  
ARG CA  C    sing N N 34  
ARG CA  CB   sing N N 35  
ARG CA  HA   sing N N 36  
ARG C   O    doub N N 37  
ARG C   OXT  sing N N 38  
ARG CB  CG   sing N N 39  
ARG CB  HB2  sing N N 40  
ARG CB  HB3  sing N N 41  
ARG CG  CD   sing N N 42  
ARG CG  HG2  sing N N 43  
ARG CG  HG3  sing N N 44  
ARG CD  NE   sing N N 45  
ARG CD  HD2  sing N N 46  
ARG CD  HD3  sing N N 47  
ARG NE  CZ   sing N N 48  
ARG NE  HE   sing N N 49  
ARG CZ  NH1  sing N N 50  
ARG CZ  NH2  doub N N 51  
ARG NH1 HH11 sing N N 52  
ARG NH1 HH12 sing N N 53  
ARG NH2 HH21 sing N N 54  
ARG NH2 HH22 sing N N 55  
ARG OXT HXT  sing N N 56  
ASN N   CA   sing N N 57  
ASN N   H    sing N N 58  
ASN N   H2   sing N N 59  
ASN CA  C    sing N N 60  
ASN CA  CB   sing N N 61  
ASN CA  HA   sing N N 62  
ASN C   O    doub N N 63  
ASN C   OXT  sing N N 64  
ASN CB  CG   sing N N 65  
ASN CB  HB2  sing N N 66  
ASN CB  HB3  sing N N 67  
ASN CG  OD1  doub N N 68  
ASN CG  ND2  sing N N 69  
ASN ND2 HD21 sing N N 70  
ASN ND2 HD22 sing N N 71  
ASN OXT HXT  sing N N 72  
ASP N   CA   sing N N 73  
ASP N   H    sing N N 74  
ASP N   H2   sing N N 75  
ASP CA  C    sing N N 76  
ASP CA  CB   sing N N 77  
ASP CA  HA   sing N N 78  
ASP C   O    doub N N 79  
ASP C   OXT  sing N N 80  
ASP CB  CG   sing N N 81  
ASP CB  HB2  sing N N 82  
ASP CB  HB3  sing N N 83  
ASP CG  OD1  doub N N 84  
ASP CG  OD2  sing N N 85  
ASP OD2 HD2  sing N N 86  
ASP OXT HXT  sing N N 87  
CYS N   CA   sing N N 88  
CYS N   H    sing N N 89  
CYS N   H2   sing N N 90  
CYS CA  C    sing N N 91  
CYS CA  CB   sing N N 92  
CYS CA  HA   sing N N 93  
CYS C   O    doub N N 94  
CYS C   OXT  sing N N 95  
CYS CB  SG   sing N N 96  
CYS CB  HB2  sing N N 97  
CYS CB  HB3  sing N N 98  
CYS SG  HG   sing N N 99  
CYS OXT HXT  sing N N 100 
GLN N   CA   sing N N 101 
GLN N   H    sing N N 102 
GLN N   H2   sing N N 103 
GLN CA  C    sing N N 104 
GLN CA  CB   sing N N 105 
GLN CA  HA   sing N N 106 
GLN C   O    doub N N 107 
GLN C   OXT  sing N N 108 
GLN CB  CG   sing N N 109 
GLN CB  HB2  sing N N 110 
GLN CB  HB3  sing N N 111 
GLN CG  CD   sing N N 112 
GLN CG  HG2  sing N N 113 
GLN CG  HG3  sing N N 114 
GLN CD  OE1  doub N N 115 
GLN CD  NE2  sing N N 116 
GLN NE2 HE21 sing N N 117 
GLN NE2 HE22 sing N N 118 
GLN OXT HXT  sing N N 119 
GLU N   CA   sing N N 120 
GLU N   H    sing N N 121 
GLU N   H2   sing N N 122 
GLU CA  C    sing N N 123 
GLU CA  CB   sing N N 124 
GLU CA  HA   sing N N 125 
GLU C   O    doub N N 126 
GLU C   OXT  sing N N 127 
GLU CB  CG   sing N N 128 
GLU CB  HB2  sing N N 129 
GLU CB  HB3  sing N N 130 
GLU CG  CD   sing N N 131 
GLU CG  HG2  sing N N 132 
GLU CG  HG3  sing N N 133 
GLU CD  OE1  doub N N 134 
GLU CD  OE2  sing N N 135 
GLU OE2 HE2  sing N N 136 
GLU OXT HXT  sing N N 137 
GLY N   CA   sing N N 138 
GLY N   H    sing N N 139 
GLY N   H2   sing N N 140 
GLY CA  C    sing N N 141 
GLY CA  HA2  sing N N 142 
GLY CA  HA3  sing N N 143 
GLY C   O    doub N N 144 
GLY C   OXT  sing N N 145 
GLY OXT HXT  sing N N 146 
HIS N   CA   sing N N 147 
HIS N   H    sing N N 148 
HIS N   H2   sing N N 149 
HIS CA  C    sing N N 150 
HIS CA  CB   sing N N 151 
HIS CA  HA   sing N N 152 
HIS C   O    doub N N 153 
HIS C   OXT  sing N N 154 
HIS CB  CG   sing N N 155 
HIS CB  HB2  sing N N 156 
HIS CB  HB3  sing N N 157 
HIS CG  ND1  sing Y N 158 
HIS CG  CD2  doub Y N 159 
HIS ND1 CE1  doub Y N 160 
HIS ND1 HD1  sing N N 161 
HIS CD2 NE2  sing Y N 162 
HIS CD2 HD2  sing N N 163 
HIS CE1 NE2  sing Y N 164 
HIS CE1 HE1  sing N N 165 
HIS NE2 HE2  sing N N 166 
HIS OXT HXT  sing N N 167 
HOH O   H1   sing N N 168 
HOH O   H2   sing N N 169 
ILE N   CA   sing N N 170 
ILE N   H    sing N N 171 
ILE N   H2   sing N N 172 
ILE CA  C    sing N N 173 
ILE CA  CB   sing N N 174 
ILE CA  HA   sing N N 175 
ILE C   O    doub N N 176 
ILE C   OXT  sing N N 177 
ILE CB  CG1  sing N N 178 
ILE CB  CG2  sing N N 179 
ILE CB  HB   sing N N 180 
ILE CG1 CD1  sing N N 181 
ILE CG1 HG12 sing N N 182 
ILE CG1 HG13 sing N N 183 
ILE CG2 HG21 sing N N 184 
ILE CG2 HG22 sing N N 185 
ILE CG2 HG23 sing N N 186 
ILE CD1 HD11 sing N N 187 
ILE CD1 HD12 sing N N 188 
ILE CD1 HD13 sing N N 189 
ILE OXT HXT  sing N N 190 
LEU N   CA   sing N N 191 
LEU N   H    sing N N 192 
LEU N   H2   sing N N 193 
LEU CA  C    sing N N 194 
LEU CA  CB   sing N N 195 
LEU CA  HA   sing N N 196 
LEU C   O    doub N N 197 
LEU C   OXT  sing N N 198 
LEU CB  CG   sing N N 199 
LEU CB  HB2  sing N N 200 
LEU CB  HB3  sing N N 201 
LEU CG  CD1  sing N N 202 
LEU CG  CD2  sing N N 203 
LEU CG  HG   sing N N 204 
LEU CD1 HD11 sing N N 205 
LEU CD1 HD12 sing N N 206 
LEU CD1 HD13 sing N N 207 
LEU CD2 HD21 sing N N 208 
LEU CD2 HD22 sing N N 209 
LEU CD2 HD23 sing N N 210 
LEU OXT HXT  sing N N 211 
LYS N   CA   sing N N 212 
LYS N   H    sing N N 213 
LYS N   H2   sing N N 214 
LYS CA  C    sing N N 215 
LYS CA  CB   sing N N 216 
LYS CA  HA   sing N N 217 
LYS C   O    doub N N 218 
LYS C   OXT  sing N N 219 
LYS CB  CG   sing N N 220 
LYS CB  HB2  sing N N 221 
LYS CB  HB3  sing N N 222 
LYS CG  CD   sing N N 223 
LYS CG  HG2  sing N N 224 
LYS CG  HG3  sing N N 225 
LYS CD  CE   sing N N 226 
LYS CD  HD2  sing N N 227 
LYS CD  HD3  sing N N 228 
LYS CE  NZ   sing N N 229 
LYS CE  HE2  sing N N 230 
LYS CE  HE3  sing N N 231 
LYS NZ  HZ1  sing N N 232 
LYS NZ  HZ2  sing N N 233 
LYS NZ  HZ3  sing N N 234 
LYS OXT HXT  sing N N 235 
MET N   CA   sing N N 236 
MET N   H    sing N N 237 
MET N   H2   sing N N 238 
MET CA  C    sing N N 239 
MET CA  CB   sing N N 240 
MET CA  HA   sing N N 241 
MET C   O    doub N N 242 
MET C   OXT  sing N N 243 
MET CB  CG   sing N N 244 
MET CB  HB2  sing N N 245 
MET CB  HB3  sing N N 246 
MET CG  SD   sing N N 247 
MET CG  HG2  sing N N 248 
MET CG  HG3  sing N N 249 
MET SD  CE   sing N N 250 
MET CE  HE1  sing N N 251 
MET CE  HE2  sing N N 252 
MET CE  HE3  sing N N 253 
MET OXT HXT  sing N N 254 
PHE N   CA   sing N N 255 
PHE N   H    sing N N 256 
PHE N   H2   sing N N 257 
PHE CA  C    sing N N 258 
PHE CA  CB   sing N N 259 
PHE CA  HA   sing N N 260 
PHE C   O    doub N N 261 
PHE C   OXT  sing N N 262 
PHE CB  CG   sing N N 263 
PHE CB  HB2  sing N N 264 
PHE CB  HB3  sing N N 265 
PHE CG  CD1  doub Y N 266 
PHE CG  CD2  sing Y N 267 
PHE CD1 CE1  sing Y N 268 
PHE CD1 HD1  sing N N 269 
PHE CD2 CE2  doub Y N 270 
PHE CD2 HD2  sing N N 271 
PHE CE1 CZ   doub Y N 272 
PHE CE1 HE1  sing N N 273 
PHE CE2 CZ   sing Y N 274 
PHE CE2 HE2  sing N N 275 
PHE CZ  HZ   sing N N 276 
PHE OXT HXT  sing N N 277 
PRO N   CA   sing N N 278 
PRO N   CD   sing N N 279 
PRO N   H    sing N N 280 
PRO CA  C    sing N N 281 
PRO CA  CB   sing N N 282 
PRO CA  HA   sing N N 283 
PRO C   O    doub N N 284 
PRO C   OXT  sing N N 285 
PRO CB  CG   sing N N 286 
PRO CB  HB2  sing N N 287 
PRO CB  HB3  sing N N 288 
PRO CG  CD   sing N N 289 
PRO CG  HG2  sing N N 290 
PRO CG  HG3  sing N N 291 
PRO CD  HD2  sing N N 292 
PRO CD  HD3  sing N N 293 
PRO OXT HXT  sing N N 294 
SER N   CA   sing N N 295 
SER N   H    sing N N 296 
SER N   H2   sing N N 297 
SER CA  C    sing N N 298 
SER CA  CB   sing N N 299 
SER CA  HA   sing N N 300 
SER C   O    doub N N 301 
SER C   OXT  sing N N 302 
SER CB  OG   sing N N 303 
SER CB  HB2  sing N N 304 
SER CB  HB3  sing N N 305 
SER OG  HG   sing N N 306 
SER OXT HXT  sing N N 307 
THR N   CA   sing N N 308 
THR N   H    sing N N 309 
THR N   H2   sing N N 310 
THR CA  C    sing N N 311 
THR CA  CB   sing N N 312 
THR CA  HA   sing N N 313 
THR C   O    doub N N 314 
THR C   OXT  sing N N 315 
THR CB  OG1  sing N N 316 
THR CB  CG2  sing N N 317 
THR CB  HB   sing N N 318 
THR OG1 HG1  sing N N 319 
THR CG2 HG21 sing N N 320 
THR CG2 HG22 sing N N 321 
THR CG2 HG23 sing N N 322 
THR OXT HXT  sing N N 323 
TRP N   CA   sing N N 324 
TRP N   H    sing N N 325 
TRP N   H2   sing N N 326 
TRP CA  C    sing N N 327 
TRP CA  CB   sing N N 328 
TRP CA  HA   sing N N 329 
TRP C   O    doub N N 330 
TRP C   OXT  sing N N 331 
TRP CB  CG   sing N N 332 
TRP CB  HB2  sing N N 333 
TRP CB  HB3  sing N N 334 
TRP CG  CD1  doub Y N 335 
TRP CG  CD2  sing Y N 336 
TRP CD1 NE1  sing Y N 337 
TRP CD1 HD1  sing N N 338 
TRP CD2 CE2  doub Y N 339 
TRP CD2 CE3  sing Y N 340 
TRP NE1 CE2  sing Y N 341 
TRP NE1 HE1  sing N N 342 
TRP CE2 CZ2  sing Y N 343 
TRP CE3 CZ3  doub Y N 344 
TRP CE3 HE3  sing N N 345 
TRP CZ2 CH2  doub Y N 346 
TRP CZ2 HZ2  sing N N 347 
TRP CZ3 CH2  sing Y N 348 
TRP CZ3 HZ3  sing N N 349 
TRP CH2 HH2  sing N N 350 
TRP OXT HXT  sing N N 351 
TYR N   CA   sing N N 352 
TYR N   H    sing N N 353 
TYR N   H2   sing N N 354 
TYR CA  C    sing N N 355 
TYR CA  CB   sing N N 356 
TYR CA  HA   sing N N 357 
TYR C   O    doub N N 358 
TYR C   OXT  sing N N 359 
TYR CB  CG   sing N N 360 
TYR CB  HB2  sing N N 361 
TYR CB  HB3  sing N N 362 
TYR CG  CD1  doub Y N 363 
TYR CG  CD2  sing Y N 364 
TYR CD1 CE1  sing Y N 365 
TYR CD1 HD1  sing N N 366 
TYR CD2 CE2  doub Y N 367 
TYR CD2 HD2  sing N N 368 
TYR CE1 CZ   doub Y N 369 
TYR CE1 HE1  sing N N 370 
TYR CE2 CZ   sing Y N 371 
TYR CE2 HE2  sing N N 372 
TYR CZ  OH   sing N N 373 
TYR OH  HH   sing N N 374 
TYR OXT HXT  sing N N 375 
VAL N   CA   sing N N 376 
VAL N   H    sing N N 377 
VAL N   H2   sing N N 378 
VAL CA  C    sing N N 379 
VAL CA  CB   sing N N 380 
VAL CA  HA   sing N N 381 
VAL C   O    doub N N 382 
VAL C   OXT  sing N N 383 
VAL CB  CG1  sing N N 384 
VAL CB  CG2  sing N N 385 
VAL CB  HB   sing N N 386 
VAL CG1 HG11 sing N N 387 
VAL CG1 HG12 sing N N 388 
VAL CG1 HG13 sing N N 389 
VAL CG2 HG21 sing N N 390 
VAL CG2 HG22 sing N N 391 
VAL CG2 HG23 sing N N 392 
VAL OXT HXT  sing N N 393 
# 
loop_
_pdbx_entity_nonpoly.entity_id 
_pdbx_entity_nonpoly.name 
_pdbx_entity_nonpoly.comp_id 
2 'FE (II) ION'                   FE2 
3 '3-amino-2-hydroxybenzoic acid' 1CW 
4 water                           HOH 
# 
_pdbx_initial_refinement_model.id               1 
_pdbx_initial_refinement_model.entity_id_list   ? 
_pdbx_initial_refinement_model.type             'experimental model' 
_pdbx_initial_refinement_model.source_name      PDB 
_pdbx_initial_refinement_model.accession_code   1YFU 
_pdbx_initial_refinement_model.details          'pdb entry 1yfu' 
# 
